data_8FTA
# 
_entry.id   8FTA 
# 
_audit_conform.dict_name       mmcif_pdbx.dic 
_audit_conform.dict_version    5.406 
_audit_conform.dict_location   http://mmcif.pdb.org/dictionaries/ascii/mmcif_pdbx.dic 
# 
loop_
_database_2.database_id 
_database_2.database_code 
_database_2.pdbx_database_accession 
_database_2.pdbx_DOI 
PDB   8FTA         pdb_00008fta 10.2210/pdb8fta/pdb 
WWPDB D_1000271309 ?            ?                   
# 
loop_
_pdbx_audit_revision_history.ordinal 
_pdbx_audit_revision_history.data_content_type 
_pdbx_audit_revision_history.major_revision 
_pdbx_audit_revision_history.minor_revision 
_pdbx_audit_revision_history.revision_date 
_pdbx_audit_revision_history.part_number 
1 'Structure model' 1 0 2024-01-24 ? 
2 'Structure model' 1 1 2025-10-08 ? 
# 
_pdbx_audit_revision_details.ordinal             1 
_pdbx_audit_revision_details.revision_ordinal    1 
_pdbx_audit_revision_details.data_content_type   'Structure model' 
_pdbx_audit_revision_details.provider            repository 
_pdbx_audit_revision_details.type                'Initial release' 
_pdbx_audit_revision_details.description         ? 
_pdbx_audit_revision_details.details             ? 
# 
loop_
_pdbx_audit_revision_group.ordinal 
_pdbx_audit_revision_group.revision_ordinal 
_pdbx_audit_revision_group.data_content_type 
_pdbx_audit_revision_group.group 
1 2 'Structure model' 'Database references' 
2 2 'Structure model' 'Structure summary'   
# 
loop_
_pdbx_audit_revision_category.ordinal 
_pdbx_audit_revision_category.revision_ordinal 
_pdbx_audit_revision_category.data_content_type 
_pdbx_audit_revision_category.category 
1 2 'Structure model' citation           
2 2 'Structure model' citation_author    
3 2 'Structure model' pdbx_entry_details 
# 
loop_
_pdbx_audit_revision_item.ordinal 
_pdbx_audit_revision_item.revision_ordinal 
_pdbx_audit_revision_item.data_content_type 
_pdbx_audit_revision_item.item 
1 2 'Structure model' '_citation.country'                            
2 2 'Structure model' '_citation.journal_abbrev'                     
3 2 'Structure model' '_citation.journal_id_CSD'                     
4 2 'Structure model' '_citation.journal_id_ISSN'                    
5 2 'Structure model' '_citation.pdbx_database_id_DOI'               
6 2 'Structure model' '_citation.title'                              
7 2 'Structure model' '_citation.year'                               
8 2 'Structure model' '_pdbx_entry_details.has_protein_modification' 
# 
_pdbx_database_status.status_code                     REL 
_pdbx_database_status.status_code_sf                  REL 
_pdbx_database_status.status_code_mr                  ? 
_pdbx_database_status.entry_id                        8FTA 
_pdbx_database_status.recvd_initial_deposition_date   2023-01-11 
_pdbx_database_status.SG_entry                        N 
_pdbx_database_status.deposit_site                    RCSB 
_pdbx_database_status.process_site                    RCSB 
_pdbx_database_status.status_code_cs                  ? 
_pdbx_database_status.status_code_nmr_data            ? 
_pdbx_database_status.methods_development_category    ? 
_pdbx_database_status.pdb_format_compatible           Y 
# 
_pdbx_contact_author.id                 2 
_pdbx_contact_author.email              brismith@mcw.edu 
_pdbx_contact_author.name_first         Brian 
_pdbx_contact_author.name_last          Smith 
_pdbx_contact_author.name_mi            C 
_pdbx_contact_author.role               'principal investigator/group leader' 
_pdbx_contact_author.identifier_ORCID   0000-0001-6330-2768 
# 
loop_
_audit_author.name 
_audit_author.pdbx_ordinal 
_audit_author.identifier_ORCID 
'Nunez, R.'   1 0000-0003-2595-6714 
'Smith, B.C.' 2 0000-0001-6330-2768 
# 
_citation.abstract                  ? 
_citation.abstract_id_CAS           ? 
_citation.book_id_ISBN              ? 
_citation.book_publisher            ? 
_citation.book_publisher_city       ? 
_citation.book_title                ? 
_citation.coordinate_linkage        ? 
_citation.country                   US 
_citation.database_id_Medline       ? 
_citation.details                   ? 
_citation.id                        primary 
_citation.journal_abbrev            'Acs Med.Chem.Lett.' 
_citation.journal_id_ASTM           ? 
_citation.journal_id_CSD            ? 
_citation.journal_id_ISSN           1948-5875 
_citation.journal_full              ? 
_citation.journal_issue             ? 
_citation.journal_volume            ? 
_citation.language                  ? 
_citation.page_first                ? 
_citation.page_last                 ? 
_citation.title                     'Polybromo-1 Bromodomain Inhibitor Selectivity Is Mediated by a Unique Ligand-Binding Pocket' 
_citation.year                      2025 
_citation.database_id_CSD           ? 
_citation.pdbx_database_id_DOI      10.1021/acsmedchemlett.5c00352 
_citation.pdbx_database_id_PubMed   ? 
_citation.pdbx_database_id_patent   ? 
_citation.unpublished_flag          ? 
# 
loop_
_citation_author.citation_id 
_citation_author.name 
_citation_author.ordinal 
_citation_author.identifier_ORCID 
primary 'Nunez, R.'       1 ? 
primary 'Bursch, K.L.'    2 ? 
primary 'Makowski, S.J.'  3 ? 
primary 'Xue, M.'         4 ? 
primary 'Cozzolino, K.A.' 5 ? 
primary 'Shishodia, S.'   6 ? 
primary 'Keyes, R.F.'     7 ? 
primary 'Zhu, N.'         8 ? 
primary 'Smith, B.C.'     9 ? 
# 
loop_
_entity.id 
_entity.type 
_entity.src_method 
_entity.pdbx_description 
_entity.formula_weight 
_entity.pdbx_number_of_molecules 
_entity.pdbx_ec 
_entity.pdbx_mutation 
_entity.pdbx_fragment 
_entity.details 
1 polymer     man 'Protein polybromo-1'                                              13231.299 1   ? ? ? ? 
2 non-polymer syn '(2S)-5-chloro-2-(3-methylphenyl)-2,3-dihydroquinazolin-4(1H)-one' 272.730   1   ? ? ? ? 
3 non-polymer syn 'ZINC ION'                                                         65.409    2   ? ? ? ? 
4 water       nat water                                                              18.015    170 ? ? ? ? 
# 
_entity_name_com.entity_id   1 
_entity_name_com.name        'hPB1,BRG1-associated factor 180,BAF180,Polybromo-1D' 
# 
_entity_poly.entity_id                      1 
_entity_poly.type                           'polypeptide(L)' 
_entity_poly.nstd_linkage                   no 
_entity_poly.nstd_monomer                   no 
_entity_poly.pdbx_seq_one_letter_code       
;SMSPAYLKEILEQLLEAIVVATNPSGRLISELFQKLPSKVQYPDYYAIIKEPIDLKTIAQRIQNGSYKSIHAMAKDIDLL
AKNAKTYNEPGSQVFKDANSIKKIFYMKKAEIEHHE
;
_entity_poly.pdbx_seq_one_letter_code_can   
;SMSPAYLKEILEQLLEAIVVATNPSGRLISELFQKLPSKVQYPDYYAIIKEPIDLKTIAQRIQNGSYKSIHAMAKDIDLL
AKNAKTYNEPGSQVFKDANSIKKIFYMKKAEIEHHE
;
_entity_poly.pdbx_strand_id                 A 
_entity_poly.pdbx_target_identifier         ? 
# 
loop_
_pdbx_entity_nonpoly.entity_id 
_pdbx_entity_nonpoly.name 
_pdbx_entity_nonpoly.comp_id 
2 '(2S)-5-chloro-2-(3-methylphenyl)-2,3-dihydroquinazolin-4(1H)-one' Y8X 
3 'ZINC ION'                                                         ZN  
4 water                                                              HOH 
# 
loop_
_entity_poly_seq.entity_id 
_entity_poly_seq.num 
_entity_poly_seq.mon_id 
_entity_poly_seq.hetero 
1 1   SER n 
1 2   MET n 
1 3   SER n 
1 4   PRO n 
1 5   ALA n 
1 6   TYR n 
1 7   LEU n 
1 8   LYS n 
1 9   GLU n 
1 10  ILE n 
1 11  LEU n 
1 12  GLU n 
1 13  GLN n 
1 14  LEU n 
1 15  LEU n 
1 16  GLU n 
1 17  ALA n 
1 18  ILE n 
1 19  VAL n 
1 20  VAL n 
1 21  ALA n 
1 22  THR n 
1 23  ASN n 
1 24  PRO n 
1 25  SER n 
1 26  GLY n 
1 27  ARG n 
1 28  LEU n 
1 29  ILE n 
1 30  SER n 
1 31  GLU n 
1 32  LEU n 
1 33  PHE n 
1 34  GLN n 
1 35  LYS n 
1 36  LEU n 
1 37  PRO n 
1 38  SER n 
1 39  LYS n 
1 40  VAL n 
1 41  GLN n 
1 42  TYR n 
1 43  PRO n 
1 44  ASP n 
1 45  TYR n 
1 46  TYR n 
1 47  ALA n 
1 48  ILE n 
1 49  ILE n 
1 50  LYS n 
1 51  GLU n 
1 52  PRO n 
1 53  ILE n 
1 54  ASP n 
1 55  LEU n 
1 56  LYS n 
1 57  THR n 
1 58  ILE n 
1 59  ALA n 
1 60  GLN n 
1 61  ARG n 
1 62  ILE n 
1 63  GLN n 
1 64  ASN n 
1 65  GLY n 
1 66  SER n 
1 67  TYR n 
1 68  LYS n 
1 69  SER n 
1 70  ILE n 
1 71  HIS n 
1 72  ALA n 
1 73  MET n 
1 74  ALA n 
1 75  LYS n 
1 76  ASP n 
1 77  ILE n 
1 78  ASP n 
1 79  LEU n 
1 80  LEU n 
1 81  ALA n 
1 82  LYS n 
1 83  ASN n 
1 84  ALA n 
1 85  LYS n 
1 86  THR n 
1 87  TYR n 
1 88  ASN n 
1 89  GLU n 
1 90  PRO n 
1 91  GLY n 
1 92  SER n 
1 93  GLN n 
1 94  VAL n 
1 95  PHE n 
1 96  LYS n 
1 97  ASP n 
1 98  ALA n 
1 99  ASN n 
1 100 SER n 
1 101 ILE n 
1 102 LYS n 
1 103 LYS n 
1 104 ILE n 
1 105 PHE n 
1 106 TYR n 
1 107 MET n 
1 108 LYS n 
1 109 LYS n 
1 110 ALA n 
1 111 GLU n 
1 112 ILE n 
1 113 GLU n 
1 114 HIS n 
1 115 HIS n 
1 116 GLU n 
# 
_entity_src_gen.entity_id                          1 
_entity_src_gen.pdbx_src_id                        1 
_entity_src_gen.pdbx_alt_source_flag               sample 
_entity_src_gen.pdbx_seq_type                      'Biological sequence' 
_entity_src_gen.pdbx_beg_seq_num                   1 
_entity_src_gen.pdbx_end_seq_num                   116 
_entity_src_gen.gene_src_common_name               human 
_entity_src_gen.gene_src_genus                     ? 
_entity_src_gen.pdbx_gene_src_gene                 'PBRM1, BAF180, PB1' 
_entity_src_gen.gene_src_species                   ? 
_entity_src_gen.gene_src_strain                    ? 
_entity_src_gen.gene_src_tissue                    ? 
_entity_src_gen.gene_src_tissue_fraction           ? 
_entity_src_gen.gene_src_details                   ? 
_entity_src_gen.pdbx_gene_src_fragment             ? 
_entity_src_gen.pdbx_gene_src_scientific_name      'Homo sapiens' 
_entity_src_gen.pdbx_gene_src_ncbi_taxonomy_id     9606 
_entity_src_gen.pdbx_gene_src_variant              ? 
_entity_src_gen.pdbx_gene_src_cell_line            ? 
_entity_src_gen.pdbx_gene_src_atcc                 ? 
_entity_src_gen.pdbx_gene_src_organ                ? 
_entity_src_gen.pdbx_gene_src_organelle            ? 
_entity_src_gen.pdbx_gene_src_cell                 ? 
_entity_src_gen.pdbx_gene_src_cellular_location    ? 
_entity_src_gen.host_org_common_name               ? 
_entity_src_gen.pdbx_host_org_scientific_name      'Escherichia coli BL21(DE3)' 
_entity_src_gen.pdbx_host_org_ncbi_taxonomy_id     469008 
_entity_src_gen.host_org_genus                     ? 
_entity_src_gen.pdbx_host_org_gene                 ? 
_entity_src_gen.pdbx_host_org_organ                ? 
_entity_src_gen.host_org_species                   ? 
_entity_src_gen.pdbx_host_org_tissue               ? 
_entity_src_gen.pdbx_host_org_tissue_fraction      ? 
_entity_src_gen.pdbx_host_org_strain               ? 
_entity_src_gen.pdbx_host_org_variant              ? 
_entity_src_gen.pdbx_host_org_cell_line            ? 
_entity_src_gen.pdbx_host_org_atcc                 ? 
_entity_src_gen.pdbx_host_org_culture_collection   ? 
_entity_src_gen.pdbx_host_org_cell                 ? 
_entity_src_gen.pdbx_host_org_organelle            ? 
_entity_src_gen.pdbx_host_org_cellular_location    ? 
_entity_src_gen.pdbx_host_org_vector_type          ? 
_entity_src_gen.pdbx_host_org_vector               ? 
_entity_src_gen.host_org_details                   ? 
_entity_src_gen.expression_system_id               ? 
_entity_src_gen.plasmid_name                       ? 
_entity_src_gen.plasmid_details                    ? 
_entity_src_gen.pdbx_description                   ? 
# 
loop_
_chem_comp.id 
_chem_comp.type 
_chem_comp.mon_nstd_flag 
_chem_comp.name 
_chem_comp.pdbx_synonyms 
_chem_comp.formula 
_chem_comp.formula_weight 
ALA 'L-peptide linking' y ALANINE                                                            ? 'C3 H7 N O2'      89.093  
ARG 'L-peptide linking' y ARGININE                                                           ? 'C6 H15 N4 O2 1'  175.209 
ASN 'L-peptide linking' y ASPARAGINE                                                         ? 'C4 H8 N2 O3'     132.118 
ASP 'L-peptide linking' y 'ASPARTIC ACID'                                                    ? 'C4 H7 N O4'      133.103 
GLN 'L-peptide linking' y GLUTAMINE                                                          ? 'C5 H10 N2 O3'    146.144 
GLU 'L-peptide linking' y 'GLUTAMIC ACID'                                                    ? 'C5 H9 N O4'      147.129 
GLY 'peptide linking'   y GLYCINE                                                            ? 'C2 H5 N O2'      75.067  
HIS 'L-peptide linking' y HISTIDINE                                                          ? 'C6 H10 N3 O2 1'  156.162 
HOH non-polymer         . WATER                                                              ? 'H2 O'            18.015  
ILE 'L-peptide linking' y ISOLEUCINE                                                         ? 'C6 H13 N O2'     131.173 
LEU 'L-peptide linking' y LEUCINE                                                            ? 'C6 H13 N O2'     131.173 
LYS 'L-peptide linking' y LYSINE                                                             ? 'C6 H15 N2 O2 1'  147.195 
MET 'L-peptide linking' y METHIONINE                                                         ? 'C5 H11 N O2 S'   149.211 
PHE 'L-peptide linking' y PHENYLALANINE                                                      ? 'C9 H11 N O2'     165.189 
PRO 'L-peptide linking' y PROLINE                                                            ? 'C5 H9 N O2'      115.130 
SER 'L-peptide linking' y SERINE                                                             ? 'C3 H7 N O3'      105.093 
THR 'L-peptide linking' y THREONINE                                                          ? 'C4 H9 N O3'      119.119 
TYR 'L-peptide linking' y TYROSINE                                                           ? 'C9 H11 N O3'     181.189 
VAL 'L-peptide linking' y VALINE                                                             ? 'C5 H11 N O2'     117.146 
Y8X non-polymer         . '(2S)-5-chloro-2-(3-methylphenyl)-2,3-dihydroquinazolin-4(1H)-one' ? 'C15 H13 Cl N2 O' 272.730 
ZN  non-polymer         . 'ZINC ION'                                                         ? 'Zn 2'            65.409  
# 
loop_
_pdbx_poly_seq_scheme.asym_id 
_pdbx_poly_seq_scheme.entity_id 
_pdbx_poly_seq_scheme.seq_id 
_pdbx_poly_seq_scheme.mon_id 
_pdbx_poly_seq_scheme.ndb_seq_num 
_pdbx_poly_seq_scheme.pdb_seq_num 
_pdbx_poly_seq_scheme.auth_seq_num 
_pdbx_poly_seq_scheme.pdb_mon_id 
_pdbx_poly_seq_scheme.auth_mon_id 
_pdbx_poly_seq_scheme.pdb_strand_id 
_pdbx_poly_seq_scheme.pdb_ins_code 
_pdbx_poly_seq_scheme.hetero 
A 1 1   SER 1   176 176 SER SER A . n 
A 1 2   MET 2   177 177 MET MET A . n 
A 1 3   SER 3   178 178 SER SER A . n 
A 1 4   PRO 4   179 179 PRO PRO A . n 
A 1 5   ALA 5   180 180 ALA ALA A . n 
A 1 6   TYR 6   181 181 TYR TYR A . n 
A 1 7   LEU 7   182 182 LEU LEU A . n 
A 1 8   LYS 8   183 183 LYS LYS A . n 
A 1 9   GLU 9   184 184 GLU GLU A . n 
A 1 10  ILE 10  185 185 ILE ILE A . n 
A 1 11  LEU 11  186 186 LEU LEU A . n 
A 1 12  GLU 12  187 187 GLU GLU A . n 
A 1 13  GLN 13  188 188 GLN GLN A . n 
A 1 14  LEU 14  189 189 LEU LEU A . n 
A 1 15  LEU 15  190 190 LEU LEU A . n 
A 1 16  GLU 16  191 191 GLU GLU A . n 
A 1 17  ALA 17  192 192 ALA ALA A . n 
A 1 18  ILE 18  193 193 ILE ILE A . n 
A 1 19  VAL 19  194 194 VAL VAL A . n 
A 1 20  VAL 20  195 195 VAL VAL A . n 
A 1 21  ALA 21  196 196 ALA ALA A . n 
A 1 22  THR 22  197 197 THR THR A . n 
A 1 23  ASN 23  198 198 ASN ASN A . n 
A 1 24  PRO 24  199 199 PRO PRO A . n 
A 1 25  SER 25  200 200 SER SER A . n 
A 1 26  GLY 26  201 201 GLY GLY A . n 
A 1 27  ARG 27  202 202 ARG ARG A . n 
A 1 28  LEU 28  203 203 LEU LEU A . n 
A 1 29  ILE 29  204 204 ILE ILE A . n 
A 1 30  SER 30  205 205 SER SER A . n 
A 1 31  GLU 31  206 206 GLU GLU A . n 
A 1 32  LEU 32  207 207 LEU LEU A . n 
A 1 33  PHE 33  208 208 PHE PHE A . n 
A 1 34  GLN 34  209 209 GLN GLN A . n 
A 1 35  LYS 35  210 210 LYS LYS A . n 
A 1 36  LEU 36  211 211 LEU LEU A . n 
A 1 37  PRO 37  212 212 PRO PRO A . n 
A 1 38  SER 38  213 213 SER SER A . n 
A 1 39  LYS 39  214 214 LYS LYS A . n 
A 1 40  VAL 40  215 215 VAL VAL A . n 
A 1 41  GLN 41  216 216 GLN GLN A . n 
A 1 42  TYR 42  217 217 TYR TYR A . n 
A 1 43  PRO 43  218 218 PRO PRO A . n 
A 1 44  ASP 44  219 219 ASP ASP A . n 
A 1 45  TYR 45  220 220 TYR TYR A . n 
A 1 46  TYR 46  221 221 TYR TYR A . n 
A 1 47  ALA 47  222 222 ALA ALA A . n 
A 1 48  ILE 48  223 223 ILE ILE A . n 
A 1 49  ILE 49  224 224 ILE ILE A . n 
A 1 50  LYS 50  225 225 LYS LYS A . n 
A 1 51  GLU 51  226 226 GLU GLU A . n 
A 1 52  PRO 52  227 227 PRO PRO A . n 
A 1 53  ILE 53  228 228 ILE ILE A . n 
A 1 54  ASP 54  229 229 ASP ASP A . n 
A 1 55  LEU 55  230 230 LEU LEU A . n 
A 1 56  LYS 56  231 231 LYS LYS A . n 
A 1 57  THR 57  232 232 THR THR A . n 
A 1 58  ILE 58  233 233 ILE ILE A . n 
A 1 59  ALA 59  234 234 ALA ALA A . n 
A 1 60  GLN 60  235 235 GLN GLN A . n 
A 1 61  ARG 61  236 236 ARG ARG A . n 
A 1 62  ILE 62  237 237 ILE ILE A . n 
A 1 63  GLN 63  238 238 GLN GLN A . n 
A 1 64  ASN 64  239 239 ASN ASN A . n 
A 1 65  GLY 65  240 240 GLY GLY A . n 
A 1 66  SER 66  241 241 SER SER A . n 
A 1 67  TYR 67  242 242 TYR TYR A . n 
A 1 68  LYS 68  243 243 LYS LYS A . n 
A 1 69  SER 69  244 244 SER SER A . n 
A 1 70  ILE 70  245 245 ILE ILE A . n 
A 1 71  HIS 71  246 246 HIS HIS A . n 
A 1 72  ALA 72  247 247 ALA ALA A . n 
A 1 73  MET 73  248 248 MET MET A . n 
A 1 74  ALA 74  249 249 ALA ALA A . n 
A 1 75  LYS 75  250 250 LYS LYS A . n 
A 1 76  ASP 76  251 251 ASP ASP A . n 
A 1 77  ILE 77  252 252 ILE ILE A . n 
A 1 78  ASP 78  253 253 ASP ASP A . n 
A 1 79  LEU 79  254 254 LEU LEU A . n 
A 1 80  LEU 80  255 255 LEU LEU A . n 
A 1 81  ALA 81  256 256 ALA ALA A . n 
A 1 82  LYS 82  257 257 LYS LYS A . n 
A 1 83  ASN 83  258 258 ASN ASN A . n 
A 1 84  ALA 84  259 259 ALA ALA A . n 
A 1 85  LYS 85  260 260 LYS LYS A . n 
A 1 86  THR 86  261 261 THR THR A . n 
A 1 87  TYR 87  262 262 TYR TYR A . n 
A 1 88  ASN 88  263 263 ASN ASN A . n 
A 1 89  GLU 89  264 264 GLU GLU A . n 
A 1 90  PRO 90  265 265 PRO PRO A . n 
A 1 91  GLY 91  266 266 GLY GLY A . n 
A 1 92  SER 92  267 267 SER SER A . n 
A 1 93  GLN 93  268 268 GLN GLN A . n 
A 1 94  VAL 94  269 269 VAL VAL A . n 
A 1 95  PHE 95  270 270 PHE PHE A . n 
A 1 96  LYS 96  271 271 LYS LYS A . n 
A 1 97  ASP 97  272 272 ASP ASP A . n 
A 1 98  ALA 98  273 273 ALA ALA A . n 
A 1 99  ASN 99  274 274 ASN ASN A . n 
A 1 100 SER 100 275 275 SER SER A . n 
A 1 101 ILE 101 276 276 ILE ILE A . n 
A 1 102 LYS 102 277 277 LYS LYS A . n 
A 1 103 LYS 103 278 278 LYS LYS A . n 
A 1 104 ILE 104 279 279 ILE ILE A . n 
A 1 105 PHE 105 280 280 PHE PHE A . n 
A 1 106 TYR 106 281 281 TYR TYR A . n 
A 1 107 MET 107 282 282 MET MET A . n 
A 1 108 LYS 108 283 283 LYS LYS A . n 
A 1 109 LYS 109 284 284 LYS LYS A . n 
A 1 110 ALA 110 285 285 ALA ALA A . n 
A 1 111 GLU 111 286 286 GLU GLU A . n 
A 1 112 ILE 112 287 287 ILE ILE A . n 
A 1 113 GLU 113 288 288 GLU GLU A . n 
A 1 114 HIS 114 289 289 HIS HIS A . n 
A 1 115 HIS 115 290 290 HIS HIS A . n 
A 1 116 GLU 116 291 291 GLU GLU A . n 
# 
_pdbx_entity_instance_feature.ordinal        1 
_pdbx_entity_instance_feature.comp_id        Y8X 
_pdbx_entity_instance_feature.asym_id        ? 
_pdbx_entity_instance_feature.seq_num        ? 
_pdbx_entity_instance_feature.auth_comp_id   Y8X 
_pdbx_entity_instance_feature.auth_asym_id   ? 
_pdbx_entity_instance_feature.auth_seq_num   ? 
_pdbx_entity_instance_feature.feature_type   'SUBJECT OF INVESTIGATION' 
_pdbx_entity_instance_feature.details        ? 
# 
loop_
_pdbx_nonpoly_scheme.asym_id 
_pdbx_nonpoly_scheme.entity_id 
_pdbx_nonpoly_scheme.mon_id 
_pdbx_nonpoly_scheme.ndb_seq_num 
_pdbx_nonpoly_scheme.pdb_seq_num 
_pdbx_nonpoly_scheme.auth_seq_num 
_pdbx_nonpoly_scheme.pdb_mon_id 
_pdbx_nonpoly_scheme.auth_mon_id 
_pdbx_nonpoly_scheme.pdb_strand_id 
_pdbx_nonpoly_scheme.pdb_ins_code 
B 2 Y8X 1   301 1   Y8X S16 A . 
C 3 ZN  1   302 1   ZN  ZN  A . 
D 3 ZN  1   303 2   ZN  ZN  A . 
E 4 HOH 1   401 153 HOH HOH A . 
E 4 HOH 2   402 63  HOH HOH A . 
E 4 HOH 3   403 131 HOH HOH A . 
E 4 HOH 4   404 27  HOH HOH A . 
E 4 HOH 5   405 152 HOH HOH A . 
E 4 HOH 6   406 145 HOH HOH A . 
E 4 HOH 7   407 16  HOH HOH A . 
E 4 HOH 8   408 50  HOH HOH A . 
E 4 HOH 9   409 141 HOH HOH A . 
E 4 HOH 10  410 25  HOH HOH A . 
E 4 HOH 11  411 154 HOH HOH A . 
E 4 HOH 12  412 12  HOH HOH A . 
E 4 HOH 13  413 30  HOH HOH A . 
E 4 HOH 14  414 137 HOH HOH A . 
E 4 HOH 15  415 48  HOH HOH A . 
E 4 HOH 16  416 43  HOH HOH A . 
E 4 HOH 17  417 54  HOH HOH A . 
E 4 HOH 18  418 82  HOH HOH A . 
E 4 HOH 19  419 67  HOH HOH A . 
E 4 HOH 20  420 11  HOH HOH A . 
E 4 HOH 21  421 14  HOH HOH A . 
E 4 HOH 22  422 62  HOH HOH A . 
E 4 HOH 23  423 83  HOH HOH A . 
E 4 HOH 24  424 181 HOH HOH A . 
E 4 HOH 25  425 9   HOH HOH A . 
E 4 HOH 26  426 164 HOH HOH A . 
E 4 HOH 27  427 70  HOH HOH A . 
E 4 HOH 28  428 42  HOH HOH A . 
E 4 HOH 29  429 130 HOH HOH A . 
E 4 HOH 30  430 76  HOH HOH A . 
E 4 HOH 31  431 22  HOH HOH A . 
E 4 HOH 32  432 160 HOH HOH A . 
E 4 HOH 33  433 84  HOH HOH A . 
E 4 HOH 34  434 129 HOH HOH A . 
E 4 HOH 35  435 1   HOH HOH A . 
E 4 HOH 36  436 111 HOH HOH A . 
E 4 HOH 37  437 31  HOH HOH A . 
E 4 HOH 38  438 104 HOH HOH A . 
E 4 HOH 39  439 68  HOH HOH A . 
E 4 HOH 40  440 13  HOH HOH A . 
E 4 HOH 41  441 123 HOH HOH A . 
E 4 HOH 42  442 46  HOH HOH A . 
E 4 HOH 43  443 3   HOH HOH A . 
E 4 HOH 44  444 47  HOH HOH A . 
E 4 HOH 45  445 20  HOH HOH A . 
E 4 HOH 46  446 24  HOH HOH A . 
E 4 HOH 47  447 120 HOH HOH A . 
E 4 HOH 48  448 37  HOH HOH A . 
E 4 HOH 49  449 18  HOH HOH A . 
E 4 HOH 50  450 99  HOH HOH A . 
E 4 HOH 51  451 5   HOH HOH A . 
E 4 HOH 52  452 21  HOH HOH A . 
E 4 HOH 53  453 28  HOH HOH A . 
E 4 HOH 54  454 101 HOH HOH A . 
E 4 HOH 55  455 95  HOH HOH A . 
E 4 HOH 56  456 36  HOH HOH A . 
E 4 HOH 57  457 38  HOH HOH A . 
E 4 HOH 58  458 61  HOH HOH A . 
E 4 HOH 59  459 45  HOH HOH A . 
E 4 HOH 60  460 116 HOH HOH A . 
E 4 HOH 61  461 4   HOH HOH A . 
E 4 HOH 62  462 66  HOH HOH A . 
E 4 HOH 63  463 17  HOH HOH A . 
E 4 HOH 64  464 177 HOH HOH A . 
E 4 HOH 65  465 10  HOH HOH A . 
E 4 HOH 66  466 58  HOH HOH A . 
E 4 HOH 67  467 26  HOH HOH A . 
E 4 HOH 68  468 39  HOH HOH A . 
E 4 HOH 69  469 91  HOH HOH A . 
E 4 HOH 70  470 100 HOH HOH A . 
E 4 HOH 71  471 179 HOH HOH A . 
E 4 HOH 72  472 92  HOH HOH A . 
E 4 HOH 73  473 162 HOH HOH A . 
E 4 HOH 74  474 167 HOH HOH A . 
E 4 HOH 75  475 6   HOH HOH A . 
E 4 HOH 76  476 29  HOH HOH A . 
E 4 HOH 77  477 23  HOH HOH A . 
E 4 HOH 78  478 144 HOH HOH A . 
E 4 HOH 79  479 159 HOH HOH A . 
E 4 HOH 80  480 52  HOH HOH A . 
E 4 HOH 81  481 161 HOH HOH A . 
E 4 HOH 82  482 34  HOH HOH A . 
E 4 HOH 83  483 32  HOH HOH A . 
E 4 HOH 84  484 60  HOH HOH A . 
E 4 HOH 85  485 65  HOH HOH A . 
E 4 HOH 86  486 151 HOH HOH A . 
E 4 HOH 87  487 93  HOH HOH A . 
E 4 HOH 88  488 132 HOH HOH A . 
E 4 HOH 89  489 7   HOH HOH A . 
E 4 HOH 90  490 122 HOH HOH A . 
E 4 HOH 91  491 49  HOH HOH A . 
E 4 HOH 92  492 33  HOH HOH A . 
E 4 HOH 93  493 125 HOH HOH A . 
E 4 HOH 94  494 15  HOH HOH A . 
E 4 HOH 95  495 41  HOH HOH A . 
E 4 HOH 96  496 138 HOH HOH A . 
E 4 HOH 97  497 135 HOH HOH A . 
E 4 HOH 98  498 169 HOH HOH A . 
E 4 HOH 99  499 113 HOH HOH A . 
E 4 HOH 100 500 180 HOH HOH A . 
E 4 HOH 101 501 77  HOH HOH A . 
E 4 HOH 102 502 107 HOH HOH A . 
E 4 HOH 103 503 171 HOH HOH A . 
E 4 HOH 104 504 98  HOH HOH A . 
E 4 HOH 105 505 81  HOH HOH A . 
E 4 HOH 106 506 139 HOH HOH A . 
E 4 HOH 107 507 85  HOH HOH A . 
E 4 HOH 108 508 51  HOH HOH A . 
E 4 HOH 109 509 53  HOH HOH A . 
E 4 HOH 110 510 40  HOH HOH A . 
E 4 HOH 111 511 64  HOH HOH A . 
E 4 HOH 112 512 80  HOH HOH A . 
E 4 HOH 113 513 2   HOH HOH A . 
E 4 HOH 114 514 56  HOH HOH A . 
E 4 HOH 115 515 55  HOH HOH A . 
E 4 HOH 116 516 150 HOH HOH A . 
E 4 HOH 117 517 136 HOH HOH A . 
E 4 HOH 118 518 114 HOH HOH A . 
E 4 HOH 119 519 87  HOH HOH A . 
E 4 HOH 120 520 173 HOH HOH A . 
E 4 HOH 121 521 115 HOH HOH A . 
E 4 HOH 122 522 121 HOH HOH A . 
E 4 HOH 123 523 69  HOH HOH A . 
E 4 HOH 124 524 149 HOH HOH A . 
E 4 HOH 125 525 78  HOH HOH A . 
E 4 HOH 126 526 140 HOH HOH A . 
E 4 HOH 127 527 89  HOH HOH A . 
E 4 HOH 128 528 156 HOH HOH A . 
E 4 HOH 129 529 8   HOH HOH A . 
E 4 HOH 130 530 170 HOH HOH A . 
E 4 HOH 131 531 108 HOH HOH A . 
E 4 HOH 132 532 59  HOH HOH A . 
E 4 HOH 133 533 133 HOH HOH A . 
E 4 HOH 134 534 109 HOH HOH A . 
E 4 HOH 135 535 72  HOH HOH A . 
E 4 HOH 136 536 75  HOH HOH A . 
E 4 HOH 137 537 73  HOH HOH A . 
E 4 HOH 138 538 127 HOH HOH A . 
E 4 HOH 139 539 96  HOH HOH A . 
E 4 HOH 140 540 57  HOH HOH A . 
E 4 HOH 141 541 163 HOH HOH A . 
E 4 HOH 142 542 176 HOH HOH A . 
E 4 HOH 143 543 71  HOH HOH A . 
E 4 HOH 144 544 128 HOH HOH A . 
E 4 HOH 145 545 35  HOH HOH A . 
E 4 HOH 146 546 112 HOH HOH A . 
E 4 HOH 147 547 142 HOH HOH A . 
E 4 HOH 148 548 146 HOH HOH A . 
E 4 HOH 149 549 158 HOH HOH A . 
E 4 HOH 150 550 74  HOH HOH A . 
E 4 HOH 151 551 44  HOH HOH A . 
E 4 HOH 152 552 118 HOH HOH A . 
E 4 HOH 153 553 88  HOH HOH A . 
E 4 HOH 154 554 79  HOH HOH A . 
E 4 HOH 155 555 97  HOH HOH A . 
E 4 HOH 156 556 172 HOH HOH A . 
E 4 HOH 157 557 110 HOH HOH A . 
E 4 HOH 158 558 178 HOH HOH A . 
E 4 HOH 159 559 124 HOH HOH A . 
E 4 HOH 160 560 143 HOH HOH A . 
E 4 HOH 161 561 86  HOH HOH A . 
E 4 HOH 162 562 168 HOH HOH A . 
E 4 HOH 163 563 148 HOH HOH A . 
E 4 HOH 164 564 94  HOH HOH A . 
E 4 HOH 165 565 175 HOH HOH A . 
E 4 HOH 166 566 90  HOH HOH A . 
E 4 HOH 167 567 126 HOH HOH A . 
E 4 HOH 168 568 102 HOH HOH A . 
E 4 HOH 169 569 103 HOH HOH A . 
E 4 HOH 170 570 134 HOH HOH A . 
# 
loop_
_software.citation_id 
_software.classification 
_software.compiler_name 
_software.compiler_version 
_software.contact_author 
_software.contact_author_email 
_software.date 
_software.description 
_software.dependencies 
_software.hardware 
_software.language 
_software.location 
_software.mods 
_software.name 
_software.os 
_software.os_version 
_software.type 
_software.version 
_software.pdbx_ordinal 
? refinement        ? ? ? ? ? ? ? ? ? ? ? PHENIX       ? ? ? v1.20.1-4487 1 
? 'data collection' ? ? ? ? ? ? ? ? ? ? ? CrystalClear ? ? ? .            2 
? 'data extraction' ? ? ? ? ? ? ? ? ? ? ? PDB_EXTRACT  ? ? ? .            3 
? 'data scaling'    ? ? ? ? ? ? ? ? ? ? ? HKL-2000     ? ? ? .            4 
? phasing           ? ? ? ? ? ? ? ? ? ? ? PHASER       ? ? ? .            5 
# 
_cell.angle_alpha                  90.000 
_cell.angle_alpha_esd              ? 
_cell.angle_beta                   97.750 
_cell.angle_beta_esd               ? 
_cell.angle_gamma                  90.000 
_cell.angle_gamma_esd              ? 
_cell.entry_id                     8FTA 
_cell.details                      ? 
_cell.formula_units_Z              ? 
_cell.length_a                     84.657 
_cell.length_a_esd                 ? 
_cell.length_b                     49.305 
_cell.length_b_esd                 ? 
_cell.length_c                     33.544 
_cell.length_c_esd                 ? 
_cell.volume                       138734.211 
_cell.volume_esd                   ? 
_cell.Z_PDB                        4 
_cell.reciprocal_angle_alpha       ? 
_cell.reciprocal_angle_beta        ? 
_cell.reciprocal_angle_gamma       ? 
_cell.reciprocal_angle_alpha_esd   ? 
_cell.reciprocal_angle_beta_esd    ? 
_cell.reciprocal_angle_gamma_esd   ? 
_cell.reciprocal_length_a          ? 
_cell.reciprocal_length_b          ? 
_cell.reciprocal_length_c          ? 
_cell.reciprocal_length_a_esd      ? 
_cell.reciprocal_length_b_esd      ? 
_cell.reciprocal_length_c_esd      ? 
_cell.pdbx_unique_axis             ? 
_cell.pdbx_esd_method              ? 
# 
_symmetry.entry_id                         8FTA 
_symmetry.cell_setting                     ? 
_symmetry.Int_Tables_number                5 
_symmetry.space_group_name_Hall            'C 2y' 
_symmetry.space_group_name_H-M             'C 1 2 1' 
_symmetry.pdbx_full_space_group_name_H-M   ? 
# 
_exptl.absorpt_coefficient_mu     ? 
_exptl.absorpt_correction_T_max   ? 
_exptl.absorpt_correction_T_min   ? 
_exptl.absorpt_correction_type    ? 
_exptl.absorpt_process_details    ? 
_exptl.entry_id                   8FTA 
_exptl.crystals_number            1 
_exptl.details                    ? 
_exptl.method                     'X-RAY DIFFRACTION' 
_exptl.method_details             ? 
# 
_exptl_crystal.colour                       ? 
_exptl_crystal.density_diffrn               ? 
_exptl_crystal.density_Matthews             2.62 
_exptl_crystal.density_method               ? 
_exptl_crystal.density_percent_sol          53.08 
_exptl_crystal.description                  ? 
_exptl_crystal.F_000                        ? 
_exptl_crystal.id                           1 
_exptl_crystal.preparation                  ? 
_exptl_crystal.size_max                     ? 
_exptl_crystal.size_mid                     ? 
_exptl_crystal.size_min                     ? 
_exptl_crystal.size_rad                     ? 
_exptl_crystal.colour_lustre                ? 
_exptl_crystal.colour_modifier              ? 
_exptl_crystal.colour_primary               ? 
_exptl_crystal.density_meas                 ? 
_exptl_crystal.density_meas_esd             ? 
_exptl_crystal.density_meas_gt              ? 
_exptl_crystal.density_meas_lt              ? 
_exptl_crystal.density_meas_temp            ? 
_exptl_crystal.density_meas_temp_esd        ? 
_exptl_crystal.density_meas_temp_gt         ? 
_exptl_crystal.density_meas_temp_lt         ? 
_exptl_crystal.pdbx_crystal_image_url       ? 
_exptl_crystal.pdbx_crystal_image_format    ? 
_exptl_crystal.pdbx_mosaicity               ? 
_exptl_crystal.pdbx_mosaicity_esd           ? 
_exptl_crystal.pdbx_mosaic_method           ? 
_exptl_crystal.pdbx_mosaic_block_size       ? 
_exptl_crystal.pdbx_mosaic_block_size_esd   ? 
# 
_exptl_crystal_grow.apparatus       ? 
_exptl_crystal_grow.atmosphere      ? 
_exptl_crystal_grow.crystal_id      1 
_exptl_crystal_grow.details         ? 
_exptl_crystal_grow.method          'VAPOR DIFFUSION, SITTING DROP' 
_exptl_crystal_grow.method_ref      ? 
_exptl_crystal_grow.pH              5.5 
_exptl_crystal_grow.pressure        ? 
_exptl_crystal_grow.pressure_esd    ? 
_exptl_crystal_grow.seeding         ? 
_exptl_crystal_grow.seeding_ref     ? 
_exptl_crystal_grow.temp_details    ? 
_exptl_crystal_grow.temp_esd        ? 
_exptl_crystal_grow.time            ? 
_exptl_crystal_grow.pdbx_details    '0.1 M MES pH 5.5, 14.4% PEG 8000, 10% Ethylene Glycol, 0.01M ZnCl2' 
_exptl_crystal_grow.pdbx_pH_range   ? 
_exptl_crystal_grow.temp            277 
# 
_diffrn.ambient_environment              ? 
_diffrn.ambient_temp                     100 
_diffrn.ambient_temp_details             ? 
_diffrn.ambient_temp_esd                 ? 
_diffrn.crystal_id                       1 
_diffrn.crystal_support                  ? 
_diffrn.crystal_treatment                ? 
_diffrn.details                          ? 
_diffrn.id                               1 
_diffrn.ambient_pressure                 ? 
_diffrn.ambient_pressure_esd             ? 
_diffrn.ambient_pressure_gt              ? 
_diffrn.ambient_pressure_lt              ? 
_diffrn.ambient_temp_gt                  ? 
_diffrn.ambient_temp_lt                  ? 
_diffrn.pdbx_serial_crystal_experiment   N 
# 
_diffrn_detector.details                      ? 
_diffrn_detector.detector                     'IMAGE PLATE' 
_diffrn_detector.diffrn_id                    1 
_diffrn_detector.type                         'RIGAKU RAXIS IV' 
_diffrn_detector.area_resol_mean              ? 
_diffrn_detector.dtime                        ? 
_diffrn_detector.pdbx_frames_total            ? 
_diffrn_detector.pdbx_collection_time_total   ? 
_diffrn_detector.pdbx_collection_date         2022-10-27 
_diffrn_detector.pdbx_frequency               ? 
# 
_diffrn_radiation.collimation                      ? 
_diffrn_radiation.diffrn_id                        1 
_diffrn_radiation.filter_edge                      ? 
_diffrn_radiation.inhomogeneity                    ? 
_diffrn_radiation.monochromator                    ? 
_diffrn_radiation.polarisn_norm                    ? 
_diffrn_radiation.polarisn_ratio                   ? 
_diffrn_radiation.probe                            ? 
_diffrn_radiation.type                             ? 
_diffrn_radiation.xray_symbol                      ? 
_diffrn_radiation.wavelength_id                    1 
_diffrn_radiation.pdbx_monochromatic_or_laue_m_l   M 
_diffrn_radiation.pdbx_wavelength_list             ? 
_diffrn_radiation.pdbx_wavelength                  ? 
_diffrn_radiation.pdbx_diffrn_protocol             'SINGLE WAVELENGTH' 
_diffrn_radiation.pdbx_analyzer                    ? 
_diffrn_radiation.pdbx_scattering_type             x-ray 
# 
_diffrn_radiation_wavelength.id           1 
_diffrn_radiation_wavelength.wavelength   1.54 
_diffrn_radiation_wavelength.wt           1.0 
# 
_diffrn_source.current                     ? 
_diffrn_source.details                     ? 
_diffrn_source.diffrn_id                   1 
_diffrn_source.power                       ? 
_diffrn_source.size                        ? 
_diffrn_source.source                      'ROTATING ANODE' 
_diffrn_source.target                      ? 
_diffrn_source.type                        'RIGAKU MICROMAX-007' 
_diffrn_source.voltage                     ? 
_diffrn_source.take-off_angle              ? 
_diffrn_source.pdbx_wavelength_list        1.54 
_diffrn_source.pdbx_wavelength             ? 
_diffrn_source.pdbx_synchrotron_beamline   ? 
_diffrn_source.pdbx_synchrotron_site       ? 
# 
_reflns.B_iso_Wilson_estimate                          21.30 
_reflns.entry_id                                       8FTA 
_reflns.data_reduction_details                         ? 
_reflns.data_reduction_method                          ? 
_reflns.d_resolution_high                              1.78 
_reflns.d_resolution_low                               50.00 
_reflns.details                                        ? 
_reflns.limit_h_max                                    ? 
_reflns.limit_h_min                                    ? 
_reflns.limit_k_max                                    ? 
_reflns.limit_k_min                                    ? 
_reflns.limit_l_max                                    ? 
_reflns.limit_l_min                                    ? 
_reflns.number_all                                     ? 
_reflns.number_obs                                     25465 
_reflns.observed_criterion                             ? 
_reflns.observed_criterion_F_max                       ? 
_reflns.observed_criterion_F_min                       ? 
_reflns.observed_criterion_I_max                       ? 
_reflns.observed_criterion_I_min                       ? 
_reflns.observed_criterion_sigma_F                     ? 
_reflns.observed_criterion_sigma_I                     ? 
_reflns.percent_possible_obs                           98.8 
_reflns.R_free_details                                 ? 
_reflns.Rmerge_F_all                                   ? 
_reflns.Rmerge_F_obs                                   ? 
_reflns.Friedel_coverage                               ? 
_reflns.number_gt                                      ? 
_reflns.threshold_expression                           ? 
_reflns.pdbx_redundancy                                2.1 
_reflns.pdbx_netI_over_av_sigmaI                       ? 
_reflns.pdbx_netI_over_sigmaI                          57.9 
_reflns.pdbx_res_netI_over_av_sigmaI_2                 ? 
_reflns.pdbx_res_netI_over_sigmaI_2                    ? 
_reflns.pdbx_chi_squared                               0.048 
_reflns.pdbx_scaling_rejects                           ? 
_reflns.pdbx_d_res_high_opt                            ? 
_reflns.pdbx_d_res_low_opt                             ? 
_reflns.pdbx_d_res_opt_method                          ? 
_reflns.phase_calculation_details                      ? 
_reflns.pdbx_Rrim_I_all                                ? 
_reflns.pdbx_Rpim_I_all                                ? 
_reflns.pdbx_d_opt                                     ? 
_reflns.pdbx_number_measured_all                       54031 
_reflns.pdbx_diffrn_id                                 1 
_reflns.pdbx_ordinal                                   1 
_reflns.pdbx_CC_half                                   ? 
_reflns.pdbx_CC_star                                   ? 
_reflns.pdbx_R_split                                   ? 
_reflns.pdbx_Rmerge_I_obs                              0.991 
_reflns.pdbx_Rmerge_I_all                              ? 
_reflns.pdbx_Rsym_value                                ? 
_reflns.pdbx_CC_split_method                           ? 
_reflns.pdbx_aniso_diffraction_limit_axis_1_ortho[1]   ? 
_reflns.pdbx_aniso_diffraction_limit_axis_1_ortho[2]   ? 
_reflns.pdbx_aniso_diffraction_limit_axis_1_ortho[3]   ? 
_reflns.pdbx_aniso_diffraction_limit_axis_2_ortho[1]   ? 
_reflns.pdbx_aniso_diffraction_limit_axis_2_ortho[2]   ? 
_reflns.pdbx_aniso_diffraction_limit_axis_2_ortho[3]   ? 
_reflns.pdbx_aniso_diffraction_limit_axis_3_ortho[1]   ? 
_reflns.pdbx_aniso_diffraction_limit_axis_3_ortho[2]   ? 
_reflns.pdbx_aniso_diffraction_limit_axis_3_ortho[3]   ? 
_reflns.pdbx_aniso_diffraction_limit_1                 ? 
_reflns.pdbx_aniso_diffraction_limit_2                 ? 
_reflns.pdbx_aniso_diffraction_limit_3                 ? 
_reflns.pdbx_aniso_B_tensor_eigenvector_1_ortho[1]     ? 
_reflns.pdbx_aniso_B_tensor_eigenvector_1_ortho[2]     ? 
_reflns.pdbx_aniso_B_tensor_eigenvector_1_ortho[3]     ? 
_reflns.pdbx_aniso_B_tensor_eigenvector_2_ortho[1]     ? 
_reflns.pdbx_aniso_B_tensor_eigenvector_2_ortho[2]     ? 
_reflns.pdbx_aniso_B_tensor_eigenvector_2_ortho[3]     ? 
_reflns.pdbx_aniso_B_tensor_eigenvector_3_ortho[1]     ? 
_reflns.pdbx_aniso_B_tensor_eigenvector_3_ortho[2]     ? 
_reflns.pdbx_aniso_B_tensor_eigenvector_3_ortho[3]     ? 
_reflns.pdbx_aniso_B_tensor_eigenvalue_1               ? 
_reflns.pdbx_aniso_B_tensor_eigenvalue_2               ? 
_reflns.pdbx_aniso_B_tensor_eigenvalue_3               ? 
_reflns.pdbx_orthogonalization_convention              ? 
_reflns.pdbx_percent_possible_ellipsoidal              ? 
_reflns.pdbx_percent_possible_spherical                ? 
_reflns.pdbx_percent_possible_ellipsoidal_anomalous    ? 
_reflns.pdbx_percent_possible_spherical_anomalous      ? 
_reflns.pdbx_redundancy_anomalous                      ? 
_reflns.pdbx_CC_half_anomalous                         ? 
_reflns.pdbx_absDiff_over_sigma_anomalous              ? 
_reflns.pdbx_percent_possible_anomalous                ? 
_reflns.pdbx_observed_signal_threshold                 ? 
_reflns.pdbx_signal_type                               ? 
_reflns.pdbx_signal_details                            ? 
_reflns.pdbx_signal_software_id                        ? 
# 
loop_
_reflns_shell.d_res_high 
_reflns_shell.d_res_low 
_reflns_shell.meanI_over_sigI_all 
_reflns_shell.meanI_over_sigI_obs 
_reflns_shell.number_measured_all 
_reflns_shell.number_measured_obs 
_reflns_shell.number_possible 
_reflns_shell.number_unique_all 
_reflns_shell.number_unique_obs 
_reflns_shell.percent_possible_obs 
_reflns_shell.Rmerge_F_all 
_reflns_shell.Rmerge_F_obs 
_reflns_shell.meanI_over_sigI_gt 
_reflns_shell.meanI_over_uI_all 
_reflns_shell.meanI_over_uI_gt 
_reflns_shell.number_measured_gt 
_reflns_shell.number_unique_gt 
_reflns_shell.percent_possible_gt 
_reflns_shell.Rmerge_F_gt 
_reflns_shell.Rmerge_I_gt 
_reflns_shell.pdbx_redundancy 
_reflns_shell.pdbx_chi_squared 
_reflns_shell.pdbx_netI_over_sigmaI_all 
_reflns_shell.pdbx_netI_over_sigmaI_obs 
_reflns_shell.pdbx_Rrim_I_all 
_reflns_shell.pdbx_Rpim_I_all 
_reflns_shell.pdbx_rejects 
_reflns_shell.pdbx_ordinal 
_reflns_shell.pdbx_diffrn_id 
_reflns_shell.pdbx_CC_half 
_reflns_shell.pdbx_CC_star 
_reflns_shell.pdbx_R_split 
_reflns_shell.percent_possible_all 
_reflns_shell.Rmerge_I_all 
_reflns_shell.Rmerge_I_obs 
_reflns_shell.pdbx_Rsym_value 
_reflns_shell.pdbx_percent_possible_ellipsoidal 
_reflns_shell.pdbx_percent_possible_spherical 
_reflns_shell.pdbx_percent_possible_ellipsoidal_anomalous 
_reflns_shell.pdbx_percent_possible_spherical_anomalous 
_reflns_shell.pdbx_redundancy_anomalous 
_reflns_shell.pdbx_CC_half_anomalous 
_reflns_shell.pdbx_absDiff_over_sigma_anomalous 
_reflns_shell.pdbx_percent_possible_anomalous 
1.78 1.81  ? ? ? ? ? ? 1261 ? ? ? ? ? ? ? ? ? ? ? 2.1 1.234 ? ? ? ? ? 1  1 ? ? ? 95.8  ? 0.078 ? ? ? ? ? ? ? ? ? 
1.81 1.84  ? ? ? ? ? ? 1207 ? ? ? ? ? ? ? ? ? ? ? 2.0 1.168 ? ? ? ? ? 2  1 ? ? ? 96.6  ? 0.070 ? ? ? ? ? ? ? ? ? 
1.84 1.88  ? ? ? ? ? ? 1286 ? ? ? ? ? ? ? ? ? ? ? 2.1 1.294 ? ? ? ? ? 3  1 ? ? ? 97.7  ? 0.068 ? ? ? ? ? ? ? ? ? 
1.88 1.92  ? ? ? ? ? ? 1231 ? ? ? ? ? ? ? ? ? ? ? 2.1 1.216 ? ? ? ? ? 4  1 ? ? ? 97.6  ? 0.064 ? ? ? ? ? ? ? ? ? 
1.92 1.96  ? ? ? ? ? ? 1313 ? ? ? ? ? ? ? ? ? ? ? 2.1 1.242 ? ? ? ? ? 5  1 ? ? ? 97.3  ? 0.061 ? ? ? ? ? ? ? ? ? 
1.96 2.00  ? ? ? ? ? ? 1198 ? ? ? ? ? ? ? ? ? ? ? 2.1 1.252 ? ? ? ? ? 6  1 ? ? ? 98.1  ? 0.058 ? ? ? ? ? ? ? ? ? 
2.00 2.05  ? ? ? ? ? ? 1298 ? ? ? ? ? ? ? ? ? ? ? 2.1 1.168 ? ? ? ? ? 7  1 ? ? ? 98.3  ? 0.055 ? ? ? ? ? ? ? ? ? 
2.05 2.11  ? ? ? ? ? ? 1250 ? ? ? ? ? ? ? ? ? ? ? 2.1 1.287 ? ? ? ? ? 8  1 ? ? ? 98.7  ? 0.054 ? ? ? ? ? ? ? ? ? 
2.11 2.17  ? ? ? ? ? ? 1265 ? ? ? ? ? ? ? ? ? ? ? 2.1 1.259 ? ? ? ? ? 9  1 ? ? ? 98.4  ? 0.054 ? ? ? ? ? ? ? ? ? 
2.17 2.24  ? ? ? ? ? ? 1329 ? ? ? ? ? ? ? ? ? ? ? 2.1 1.158 ? ? ? ? ? 10 1 ? ? ? 99.2  ? 0.050 ? ? ? ? ? ? ? ? ? 
2.24 2.32  ? ? ? ? ? ? 1228 ? ? ? ? ? ? ? ? ? ? ? 2.1 1.130 ? ? ? ? ? 11 1 ? ? ? 98.7  ? 0.049 ? ? ? ? ? ? ? ? ? 
2.32 2.42  ? ? ? ? ? ? 1287 ? ? ? ? ? ? ? ? ? ? ? 2.1 1.120 ? ? ? ? ? 12 1 ? ? ? 99.6  ? 0.049 ? ? ? ? ? ? ? ? ? 
2.42 2.53  ? ? ? ? ? ? 1284 ? ? ? ? ? ? ? ? ? ? ? 2.1 1.051 ? ? ? ? ? 13 1 ? ? ? 99.7  ? 0.046 ? ? ? ? ? ? ? ? ? 
2.53 2.66  ? ? ? ? ? ? 1283 ? ? ? ? ? ? ? ? ? ? ? 2.1 1.076 ? ? ? ? ? 14 1 ? ? ? 100.0 ? 0.047 ? ? ? ? ? ? ? ? ? 
2.66 2.83  ? ? ? ? ? ? 1305 ? ? ? ? ? ? ? ? ? ? ? 2.2 1.061 ? ? ? ? ? 15 1 ? ? ? 100.0 ? 0.043 ? ? ? ? ? ? ? ? ? 
2.83 3.04  ? ? ? ? ? ? 1291 ? ? ? ? ? ? ? ? ? ? ? 2.2 0.978 ? ? ? ? ? 16 1 ? ? ? 100.0 ? 0.044 ? ? ? ? ? ? ? ? ? 
3.04 3.35  ? ? ? ? ? ? 1295 ? ? ? ? ? ? ? ? ? ? ? 2.2 0.962 ? ? ? ? ? 17 1 ? ? ? 100.0 ? 0.051 ? ? ? ? ? ? ? ? ? 
3.35 3.83  ? ? ? ? ? ? 1265 ? ? ? ? ? ? ? ? ? ? ? 2.2 1.096 ? ? ? ? ? 18 1 ? ? ? 99.8  ? 0.070 ? ? ? ? ? ? ? ? ? 
3.83 4.83  ? ? ? ? ? ? 1293 ? ? ? ? ? ? ? ? ? ? ? 2.2 1.067 ? ? ? ? ? 19 1 ? ? ? 99.9  ? 0.066 ? ? ? ? ? ? ? ? ? 
4.83 50.00 ? ? ? ? ? ? 1296 ? ? ? ? ? ? ? ? ? ? ? 2.2 1.087 ? ? ? ? ? 20 1 ? ? ? 100.0 ? 0.052 ? ? ? ? ? ? ? ? ? 
# 
_refine.aniso_B[1][1]                            ? 
_refine.aniso_B[1][2]                            ? 
_refine.aniso_B[1][3]                            ? 
_refine.aniso_B[2][2]                            ? 
_refine.aniso_B[2][3]                            ? 
_refine.aniso_B[3][3]                            ? 
_refine.B_iso_max                                ? 
_refine.B_iso_mean                               25.14 
_refine.B_iso_min                                ? 
_refine.correlation_coeff_Fo_to_Fc               ? 
_refine.correlation_coeff_Fo_to_Fc_free          ? 
_refine.details                                  ? 
_refine.diff_density_max                         ? 
_refine.diff_density_max_esd                     ? 
_refine.diff_density_min                         ? 
_refine.diff_density_min_esd                     ? 
_refine.diff_density_rms                         ? 
_refine.diff_density_rms_esd                     ? 
_refine.entry_id                                 8FTA 
_refine.pdbx_refine_id                           'X-RAY DIFFRACTION' 
_refine.ls_abs_structure_details                 ? 
_refine.ls_abs_structure_Flack                   ? 
_refine.ls_abs_structure_Flack_esd               ? 
_refine.ls_abs_structure_Rogers                  ? 
_refine.ls_abs_structure_Rogers_esd              ? 
_refine.ls_d_res_high                            1.78 
_refine.ls_d_res_low                             42.51 
_refine.ls_extinction_coef                       ? 
_refine.ls_extinction_coef_esd                   ? 
_refine.ls_extinction_expression                 ? 
_refine.ls_extinction_method                     ? 
_refine.ls_goodness_of_fit_all                   ? 
_refine.ls_goodness_of_fit_all_esd               ? 
_refine.ls_goodness_of_fit_obs                   ? 
_refine.ls_goodness_of_fit_obs_esd               ? 
_refine.ls_hydrogen_treatment                    ? 
_refine.ls_matrix_type                           ? 
_refine.ls_number_constraints                    ? 
_refine.ls_number_parameters                     ? 
_refine.ls_number_reflns_all                     ? 
_refine.ls_number_reflns_obs                     13228 
_refine.ls_number_reflns_R_free                  1322 
_refine.ls_number_reflns_R_work                  11906 
_refine.ls_number_restraints                     ? 
_refine.ls_percent_reflns_obs                    99.87 
_refine.ls_percent_reflns_R_free                 9.99 
_refine.ls_R_factor_all                          ? 
_refine.ls_R_factor_obs                          0.1810 
_refine.ls_R_factor_R_free                       0.2068 
_refine.ls_R_factor_R_free_error                 ? 
_refine.ls_R_factor_R_free_error_details         ? 
_refine.ls_R_factor_R_work                       0.1782 
_refine.ls_R_Fsqd_factor_obs                     ? 
_refine.ls_R_I_factor_obs                        ? 
_refine.ls_redundancy_reflns_all                 ? 
_refine.ls_redundancy_reflns_obs                 ? 
_refine.ls_restrained_S_all                      ? 
_refine.ls_restrained_S_obs                      ? 
_refine.ls_shift_over_esd_max                    ? 
_refine.ls_shift_over_esd_mean                   ? 
_refine.ls_structure_factor_coef                 ? 
_refine.ls_weighting_details                     ? 
_refine.ls_weighting_scheme                      ? 
_refine.ls_wR_factor_all                         ? 
_refine.ls_wR_factor_obs                         ? 
_refine.ls_wR_factor_R_free                      ? 
_refine.ls_wR_factor_R_work                      ? 
_refine.occupancy_max                            ? 
_refine.occupancy_min                            ? 
_refine.solvent_model_details                    'FLAT BULK SOLVENT MODEL' 
_refine.solvent_model_param_bsol                 ? 
_refine.solvent_model_param_ksol                 ? 
_refine.pdbx_R_complete                          ? 
_refine.ls_R_factor_gt                           ? 
_refine.ls_goodness_of_fit_gt                    ? 
_refine.ls_goodness_of_fit_ref                   ? 
_refine.ls_shift_over_su_max                     ? 
_refine.ls_shift_over_su_max_lt                  ? 
_refine.ls_shift_over_su_mean                    ? 
_refine.ls_shift_over_su_mean_lt                 ? 
_refine.pdbx_ls_sigma_I                          ? 
_refine.pdbx_ls_sigma_F                          1.35 
_refine.pdbx_ls_sigma_Fsqd                       ? 
_refine.pdbx_data_cutoff_high_absF               ? 
_refine.pdbx_data_cutoff_high_rms_absF           ? 
_refine.pdbx_data_cutoff_low_absF                ? 
_refine.pdbx_isotropic_thermal_model             ? 
_refine.pdbx_ls_cross_valid_method               'FREE R-VALUE' 
_refine.pdbx_method_to_determine_struct          'MOLECULAR REPLACEMENT' 
_refine.pdbx_starting_model                      ? 
_refine.pdbx_stereochemistry_target_values       'GeoStd + Monomer Library + CDL v1.2' 
_refine.pdbx_R_Free_selection_details            ? 
_refine.pdbx_stereochem_target_val_spec_case     ? 
_refine.pdbx_overall_ESU_R                       ? 
_refine.pdbx_overall_ESU_R_Free                  ? 
_refine.pdbx_solvent_vdw_probe_radii             1.1000 
_refine.pdbx_solvent_ion_probe_radii             ? 
_refine.pdbx_solvent_shrinkage_radii             0.9000 
_refine.pdbx_real_space_R                        ? 
_refine.pdbx_density_correlation                 ? 
_refine.pdbx_pd_number_of_powder_patterns        ? 
_refine.pdbx_pd_number_of_points                 ? 
_refine.pdbx_pd_meas_number_of_points            ? 
_refine.pdbx_pd_proc_ls_prof_R_factor            ? 
_refine.pdbx_pd_proc_ls_prof_wR_factor           ? 
_refine.pdbx_pd_Marquardt_correlation_coeff      ? 
_refine.pdbx_pd_Fsqrd_R_factor                   ? 
_refine.pdbx_pd_ls_matrix_band_width             ? 
_refine.pdbx_overall_phase_error                 19.5524 
_refine.pdbx_overall_SU_R_free_Cruickshank_DPI   ? 
_refine.pdbx_overall_SU_R_free_Blow_DPI          ? 
_refine.pdbx_overall_SU_R_Blow_DPI               ? 
_refine.pdbx_TLS_residual_ADP_flag               ? 
_refine.pdbx_diffrn_id                           1 
_refine.overall_SU_B                             ? 
_refine.overall_SU_ML                            0.1926 
_refine.overall_SU_R_Cruickshank_DPI             ? 
_refine.overall_SU_R_free                        ? 
_refine.overall_FOM_free_R_set                   ? 
_refine.overall_FOM_work_R_set                   ? 
_refine.pdbx_average_fsc_overall                 ? 
_refine.pdbx_average_fsc_work                    ? 
_refine.pdbx_average_fsc_free                    ? 
# 
_refine_hist.pdbx_refine_id                   'X-RAY DIFFRACTION' 
_refine_hist.cycle_id                         LAST 
_refine_hist.details                          ? 
_refine_hist.d_res_high                       1.78 
_refine_hist.d_res_low                        42.51 
_refine_hist.number_atoms_solvent             170 
_refine_hist.number_atoms_total               1122 
_refine_hist.number_reflns_all                ? 
_refine_hist.number_reflns_obs                ? 
_refine_hist.number_reflns_R_free             ? 
_refine_hist.number_reflns_R_work             ? 
_refine_hist.R_factor_all                     ? 
_refine_hist.R_factor_obs                     ? 
_refine_hist.R_factor_R_free                  ? 
_refine_hist.R_factor_R_work                  ? 
_refine_hist.pdbx_number_residues_total       ? 
_refine_hist.pdbx_B_iso_mean_ligand           ? 
_refine_hist.pdbx_B_iso_mean_solvent          ? 
_refine_hist.pdbx_number_atoms_protein        931 
_refine_hist.pdbx_number_atoms_nucleic_acid   0 
_refine_hist.pdbx_number_atoms_ligand         21 
_refine_hist.pdbx_number_atoms_lipid          ? 
_refine_hist.pdbx_number_atoms_carb           ? 
_refine_hist.pdbx_pseudo_atom_details         ? 
# 
loop_
_refine_ls_restr.pdbx_refine_id 
_refine_ls_restr.criterion 
_refine_ls_restr.dev_ideal 
_refine_ls_restr.dev_ideal_target 
_refine_ls_restr.number 
_refine_ls_restr.rejects 
_refine_ls_restr.type 
_refine_ls_restr.weight 
_refine_ls_restr.pdbx_restraint_function 
'X-RAY DIFFRACTION' ? 0.0079  ? 970  ? f_bond_d           ? ? 
'X-RAY DIFFRACTION' ? 1.0432  ? 1309 ? f_angle_d          ? ? 
'X-RAY DIFFRACTION' ? 0.0529  ? 144  ? f_chiral_restr     ? ? 
'X-RAY DIFFRACTION' ? 0.0071  ? 165  ? f_plane_restr      ? ? 
'X-RAY DIFFRACTION' ? 15.9749 ? 385  ? f_dihedral_angle_d ? ? 
# 
loop_
_refine_ls_shell.pdbx_refine_id 
_refine_ls_shell.d_res_high 
_refine_ls_shell.d_res_low 
_refine_ls_shell.number_reflns_all 
_refine_ls_shell.number_reflns_obs 
_refine_ls_shell.number_reflns_R_free 
_refine_ls_shell.number_reflns_R_work 
_refine_ls_shell.percent_reflns_obs 
_refine_ls_shell.percent_reflns_R_free 
_refine_ls_shell.R_factor_all 
_refine_ls_shell.R_factor_obs 
_refine_ls_shell.R_factor_R_free_error 
_refine_ls_shell.R_factor_R_work 
_refine_ls_shell.redundancy_reflns_all 
_refine_ls_shell.redundancy_reflns_obs 
_refine_ls_shell.wR_factor_all 
_refine_ls_shell.wR_factor_obs 
_refine_ls_shell.wR_factor_R_free 
_refine_ls_shell.wR_factor_R_work 
_refine_ls_shell.pdbx_R_complete 
_refine_ls_shell.pdbx_total_number_of_bins_used 
_refine_ls_shell.pdbx_phase_error 
_refine_ls_shell.pdbx_fsc_work 
_refine_ls_shell.pdbx_fsc_free 
_refine_ls_shell.R_factor_R_free 
'X-RAY DIFFRACTION' 1.78 1.85  . . 146 1312 99.32  . . . . 0.2386 . . . . . . . . . . . 0.2922 
'X-RAY DIFFRACTION' 1.85 1.94  . . 145 1314 100.00 . . . . 0.1870 . . . . . . . . . . . 0.2514 
'X-RAY DIFFRACTION' 1.94 2.04  . . 147 1312 100.00 . . . . 0.1617 . . . . . . . . . . . 0.1968 
'X-RAY DIFFRACTION' 2.04 2.17  . . 145 1316 100.00 . . . . 0.1705 . . . . . . . . . . . 0.1890 
'X-RAY DIFFRACTION' 2.17 2.33  . . 147 1325 99.86  . . . . 0.1676 . . . . . . . . . . . 0.2024 
'X-RAY DIFFRACTION' 2.33 2.57  . . 147 1312 100.00 . . . . 0.1632 . . . . . . . . . . . 0.1936 
'X-RAY DIFFRACTION' 2.57 2.94  . . 147 1323 100.00 . . . . 0.1722 . . . . . . . . . . . 0.1981 
'X-RAY DIFFRACTION' 2.94 3.70  . . 149 1339 99.93  . . . . 0.1748 . . . . . . . . . . . 0.2169 
'X-RAY DIFFRACTION' 3.70 42.51 . . 149 1353 99.73  . . . . 0.1890 . . . . . . . . . . . 0.2002 
# 
_struct.entry_id                     8FTA 
_struct.title                        
'Crystal Structure of the second bromodomain of human Polybromo-1 (PB1) in complex with compound 16' 
_struct.pdbx_model_details           ? 
_struct.pdbx_formula_weight          ? 
_struct.pdbx_formula_weight_method   ? 
_struct.pdbx_model_type_details      ? 
_struct.pdbx_CASP_flag               N 
# 
_struct_keywords.entry_id        8FTA 
_struct_keywords.text            'Protein polybromo-1, TRANSCRIPTION' 
_struct_keywords.pdbx_keywords   TRANSCRIPTION 
# 
loop_
_struct_asym.id 
_struct_asym.pdbx_blank_PDB_chainid_flag 
_struct_asym.pdbx_modified 
_struct_asym.entity_id 
_struct_asym.details 
A N N 1 ? 
B N N 2 ? 
C N N 3 ? 
D N N 3 ? 
E N N 4 ? 
# 
_struct_ref.id                         1 
_struct_ref.db_name                    UNP 
_struct_ref.db_code                    PB1_HUMAN 
_struct_ref.pdbx_db_accession          Q86U86 
_struct_ref.pdbx_db_isoform            ? 
_struct_ref.entity_id                  1 
_struct_ref.pdbx_seq_one_letter_code   
;SPAYLKEILEQLLEAIVVATNPSGRLISELFQKLPSKVQYPDYYAIIKEPIDLKTIAQRIQNGSYKSIHAMAKDIDLLAK
NAKTYNEPGSQVFKDANSIKKIFYMKKAEIEHHE
;
_struct_ref.pdbx_align_begin           178 
# 
_struct_ref_seq.align_id                      1 
_struct_ref_seq.ref_id                        1 
_struct_ref_seq.pdbx_PDB_id_code              8FTA 
_struct_ref_seq.pdbx_strand_id                A 
_struct_ref_seq.seq_align_beg                 3 
_struct_ref_seq.pdbx_seq_align_beg_ins_code   ? 
_struct_ref_seq.seq_align_end                 116 
_struct_ref_seq.pdbx_seq_align_end_ins_code   ? 
_struct_ref_seq.pdbx_db_accession             Q86U86 
_struct_ref_seq.db_align_beg                  178 
_struct_ref_seq.pdbx_db_align_beg_ins_code    ? 
_struct_ref_seq.db_align_end                  291 
_struct_ref_seq.pdbx_db_align_end_ins_code    ? 
_struct_ref_seq.pdbx_auth_seq_align_beg       178 
_struct_ref_seq.pdbx_auth_seq_align_end       291 
# 
loop_
_struct_ref_seq_dif.align_id 
_struct_ref_seq_dif.pdbx_pdb_id_code 
_struct_ref_seq_dif.mon_id 
_struct_ref_seq_dif.pdbx_pdb_strand_id 
_struct_ref_seq_dif.seq_num 
_struct_ref_seq_dif.pdbx_pdb_ins_code 
_struct_ref_seq_dif.pdbx_seq_db_name 
_struct_ref_seq_dif.pdbx_seq_db_accession_code 
_struct_ref_seq_dif.db_mon_id 
_struct_ref_seq_dif.pdbx_seq_db_seq_num 
_struct_ref_seq_dif.details 
_struct_ref_seq_dif.pdbx_auth_seq_num 
_struct_ref_seq_dif.pdbx_ordinal 
1 8FTA SER A 1 ? UNP Q86U86 ? ? 'expression tag' 176 1 
1 8FTA MET A 2 ? UNP Q86U86 ? ? 'expression tag' 177 2 
# 
_pdbx_struct_assembly.id                   1 
_pdbx_struct_assembly.details              author_defined_assembly 
_pdbx_struct_assembly.method_details       ? 
_pdbx_struct_assembly.oligomeric_details   monomeric 
_pdbx_struct_assembly.oligomeric_count     1 
# 
_pdbx_struct_assembly_gen.assembly_id       1 
_pdbx_struct_assembly_gen.oper_expression   1 
_pdbx_struct_assembly_gen.asym_id_list      A,B,C,D,E 
# 
_pdbx_struct_assembly_auth_evidence.id                     1 
_pdbx_struct_assembly_auth_evidence.assembly_id            1 
_pdbx_struct_assembly_auth_evidence.experimental_support   none 
_pdbx_struct_assembly_auth_evidence.details                ? 
# 
_pdbx_struct_oper_list.id                   1 
_pdbx_struct_oper_list.type                 'identity operation' 
_pdbx_struct_oper_list.name                 1_555 
_pdbx_struct_oper_list.symmetry_operation   x,y,z 
_pdbx_struct_oper_list.matrix[1][1]         1.0000000000 
_pdbx_struct_oper_list.matrix[1][2]         0.0000000000 
_pdbx_struct_oper_list.matrix[1][3]         0.0000000000 
_pdbx_struct_oper_list.vector[1]            0.0000000000 
_pdbx_struct_oper_list.matrix[2][1]         0.0000000000 
_pdbx_struct_oper_list.matrix[2][2]         1.0000000000 
_pdbx_struct_oper_list.matrix[2][3]         0.0000000000 
_pdbx_struct_oper_list.vector[2]            0.0000000000 
_pdbx_struct_oper_list.matrix[3][1]         0.0000000000 
_pdbx_struct_oper_list.matrix[3][2]         0.0000000000 
_pdbx_struct_oper_list.matrix[3][3]         1.0000000000 
_pdbx_struct_oper_list.vector[3]            0.0000000000 
# 
loop_
_struct_conf.conf_type_id 
_struct_conf.id 
_struct_conf.pdbx_PDB_helix_id 
_struct_conf.beg_label_comp_id 
_struct_conf.beg_label_asym_id 
_struct_conf.beg_label_seq_id 
_struct_conf.pdbx_beg_PDB_ins_code 
_struct_conf.end_label_comp_id 
_struct_conf.end_label_asym_id 
_struct_conf.end_label_seq_id 
_struct_conf.pdbx_end_PDB_ins_code 
_struct_conf.beg_auth_comp_id 
_struct_conf.beg_auth_asym_id 
_struct_conf.beg_auth_seq_id 
_struct_conf.end_auth_comp_id 
_struct_conf.end_auth_asym_id 
_struct_conf.end_auth_seq_id 
_struct_conf.pdbx_PDB_helix_class 
_struct_conf.details 
_struct_conf.pdbx_PDB_helix_length 
HELX_P HELX_P1 AA1 SER A 3  ? ALA A 21  ? SER A 178 ALA A 196 1 ? 19 
HELX_P HELX_P2 AA2 SER A 30 ? GLN A 34  ? SER A 205 GLN A 209 5 ? 5  
HELX_P HELX_P3 AA3 TYR A 42 ? ILE A 49  ? TYR A 217 ILE A 224 1 ? 8  
HELX_P HELX_P4 AA4 ASP A 54 ? GLY A 65  ? ASP A 229 GLY A 240 1 ? 12 
HELX_P HELX_P5 AA5 SER A 69 ? ASN A 88  ? SER A 244 ASN A 263 1 ? 20 
HELX_P HELX_P6 AA6 SER A 92 ? HIS A 115 ? SER A 267 HIS A 290 1 ? 24 
# 
_struct_conf_type.id          HELX_P 
_struct_conf_type.criteria    ? 
_struct_conf_type.reference   ? 
# 
loop_
_struct_conn.id 
_struct_conn.conn_type_id 
_struct_conn.pdbx_leaving_atom_flag 
_struct_conn.pdbx_PDB_id 
_struct_conn.ptnr1_label_asym_id 
_struct_conn.ptnr1_label_comp_id 
_struct_conn.ptnr1_label_seq_id 
_struct_conn.ptnr1_label_atom_id 
_struct_conn.pdbx_ptnr1_label_alt_id 
_struct_conn.pdbx_ptnr1_PDB_ins_code 
_struct_conn.pdbx_ptnr1_standard_comp_id 
_struct_conn.ptnr1_symmetry 
_struct_conn.ptnr2_label_asym_id 
_struct_conn.ptnr2_label_comp_id 
_struct_conn.ptnr2_label_seq_id 
_struct_conn.ptnr2_label_atom_id 
_struct_conn.pdbx_ptnr2_label_alt_id 
_struct_conn.pdbx_ptnr2_PDB_ins_code 
_struct_conn.ptnr1_auth_asym_id 
_struct_conn.ptnr1_auth_comp_id 
_struct_conn.ptnr1_auth_seq_id 
_struct_conn.ptnr2_auth_asym_id 
_struct_conn.ptnr2_auth_comp_id 
_struct_conn.ptnr2_auth_seq_id 
_struct_conn.ptnr2_symmetry 
_struct_conn.pdbx_ptnr3_label_atom_id 
_struct_conn.pdbx_ptnr3_label_seq_id 
_struct_conn.pdbx_ptnr3_label_comp_id 
_struct_conn.pdbx_ptnr3_label_asym_id 
_struct_conn.pdbx_ptnr3_label_alt_id 
_struct_conn.pdbx_ptnr3_PDB_ins_code 
_struct_conn.details 
_struct_conn.pdbx_dist_value 
_struct_conn.pdbx_value_order 
_struct_conn.pdbx_role 
metalc1 metalc ? ? A GLU 9   OE2 ? ? ? 1_555 C ZN  . ZN ? ? A GLU 184 A ZN  302 2_555 ? ? ? ? ? ? ? 1.959 ? ? 
metalc2 metalc ? ? A GLU 12  OE1 ? ? ? 1_555 C ZN  . ZN ? ? A GLU 187 A ZN  302 2_555 ? ? ? ? ? ? ? 1.974 ? ? 
metalc3 metalc ? ? A HIS 71  ND1 ? ? ? 1_555 D ZN  . ZN ? ? A HIS 246 A ZN  303 2_556 ? ? ? ? ? ? ? 2.180 ? ? 
metalc4 metalc ? ? A HIS 114 NE2 ? ? ? 1_555 D ZN  . ZN ? ? A HIS 289 A ZN  303 1_555 ? ? ? ? ? ? ? 2.145 ? ? 
metalc5 metalc ? ? A HIS 115 ND1 ? ? ? 1_555 C ZN  . ZN ? ? A HIS 290 A ZN  302 1_555 ? ? ? ? ? ? ? 2.211 ? ? 
metalc6 metalc ? ? A GLU 116 OXT ? ? ? 1_555 C ZN  . ZN ? ? A GLU 291 A ZN  302 1_555 ? ? ? ? ? ? ? 2.057 ? ? 
metalc7 metalc ? ? D ZN  .   ZN  ? ? ? 1_555 E HOH . O  ? ? A ZN  303 A HOH 518 1_555 ? ? ? ? ? ? ? 2.170 ? ? 
metalc8 metalc ? ? D ZN  .   ZN  ? ? ? 1_555 E HOH . O  ? ? A ZN  303 A HOH 521 1_555 ? ? ? ? ? ? ? 2.320 ? ? 
# 
_struct_conn_type.id          metalc 
_struct_conn_type.criteria    ? 
_struct_conn_type.reference   ? 
# 
loop_
_pdbx_struct_conn_angle.id 
_pdbx_struct_conn_angle.ptnr1_label_atom_id 
_pdbx_struct_conn_angle.ptnr1_label_alt_id 
_pdbx_struct_conn_angle.ptnr1_label_asym_id 
_pdbx_struct_conn_angle.ptnr1_label_comp_id 
_pdbx_struct_conn_angle.ptnr1_label_seq_id 
_pdbx_struct_conn_angle.ptnr1_auth_atom_id 
_pdbx_struct_conn_angle.ptnr1_auth_asym_id 
_pdbx_struct_conn_angle.ptnr1_auth_comp_id 
_pdbx_struct_conn_angle.ptnr1_auth_seq_id 
_pdbx_struct_conn_angle.ptnr1_PDB_ins_code 
_pdbx_struct_conn_angle.ptnr1_symmetry 
_pdbx_struct_conn_angle.ptnr2_label_atom_id 
_pdbx_struct_conn_angle.ptnr2_label_alt_id 
_pdbx_struct_conn_angle.ptnr2_label_asym_id 
_pdbx_struct_conn_angle.ptnr2_label_comp_id 
_pdbx_struct_conn_angle.ptnr2_label_seq_id 
_pdbx_struct_conn_angle.ptnr2_auth_atom_id 
_pdbx_struct_conn_angle.ptnr2_auth_asym_id 
_pdbx_struct_conn_angle.ptnr2_auth_comp_id 
_pdbx_struct_conn_angle.ptnr2_auth_seq_id 
_pdbx_struct_conn_angle.ptnr2_PDB_ins_code 
_pdbx_struct_conn_angle.ptnr2_symmetry 
_pdbx_struct_conn_angle.ptnr3_label_atom_id 
_pdbx_struct_conn_angle.ptnr3_label_alt_id 
_pdbx_struct_conn_angle.ptnr3_label_asym_id 
_pdbx_struct_conn_angle.ptnr3_label_comp_id 
_pdbx_struct_conn_angle.ptnr3_label_seq_id 
_pdbx_struct_conn_angle.ptnr3_auth_atom_id 
_pdbx_struct_conn_angle.ptnr3_auth_asym_id 
_pdbx_struct_conn_angle.ptnr3_auth_comp_id 
_pdbx_struct_conn_angle.ptnr3_auth_seq_id 
_pdbx_struct_conn_angle.ptnr3_PDB_ins_code 
_pdbx_struct_conn_angle.ptnr3_symmetry 
_pdbx_struct_conn_angle.value 
_pdbx_struct_conn_angle.value_esd 
1  OE2 ? A GLU 9   ? A GLU 184 ? 1_555 ZN ? C ZN . ? A ZN 302 ? 2_555 OE1 ? A GLU 12  ? A GLU 187 ? 1_555 95.5  ? 
2  OE2 ? A GLU 9   ? A GLU 184 ? 1_555 ZN ? C ZN . ? A ZN 302 ? 2_555 ND1 ? A HIS 115 ? A HIS 290 ? 1_555 58.4  ? 
3  OE1 ? A GLU 12  ? A GLU 187 ? 1_555 ZN ? C ZN . ? A ZN 302 ? 2_555 ND1 ? A HIS 115 ? A HIS 290 ? 1_555 70.3  ? 
4  OE2 ? A GLU 9   ? A GLU 184 ? 1_555 ZN ? C ZN . ? A ZN 302 ? 2_555 OXT ? A GLU 116 ? A GLU 291 ? 1_555 50.2  ? 
5  OE1 ? A GLU 12  ? A GLU 187 ? 1_555 ZN ? C ZN . ? A ZN 302 ? 2_555 OXT ? A GLU 116 ? A GLU 291 ? 1_555 75.9  ? 
6  ND1 ? A HIS 115 ? A HIS 290 ? 1_555 ZN ? C ZN . ? A ZN 302 ? 2_555 OXT ? A GLU 116 ? A GLU 291 ? 1_555 8.7   ? 
7  ND1 ? A HIS 71  ? A HIS 246 ? 1_555 ZN ? D ZN . ? A ZN 303 ? 2_556 NE2 ? A HIS 114 ? A HIS 289 ? 1_555 145.0 ? 
8  ND1 ? A HIS 71  ? A HIS 246 ? 1_555 ZN ? D ZN . ? A ZN 303 ? 2_556 O   ? E HOH .   ? A HOH 518 ? 1_555 148.3 ? 
9  NE2 ? A HIS 114 ? A HIS 289 ? 1_555 ZN ? D ZN . ? A ZN 303 ? 2_556 O   ? E HOH .   ? A HOH 518 ? 1_555 14.9  ? 
10 ND1 ? A HIS 71  ? A HIS 246 ? 1_555 ZN ? D ZN . ? A ZN 303 ? 2_556 O   ? E HOH .   ? A HOH 521 ? 1_555 129.7 ? 
11 NE2 ? A HIS 114 ? A HIS 289 ? 1_555 ZN ? D ZN . ? A ZN 303 ? 2_556 O   ? E HOH .   ? A HOH 521 ? 1_555 15.9  ? 
12 O   ? E HOH .   ? A HOH 518 ? 1_555 ZN ? D ZN . ? A ZN 303 ? 2_556 O   ? E HOH .   ? A HOH 521 ? 1_555 22.5  ? 
# 
_pdbx_entry_details.entry_id                   8FTA 
_pdbx_entry_details.has_ligand_of_interest     Y 
_pdbx_entry_details.compound_details           ? 
_pdbx_entry_details.source_details             ? 
_pdbx_entry_details.nonpolymer_details         ? 
_pdbx_entry_details.sequence_details           ? 
_pdbx_entry_details.has_protein_modification   N 
# 
loop_
_pdbx_struct_special_symmetry.id 
_pdbx_struct_special_symmetry.PDB_model_num 
_pdbx_struct_special_symmetry.auth_asym_id 
_pdbx_struct_special_symmetry.auth_comp_id 
_pdbx_struct_special_symmetry.auth_seq_id 
_pdbx_struct_special_symmetry.PDB_ins_code 
_pdbx_struct_special_symmetry.label_asym_id 
_pdbx_struct_special_symmetry.label_comp_id 
_pdbx_struct_special_symmetry.label_seq_id 
1 1 A HOH 482 ? E HOH . 
2 1 A HOH 570 ? E HOH . 
# 
loop_
_space_group_symop.id 
_space_group_symop.operation_xyz 
1 x,y,z           
2 -x,y,-z         
3 x+1/2,y+1/2,z   
4 -x+1/2,y+1/2,-z 
# 
loop_
_chem_comp_atom.comp_id 
_chem_comp_atom.atom_id 
_chem_comp_atom.type_symbol 
_chem_comp_atom.pdbx_aromatic_flag 
_chem_comp_atom.pdbx_stereo_config 
_chem_comp_atom.pdbx_ordinal 
ALA N    N  N N 1   
ALA CA   C  N S 2   
ALA C    C  N N 3   
ALA O    O  N N 4   
ALA CB   C  N N 5   
ALA OXT  O  N N 6   
ALA H    H  N N 7   
ALA H2   H  N N 8   
ALA HA   H  N N 9   
ALA HB1  H  N N 10  
ALA HB2  H  N N 11  
ALA HB3  H  N N 12  
ALA HXT  H  N N 13  
ARG N    N  N N 14  
ARG CA   C  N S 15  
ARG C    C  N N 16  
ARG O    O  N N 17  
ARG CB   C  N N 18  
ARG CG   C  N N 19  
ARG CD   C  N N 20  
ARG NE   N  N N 21  
ARG CZ   C  N N 22  
ARG NH1  N  N N 23  
ARG NH2  N  N N 24  
ARG OXT  O  N N 25  
ARG H    H  N N 26  
ARG H2   H  N N 27  
ARG HA   H  N N 28  
ARG HB2  H  N N 29  
ARG HB3  H  N N 30  
ARG HG2  H  N N 31  
ARG HG3  H  N N 32  
ARG HD2  H  N N 33  
ARG HD3  H  N N 34  
ARG HE   H  N N 35  
ARG HH11 H  N N 36  
ARG HH12 H  N N 37  
ARG HH21 H  N N 38  
ARG HH22 H  N N 39  
ARG HXT  H  N N 40  
ASN N    N  N N 41  
ASN CA   C  N S 42  
ASN C    C  N N 43  
ASN O    O  N N 44  
ASN CB   C  N N 45  
ASN CG   C  N N 46  
ASN OD1  O  N N 47  
ASN ND2  N  N N 48  
ASN OXT  O  N N 49  
ASN H    H  N N 50  
ASN H2   H  N N 51  
ASN HA   H  N N 52  
ASN HB2  H  N N 53  
ASN HB3  H  N N 54  
ASN HD21 H  N N 55  
ASN HD22 H  N N 56  
ASN HXT  H  N N 57  
ASP N    N  N N 58  
ASP CA   C  N S 59  
ASP C    C  N N 60  
ASP O    O  N N 61  
ASP CB   C  N N 62  
ASP CG   C  N N 63  
ASP OD1  O  N N 64  
ASP OD2  O  N N 65  
ASP OXT  O  N N 66  
ASP H    H  N N 67  
ASP H2   H  N N 68  
ASP HA   H  N N 69  
ASP HB2  H  N N 70  
ASP HB3  H  N N 71  
ASP HD2  H  N N 72  
ASP HXT  H  N N 73  
GLN N    N  N N 74  
GLN CA   C  N S 75  
GLN C    C  N N 76  
GLN O    O  N N 77  
GLN CB   C  N N 78  
GLN CG   C  N N 79  
GLN CD   C  N N 80  
GLN OE1  O  N N 81  
GLN NE2  N  N N 82  
GLN OXT  O  N N 83  
GLN H    H  N N 84  
GLN H2   H  N N 85  
GLN HA   H  N N 86  
GLN HB2  H  N N 87  
GLN HB3  H  N N 88  
GLN HG2  H  N N 89  
GLN HG3  H  N N 90  
GLN HE21 H  N N 91  
GLN HE22 H  N N 92  
GLN HXT  H  N N 93  
GLU N    N  N N 94  
GLU CA   C  N S 95  
GLU C    C  N N 96  
GLU O    O  N N 97  
GLU CB   C  N N 98  
GLU CG   C  N N 99  
GLU CD   C  N N 100 
GLU OE1  O  N N 101 
GLU OE2  O  N N 102 
GLU OXT  O  N N 103 
GLU H    H  N N 104 
GLU H2   H  N N 105 
GLU HA   H  N N 106 
GLU HB2  H  N N 107 
GLU HB3  H  N N 108 
GLU HG2  H  N N 109 
GLU HG3  H  N N 110 
GLU HE2  H  N N 111 
GLU HXT  H  N N 112 
GLY N    N  N N 113 
GLY CA   C  N N 114 
GLY C    C  N N 115 
GLY O    O  N N 116 
GLY OXT  O  N N 117 
GLY H    H  N N 118 
GLY H2   H  N N 119 
GLY HA2  H  N N 120 
GLY HA3  H  N N 121 
GLY HXT  H  N N 122 
HIS N    N  N N 123 
HIS CA   C  N S 124 
HIS C    C  N N 125 
HIS O    O  N N 126 
HIS CB   C  N N 127 
HIS CG   C  Y N 128 
HIS ND1  N  Y N 129 
HIS CD2  C  Y N 130 
HIS CE1  C  Y N 131 
HIS NE2  N  Y N 132 
HIS OXT  O  N N 133 
HIS H    H  N N 134 
HIS H2   H  N N 135 
HIS HA   H  N N 136 
HIS HB2  H  N N 137 
HIS HB3  H  N N 138 
HIS HD1  H  N N 139 
HIS HD2  H  N N 140 
HIS HE1  H  N N 141 
HIS HE2  H  N N 142 
HIS HXT  H  N N 143 
HOH O    O  N N 144 
HOH H1   H  N N 145 
HOH H2   H  N N 146 
ILE N    N  N N 147 
ILE CA   C  N S 148 
ILE C    C  N N 149 
ILE O    O  N N 150 
ILE CB   C  N S 151 
ILE CG1  C  N N 152 
ILE CG2  C  N N 153 
ILE CD1  C  N N 154 
ILE OXT  O  N N 155 
ILE H    H  N N 156 
ILE H2   H  N N 157 
ILE HA   H  N N 158 
ILE HB   H  N N 159 
ILE HG12 H  N N 160 
ILE HG13 H  N N 161 
ILE HG21 H  N N 162 
ILE HG22 H  N N 163 
ILE HG23 H  N N 164 
ILE HD11 H  N N 165 
ILE HD12 H  N N 166 
ILE HD13 H  N N 167 
ILE HXT  H  N N 168 
LEU N    N  N N 169 
LEU CA   C  N S 170 
LEU C    C  N N 171 
LEU O    O  N N 172 
LEU CB   C  N N 173 
LEU CG   C  N N 174 
LEU CD1  C  N N 175 
LEU CD2  C  N N 176 
LEU OXT  O  N N 177 
LEU H    H  N N 178 
LEU H2   H  N N 179 
LEU HA   H  N N 180 
LEU HB2  H  N N 181 
LEU HB3  H  N N 182 
LEU HG   H  N N 183 
LEU HD11 H  N N 184 
LEU HD12 H  N N 185 
LEU HD13 H  N N 186 
LEU HD21 H  N N 187 
LEU HD22 H  N N 188 
LEU HD23 H  N N 189 
LEU HXT  H  N N 190 
LYS N    N  N N 191 
LYS CA   C  N S 192 
LYS C    C  N N 193 
LYS O    O  N N 194 
LYS CB   C  N N 195 
LYS CG   C  N N 196 
LYS CD   C  N N 197 
LYS CE   C  N N 198 
LYS NZ   N  N N 199 
LYS OXT  O  N N 200 
LYS H    H  N N 201 
LYS H2   H  N N 202 
LYS HA   H  N N 203 
LYS HB2  H  N N 204 
LYS HB3  H  N N 205 
LYS HG2  H  N N 206 
LYS HG3  H  N N 207 
LYS HD2  H  N N 208 
LYS HD3  H  N N 209 
LYS HE2  H  N N 210 
LYS HE3  H  N N 211 
LYS HZ1  H  N N 212 
LYS HZ2  H  N N 213 
LYS HZ3  H  N N 214 
LYS HXT  H  N N 215 
MET N    N  N N 216 
MET CA   C  N S 217 
MET C    C  N N 218 
MET O    O  N N 219 
MET CB   C  N N 220 
MET CG   C  N N 221 
MET SD   S  N N 222 
MET CE   C  N N 223 
MET OXT  O  N N 224 
MET H    H  N N 225 
MET H2   H  N N 226 
MET HA   H  N N 227 
MET HB2  H  N N 228 
MET HB3  H  N N 229 
MET HG2  H  N N 230 
MET HG3  H  N N 231 
MET HE1  H  N N 232 
MET HE2  H  N N 233 
MET HE3  H  N N 234 
MET HXT  H  N N 235 
PHE N    N  N N 236 
PHE CA   C  N S 237 
PHE C    C  N N 238 
PHE O    O  N N 239 
PHE CB   C  N N 240 
PHE CG   C  Y N 241 
PHE CD1  C  Y N 242 
PHE CD2  C  Y N 243 
PHE CE1  C  Y N 244 
PHE CE2  C  Y N 245 
PHE CZ   C  Y N 246 
PHE OXT  O  N N 247 
PHE H    H  N N 248 
PHE H2   H  N N 249 
PHE HA   H  N N 250 
PHE HB2  H  N N 251 
PHE HB3  H  N N 252 
PHE HD1  H  N N 253 
PHE HD2  H  N N 254 
PHE HE1  H  N N 255 
PHE HE2  H  N N 256 
PHE HZ   H  N N 257 
PHE HXT  H  N N 258 
PRO N    N  N N 259 
PRO CA   C  N S 260 
PRO C    C  N N 261 
PRO O    O  N N 262 
PRO CB   C  N N 263 
PRO CG   C  N N 264 
PRO CD   C  N N 265 
PRO OXT  O  N N 266 
PRO H    H  N N 267 
PRO HA   H  N N 268 
PRO HB2  H  N N 269 
PRO HB3  H  N N 270 
PRO HG2  H  N N 271 
PRO HG3  H  N N 272 
PRO HD2  H  N N 273 
PRO HD3  H  N N 274 
PRO HXT  H  N N 275 
SER N    N  N N 276 
SER CA   C  N S 277 
SER C    C  N N 278 
SER O    O  N N 279 
SER CB   C  N N 280 
SER OG   O  N N 281 
SER OXT  O  N N 282 
SER H    H  N N 283 
SER H2   H  N N 284 
SER HA   H  N N 285 
SER HB2  H  N N 286 
SER HB3  H  N N 287 
SER HG   H  N N 288 
SER HXT  H  N N 289 
THR N    N  N N 290 
THR CA   C  N S 291 
THR C    C  N N 292 
THR O    O  N N 293 
THR CB   C  N R 294 
THR OG1  O  N N 295 
THR CG2  C  N N 296 
THR OXT  O  N N 297 
THR H    H  N N 298 
THR H2   H  N N 299 
THR HA   H  N N 300 
THR HB   H  N N 301 
THR HG1  H  N N 302 
THR HG21 H  N N 303 
THR HG22 H  N N 304 
THR HG23 H  N N 305 
THR HXT  H  N N 306 
TYR N    N  N N 307 
TYR CA   C  N S 308 
TYR C    C  N N 309 
TYR O    O  N N 310 
TYR CB   C  N N 311 
TYR CG   C  Y N 312 
TYR CD1  C  Y N 313 
TYR CD2  C  Y N 314 
TYR CE1  C  Y N 315 
TYR CE2  C  Y N 316 
TYR CZ   C  Y N 317 
TYR OH   O  N N 318 
TYR OXT  O  N N 319 
TYR H    H  N N 320 
TYR H2   H  N N 321 
TYR HA   H  N N 322 
TYR HB2  H  N N 323 
TYR HB3  H  N N 324 
TYR HD1  H  N N 325 
TYR HD2  H  N N 326 
TYR HE1  H  N N 327 
TYR HE2  H  N N 328 
TYR HH   H  N N 329 
TYR HXT  H  N N 330 
VAL N    N  N N 331 
VAL CA   C  N S 332 
VAL C    C  N N 333 
VAL O    O  N N 334 
VAL CB   C  N N 335 
VAL CG1  C  N N 336 
VAL CG2  C  N N 337 
VAL OXT  O  N N 338 
VAL H    H  N N 339 
VAL H2   H  N N 340 
VAL HA   H  N N 341 
VAL HB   H  N N 342 
VAL HG11 H  N N 343 
VAL HG12 H  N N 344 
VAL HG13 H  N N 345 
VAL HG21 H  N N 346 
VAL HG22 H  N N 347 
VAL HG23 H  N N 348 
VAL HXT  H  N N 349 
Y8X CAO  C  Y N 350 
Y8X CAL  C  Y N 351 
Y8X CAG  C  N N 352 
Y8X CAE  C  Y N 353 
Y8X CAF  C  Y N 354 
Y8X CAP  C  Y N 355 
Y8X CAR  C  N N 356 
Y8X CAI  C  N S 357 
Y8X CAK  C  Y N 358 
Y8X CAA  C  Y N 359 
Y8X CAB  C  Y N 360 
Y8X CAC  C  Y N 361 
Y8X CAD  C  Y N 362 
Y8X CAM  C  Y N 363 
Y8X CAN  C  Y N 364 
Y8X NAH  N  N N 365 
Y8X NAJ  N  N N 366 
Y8X OAQ  O  N N 367 
Y8X CLAS CL N N 368 
Y8X H1   H  N N 369 
Y8X H2   H  N N 370 
Y8X H3   H  N N 371 
Y8X H4   H  N N 372 
Y8X H5   H  N N 373 
Y8X H6   H  N N 374 
Y8X H7   H  N N 375 
Y8X H8   H  N N 376 
Y8X H9   H  N N 377 
Y8X H10  H  N N 378 
Y8X H11  H  N N 379 
Y8X H12  H  N N 380 
Y8X H13  H  N N 381 
ZN  ZN   ZN N N 382 
# 
loop_
_chem_comp_bond.comp_id 
_chem_comp_bond.atom_id_1 
_chem_comp_bond.atom_id_2 
_chem_comp_bond.value_order 
_chem_comp_bond.pdbx_aromatic_flag 
_chem_comp_bond.pdbx_stereo_config 
_chem_comp_bond.pdbx_ordinal 
ALA N   CA   sing N N 1   
ALA N   H    sing N N 2   
ALA N   H2   sing N N 3   
ALA CA  C    sing N N 4   
ALA CA  CB   sing N N 5   
ALA CA  HA   sing N N 6   
ALA C   O    doub N N 7   
ALA C   OXT  sing N N 8   
ALA CB  HB1  sing N N 9   
ALA CB  HB2  sing N N 10  
ALA CB  HB3  sing N N 11  
ALA OXT HXT  sing N N 12  
ARG N   CA   sing N N 13  
ARG N   H    sing N N 14  
ARG N   H2   sing N N 15  
ARG CA  C    sing N N 16  
ARG CA  CB   sing N N 17  
ARG CA  HA   sing N N 18  
ARG C   O    doub N N 19  
ARG C   OXT  sing N N 20  
ARG CB  CG   sing N N 21  
ARG CB  HB2  sing N N 22  
ARG CB  HB3  sing N N 23  
ARG CG  CD   sing N N 24  
ARG CG  HG2  sing N N 25  
ARG CG  HG3  sing N N 26  
ARG CD  NE   sing N N 27  
ARG CD  HD2  sing N N 28  
ARG CD  HD3  sing N N 29  
ARG NE  CZ   sing N N 30  
ARG NE  HE   sing N N 31  
ARG CZ  NH1  sing N N 32  
ARG CZ  NH2  doub N N 33  
ARG NH1 HH11 sing N N 34  
ARG NH1 HH12 sing N N 35  
ARG NH2 HH21 sing N N 36  
ARG NH2 HH22 sing N N 37  
ARG OXT HXT  sing N N 38  
ASN N   CA   sing N N 39  
ASN N   H    sing N N 40  
ASN N   H2   sing N N 41  
ASN CA  C    sing N N 42  
ASN CA  CB   sing N N 43  
ASN CA  HA   sing N N 44  
ASN C   O    doub N N 45  
ASN C   OXT  sing N N 46  
ASN CB  CG   sing N N 47  
ASN CB  HB2  sing N N 48  
ASN CB  HB3  sing N N 49  
ASN CG  OD1  doub N N 50  
ASN CG  ND2  sing N N 51  
ASN ND2 HD21 sing N N 52  
ASN ND2 HD22 sing N N 53  
ASN OXT HXT  sing N N 54  
ASP N   CA   sing N N 55  
ASP N   H    sing N N 56  
ASP N   H2   sing N N 57  
ASP CA  C    sing N N 58  
ASP CA  CB   sing N N 59  
ASP CA  HA   sing N N 60  
ASP C   O    doub N N 61  
ASP C   OXT  sing N N 62  
ASP CB  CG   sing N N 63  
ASP CB  HB2  sing N N 64  
ASP CB  HB3  sing N N 65  
ASP CG  OD1  doub N N 66  
ASP CG  OD2  sing N N 67  
ASP OD2 HD2  sing N N 68  
ASP OXT HXT  sing N N 69  
GLN N   CA   sing N N 70  
GLN N   H    sing N N 71  
GLN N   H2   sing N N 72  
GLN CA  C    sing N N 73  
GLN CA  CB   sing N N 74  
GLN CA  HA   sing N N 75  
GLN C   O    doub N N 76  
GLN C   OXT  sing N N 77  
GLN CB  CG   sing N N 78  
GLN CB  HB2  sing N N 79  
GLN CB  HB3  sing N N 80  
GLN CG  CD   sing N N 81  
GLN CG  HG2  sing N N 82  
GLN CG  HG3  sing N N 83  
GLN CD  OE1  doub N N 84  
GLN CD  NE2  sing N N 85  
GLN NE2 HE21 sing N N 86  
GLN NE2 HE22 sing N N 87  
GLN OXT HXT  sing N N 88  
GLU N   CA   sing N N 89  
GLU N   H    sing N N 90  
GLU N   H2   sing N N 91  
GLU CA  C    sing N N 92  
GLU CA  CB   sing N N 93  
GLU CA  HA   sing N N 94  
GLU C   O    doub N N 95  
GLU C   OXT  sing N N 96  
GLU CB  CG   sing N N 97  
GLU CB  HB2  sing N N 98  
GLU CB  HB3  sing N N 99  
GLU CG  CD   sing N N 100 
GLU CG  HG2  sing N N 101 
GLU CG  HG3  sing N N 102 
GLU CD  OE1  doub N N 103 
GLU CD  OE2  sing N N 104 
GLU OE2 HE2  sing N N 105 
GLU OXT HXT  sing N N 106 
GLY N   CA   sing N N 107 
GLY N   H    sing N N 108 
GLY N   H2   sing N N 109 
GLY CA  C    sing N N 110 
GLY CA  HA2  sing N N 111 
GLY CA  HA3  sing N N 112 
GLY C   O    doub N N 113 
GLY C   OXT  sing N N 114 
GLY OXT HXT  sing N N 115 
HIS N   CA   sing N N 116 
HIS N   H    sing N N 117 
HIS N   H2   sing N N 118 
HIS CA  C    sing N N 119 
HIS CA  CB   sing N N 120 
HIS CA  HA   sing N N 121 
HIS C   O    doub N N 122 
HIS C   OXT  sing N N 123 
HIS CB  CG   sing N N 124 
HIS CB  HB2  sing N N 125 
HIS CB  HB3  sing N N 126 
HIS CG  ND1  sing Y N 127 
HIS CG  CD2  doub Y N 128 
HIS ND1 CE1  doub Y N 129 
HIS ND1 HD1  sing N N 130 
HIS CD2 NE2  sing Y N 131 
HIS CD2 HD2  sing N N 132 
HIS CE1 NE2  sing Y N 133 
HIS CE1 HE1  sing N N 134 
HIS NE2 HE2  sing N N 135 
HIS OXT HXT  sing N N 136 
HOH O   H1   sing N N 137 
HOH O   H2   sing N N 138 
ILE N   CA   sing N N 139 
ILE N   H    sing N N 140 
ILE N   H2   sing N N 141 
ILE CA  C    sing N N 142 
ILE CA  CB   sing N N 143 
ILE CA  HA   sing N N 144 
ILE C   O    doub N N 145 
ILE C   OXT  sing N N 146 
ILE CB  CG1  sing N N 147 
ILE CB  CG2  sing N N 148 
ILE CB  HB   sing N N 149 
ILE CG1 CD1  sing N N 150 
ILE CG1 HG12 sing N N 151 
ILE CG1 HG13 sing N N 152 
ILE CG2 HG21 sing N N 153 
ILE CG2 HG22 sing N N 154 
ILE CG2 HG23 sing N N 155 
ILE CD1 HD11 sing N N 156 
ILE CD1 HD12 sing N N 157 
ILE CD1 HD13 sing N N 158 
ILE OXT HXT  sing N N 159 
LEU N   CA   sing N N 160 
LEU N   H    sing N N 161 
LEU N   H2   sing N N 162 
LEU CA  C    sing N N 163 
LEU CA  CB   sing N N 164 
LEU CA  HA   sing N N 165 
LEU C   O    doub N N 166 
LEU C   OXT  sing N N 167 
LEU CB  CG   sing N N 168 
LEU CB  HB2  sing N N 169 
LEU CB  HB3  sing N N 170 
LEU CG  CD1  sing N N 171 
LEU CG  CD2  sing N N 172 
LEU CG  HG   sing N N 173 
LEU CD1 HD11 sing N N 174 
LEU CD1 HD12 sing N N 175 
LEU CD1 HD13 sing N N 176 
LEU CD2 HD21 sing N N 177 
LEU CD2 HD22 sing N N 178 
LEU CD2 HD23 sing N N 179 
LEU OXT HXT  sing N N 180 
LYS N   CA   sing N N 181 
LYS N   H    sing N N 182 
LYS N   H2   sing N N 183 
LYS CA  C    sing N N 184 
LYS CA  CB   sing N N 185 
LYS CA  HA   sing N N 186 
LYS C   O    doub N N 187 
LYS C   OXT  sing N N 188 
LYS CB  CG   sing N N 189 
LYS CB  HB2  sing N N 190 
LYS CB  HB3  sing N N 191 
LYS CG  CD   sing N N 192 
LYS CG  HG2  sing N N 193 
LYS CG  HG3  sing N N 194 
LYS CD  CE   sing N N 195 
LYS CD  HD2  sing N N 196 
LYS CD  HD3  sing N N 197 
LYS CE  NZ   sing N N 198 
LYS CE  HE2  sing N N 199 
LYS CE  HE3  sing N N 200 
LYS NZ  HZ1  sing N N 201 
LYS NZ  HZ2  sing N N 202 
LYS NZ  HZ3  sing N N 203 
LYS OXT HXT  sing N N 204 
MET N   CA   sing N N 205 
MET N   H    sing N N 206 
MET N   H2   sing N N 207 
MET CA  C    sing N N 208 
MET CA  CB   sing N N 209 
MET CA  HA   sing N N 210 
MET C   O    doub N N 211 
MET C   OXT  sing N N 212 
MET CB  CG   sing N N 213 
MET CB  HB2  sing N N 214 
MET CB  HB3  sing N N 215 
MET CG  SD   sing N N 216 
MET CG  HG2  sing N N 217 
MET CG  HG3  sing N N 218 
MET SD  CE   sing N N 219 
MET CE  HE1  sing N N 220 
MET CE  HE2  sing N N 221 
MET CE  HE3  sing N N 222 
MET OXT HXT  sing N N 223 
PHE N   CA   sing N N 224 
PHE N   H    sing N N 225 
PHE N   H2   sing N N 226 
PHE CA  C    sing N N 227 
PHE CA  CB   sing N N 228 
PHE CA  HA   sing N N 229 
PHE C   O    doub N N 230 
PHE C   OXT  sing N N 231 
PHE CB  CG   sing N N 232 
PHE CB  HB2  sing N N 233 
PHE CB  HB3  sing N N 234 
PHE CG  CD1  doub Y N 235 
PHE CG  CD2  sing Y N 236 
PHE CD1 CE1  sing Y N 237 
PHE CD1 HD1  sing N N 238 
PHE CD2 CE2  doub Y N 239 
PHE CD2 HD2  sing N N 240 
PHE CE1 CZ   doub Y N 241 
PHE CE1 HE1  sing N N 242 
PHE CE2 CZ   sing Y N 243 
PHE CE2 HE2  sing N N 244 
PHE CZ  HZ   sing N N 245 
PHE OXT HXT  sing N N 246 
PRO N   CA   sing N N 247 
PRO N   CD   sing N N 248 
PRO N   H    sing N N 249 
PRO CA  C    sing N N 250 
PRO CA  CB   sing N N 251 
PRO CA  HA   sing N N 252 
PRO C   O    doub N N 253 
PRO C   OXT  sing N N 254 
PRO CB  CG   sing N N 255 
PRO CB  HB2  sing N N 256 
PRO CB  HB3  sing N N 257 
PRO CG  CD   sing N N 258 
PRO CG  HG2  sing N N 259 
PRO CG  HG3  sing N N 260 
PRO CD  HD2  sing N N 261 
PRO CD  HD3  sing N N 262 
PRO OXT HXT  sing N N 263 
SER N   CA   sing N N 264 
SER N   H    sing N N 265 
SER N   H2   sing N N 266 
SER CA  C    sing N N 267 
SER CA  CB   sing N N 268 
SER CA  HA   sing N N 269 
SER C   O    doub N N 270 
SER C   OXT  sing N N 271 
SER CB  OG   sing N N 272 
SER CB  HB2  sing N N 273 
SER CB  HB3  sing N N 274 
SER OG  HG   sing N N 275 
SER OXT HXT  sing N N 276 
THR N   CA   sing N N 277 
THR N   H    sing N N 278 
THR N   H2   sing N N 279 
THR CA  C    sing N N 280 
THR CA  CB   sing N N 281 
THR CA  HA   sing N N 282 
THR C   O    doub N N 283 
THR C   OXT  sing N N 284 
THR CB  OG1  sing N N 285 
THR CB  CG2  sing N N 286 
THR CB  HB   sing N N 287 
THR OG1 HG1  sing N N 288 
THR CG2 HG21 sing N N 289 
THR CG2 HG22 sing N N 290 
THR CG2 HG23 sing N N 291 
THR OXT HXT  sing N N 292 
TYR N   CA   sing N N 293 
TYR N   H    sing N N 294 
TYR N   H2   sing N N 295 
TYR CA  C    sing N N 296 
TYR CA  CB   sing N N 297 
TYR CA  HA   sing N N 298 
TYR C   O    doub N N 299 
TYR C   OXT  sing N N 300 
TYR CB  CG   sing N N 301 
TYR CB  HB2  sing N N 302 
TYR CB  HB3  sing N N 303 
TYR CG  CD1  doub Y N 304 
TYR CG  CD2  sing Y N 305 
TYR CD1 CE1  sing Y N 306 
TYR CD1 HD1  sing N N 307 
TYR CD2 CE2  doub Y N 308 
TYR CD2 HD2  sing N N 309 
TYR CE1 CZ   doub Y N 310 
TYR CE1 HE1  sing N N 311 
TYR CE2 CZ   sing Y N 312 
TYR CE2 HE2  sing N N 313 
TYR CZ  OH   sing N N 314 
TYR OH  HH   sing N N 315 
TYR OXT HXT  sing N N 316 
VAL N   CA   sing N N 317 
VAL N   H    sing N N 318 
VAL N   H2   sing N N 319 
VAL CA  C    sing N N 320 
VAL CA  CB   sing N N 321 
VAL CA  HA   sing N N 322 
VAL C   O    doub N N 323 
VAL C   OXT  sing N N 324 
VAL CB  CG1  sing N N 325 
VAL CB  CG2  sing N N 326 
VAL CB  HB   sing N N 327 
VAL CG1 HG11 sing N N 328 
VAL CG1 HG12 sing N N 329 
VAL CG1 HG13 sing N N 330 
VAL CG2 HG21 sing N N 331 
VAL CG2 HG22 sing N N 332 
VAL CG2 HG23 sing N N 333 
VAL OXT HXT  sing N N 334 
Y8X CAC CAD  doub Y N 335 
Y8X CAC CAB  sing Y N 336 
Y8X CAD CAE  sing Y N 337 
Y8X CAB CAA  doub Y N 338 
Y8X CAE NAH  sing N N 339 
Y8X CAE CAF  doub Y N 340 
Y8X NAH CAI  sing N N 341 
Y8X CAA CAF  sing Y N 342 
Y8X CAA CLAS sing N N 343 
Y8X CAF CAG  sing N N 344 
Y8X CAI CAK  sing N N 345 
Y8X CAI NAJ  sing N N 346 
Y8X CAM CAK  doub Y N 347 
Y8X CAM CAN  sing Y N 348 
Y8X CAK CAL  sing Y N 349 
Y8X CAN CAO  doub Y N 350 
Y8X CAL CAP  doub Y N 351 
Y8X CAO CAP  sing Y N 352 
Y8X CAP CAR  sing N N 353 
Y8X CAG NAJ  sing N N 354 
Y8X CAG OAQ  doub N N 355 
Y8X CAO H1   sing N N 356 
Y8X CAL H2   sing N N 357 
Y8X CAR H3   sing N N 358 
Y8X CAR H4   sing N N 359 
Y8X CAR H5   sing N N 360 
Y8X CAI H6   sing N N 361 
Y8X CAB H7   sing N N 362 
Y8X CAC H8   sing N N 363 
Y8X CAD H9   sing N N 364 
Y8X CAM H10  sing N N 365 
Y8X CAN H11  sing N N 366 
Y8X NAH H12  sing N N 367 
Y8X NAJ H13  sing N N 368 
# 
loop_
_pdbx_audit_support.funding_organization 
_pdbx_audit_support.country 
_pdbx_audit_support.grant_number 
_pdbx_audit_support.ordinal 
'National Institutes of Health/National Institute of General Medical Sciences (NIH/NIGMS)' 'United States' 'R35 GM128840' 1 
'American Heart Association'                                                               'United States' ?              2 
# 
_pdbx_initial_refinement_model.id               1 
_pdbx_initial_refinement_model.entity_id_list   ? 
_pdbx_initial_refinement_model.type             'experimental model' 
_pdbx_initial_refinement_model.source_name      PDB 
_pdbx_initial_refinement_model.accession_code   3HMF 
_pdbx_initial_refinement_model.details          ? 
# 
_space_group.name_H-M_alt     'C 1 2 1' 
_space_group.name_Hall        'C 2y' 
_space_group.IT_number        5 
_space_group.crystal_system   monoclinic 
_space_group.id               1 
# 
_atom_sites.entry_id                    8FTA 
_atom_sites.Cartn_transf_matrix[1][1]   ? 
_atom_sites.Cartn_transf_matrix[1][2]   ? 
_atom_sites.Cartn_transf_matrix[1][3]   ? 
_atom_sites.Cartn_transf_matrix[2][1]   ? 
_atom_sites.Cartn_transf_matrix[2][2]   ? 
_atom_sites.Cartn_transf_matrix[2][3]   ? 
_atom_sites.Cartn_transf_matrix[3][1]   ? 
_atom_sites.Cartn_transf_matrix[3][2]   ? 
_atom_sites.Cartn_transf_matrix[3][3]   ? 
_atom_sites.Cartn_transf_vector[1]      ? 
_atom_sites.Cartn_transf_vector[2]      ? 
_atom_sites.Cartn_transf_vector[3]      ? 
_atom_sites.fract_transf_matrix[1][1]   -0.00360407 
_atom_sites.fract_transf_matrix[1][2]   -0.00303740 
_atom_sites.fract_transf_matrix[1][3]   0.01094961 
_atom_sites.fract_transf_matrix[2][1]   -0.01868596 
_atom_sites.fract_transf_matrix[2][2]   0.00659766 
_atom_sites.fract_transf_matrix[2][3]   -0.00432033 
_atom_sites.fract_transf_matrix[3][1]   -0.00851621 
_atom_sites.fract_transf_matrix[3][2]   -0.02818109 
_atom_sites.fract_transf_matrix[3][3]   -0.00620222 
_atom_sites.fract_transf_vector[1]      -0.147602 
_atom_sites.fract_transf_vector[2]      -0.339917 
_atom_sites.fract_transf_vector[3]      0.331883 
_atom_sites.solution_primary            ? 
_atom_sites.solution_secondary          ? 
_atom_sites.solution_hydrogens          ? 
_atom_sites.special_details             ? 
# 
loop_
_atom_type.symbol 
_atom_type.scat_dispersion_real 
_atom_type.scat_dispersion_imag 
_atom_type.scat_Cromer_Mann_a1 
_atom_type.scat_Cromer_Mann_a2 
_atom_type.scat_Cromer_Mann_a3 
_atom_type.scat_Cromer_Mann_a4 
_atom_type.scat_Cromer_Mann_b1 
_atom_type.scat_Cromer_Mann_b2 
_atom_type.scat_Cromer_Mann_b3 
_atom_type.scat_Cromer_Mann_b4 
_atom_type.scat_Cromer_Mann_c 
_atom_type.scat_source 
_atom_type.scat_dispersion_source 
C  ? ? 3.54356  2.42580 ? ? 25.62398 1.50364  ? ? 0.0 
;2-Gaussian fit: Grosse-Kunstleve RW, Sauter NK, Adams PD: Newsletter of the IUCr Commission on Crystallographic Computing 2004, 3, 22-31.
;
? 
CL ? ? 9.50761  7.44341 ? ? 1.04373  23.83732 ? ? 0.0 
;2-Gaussian fit: Grosse-Kunstleve RW, Sauter NK, Adams PD: Newsletter of the IUCr Commission on Crystallographic Computing 2004, 3, 22-31.
;
? 
N  ? ? 4.01032  2.96436 ? ? 19.97189 1.75589  ? ? 0.0 
;2-Gaussian fit: Grosse-Kunstleve RW, Sauter NK, Adams PD: Newsletter of the IUCr Commission on Crystallographic Computing 2004, 3, 22-31.
;
? 
O  ? ? 4.49882  3.47563 ? ? 15.80542 1.70748  ? ? 0.0 
;2-Gaussian fit: Grosse-Kunstleve RW, Sauter NK, Adams PD: Newsletter of the IUCr Commission on Crystallographic Computing 2004, 3, 22-31.
;
? 
S  ? ? 9.55732  6.39887 ? ? 1.23737  29.19336 ? ? 0.0 
;2-Gaussian fit: Grosse-Kunstleve RW, Sauter NK, Adams PD: Newsletter of the IUCr Commission on Crystallographic Computing 2004, 3, 22-31.
;
? 
ZN ? ? 24.64596 5.25405 ? ? 2.14387  29.76375 ? ? 0.0 
;2-Gaussian fit: Grosse-Kunstleve RW, Sauter NK, Adams PD: Newsletter of the IUCr Commission on Crystallographic Computing 2004, 3, 22-31.
;
? 
# 
loop_
_atom_site.group_PDB 
_atom_site.id 
_atom_site.type_symbol 
_atom_site.label_atom_id 
_atom_site.label_alt_id 
_atom_site.label_comp_id 
_atom_site.label_asym_id 
_atom_site.label_entity_id 
_atom_site.label_seq_id 
_atom_site.pdbx_PDB_ins_code 
_atom_site.Cartn_x 
_atom_site.Cartn_y 
_atom_site.Cartn_z 
_atom_site.occupancy 
_atom_site.B_iso_or_equiv 
_atom_site.pdbx_formal_charge 
_atom_site.auth_seq_id 
_atom_site.auth_comp_id 
_atom_site.auth_asym_id 
_atom_site.auth_atom_id 
_atom_site.pdbx_PDB_model_num 
ATOM   1    N  N    . SER A 1 1   ? -21.56108 9.86379   7.93608   1.000 57.45722 ? 176 SER A N    1 
ATOM   2    C  CA   . SER A 1 1   ? -21.20955 10.43945  6.64227   1.000 55.42407 ? 176 SER A CA   1 
ATOM   3    C  C    . SER A 1 1   ? -19.98423 11.34985  6.76548   1.000 49.60256 ? 176 SER A C    1 
ATOM   4    O  O    . SER A 1 1   ? -20.10578 12.55286  7.02048   1.000 48.30331 ? 176 SER A O    1 
ATOM   5    C  CB   . SER A 1 1   ? -22.39672 11.21229  6.06083   1.000 57.07954 ? 176 SER A CB   1 
ATOM   6    O  OG   . SER A 1 1   ? -22.06337 11.80518  4.81559   1.000 59.56961 ? 176 SER A OG   1 
ATOM   7    N  N    . MET A 1 2   ? -18.80345 10.77648  6.59004   1.000 44.35930 ? 177 MET A N    1 
ATOM   8    C  CA   . MET A 1 2   ? -17.59963 11.56670  6.72130   1.000 37.97027 ? 177 MET A CA   1 
ATOM   9    C  C    . MET A 1 2   ? -17.40592 12.56758  5.62334   1.000 32.90800 ? 177 MET A C    1 
ATOM   10   O  O    . MET A 1 2   ? -17.62661 12.27611  4.46150   1.000 33.30742 ? 177 MET A O    1 
ATOM   11   C  CB   . MET A 1 2   ? -16.34075 10.70068  6.66720   1.000 36.19140 ? 177 MET A CB   1 
ATOM   12   C  CG   . MET A 1 2   ? -16.02449 9.84415   7.86429   1.000 42.60653 ? 177 MET A CG   1 
ATOM   13   S  SD   . MET A 1 2   ? -14.67930 8.77518   7.34289   1.000 41.93949 ? 177 MET A SD   1 
ATOM   14   C  CE   . MET A 1 2   ? -13.58232 8.92154   8.73696   1.000 41.46922 ? 177 MET A CE   1 
ATOM   15   N  N    . SER A 1 3   ? -16.95432 13.74015  5.99126   1.000 26.14927 ? 178 SER A N    1 
ATOM   16   C  CA   . SER A 1 3   ? -16.59492 14.72010  5.01315   1.000 27.06762 ? 178 SER A CA   1 
ATOM   17   C  C    . SER A 1 3   ? -15.34752 14.29061  4.26226   1.000 22.66133 ? 178 SER A C    1 
ATOM   18   O  O    . SER A 1 3   ? -14.57104 13.50057  4.75813   1.000 24.79598 ? 178 SER A O    1 
ATOM   19   C  CB   . SER A 1 3   ? -16.23014 15.99245  5.72115   1.000 26.61906 ? 178 SER A CB   1 
ATOM   20   O  OG   . SER A 1 3   ? -15.08829 15.83181  6.52276   1.000 27.93956 ? 178 SER A OG   1 
ATOM   21   N  N    . PRO A 1 4   ? -15.16266 14.82686  3.06107   1.000 22.61988 ? 179 PRO A N    1 
ATOM   22   C  CA   . PRO A 1 4   ? -13.89254 14.52892  2.38464   1.000 22.54643 ? 179 PRO A CA   1 
ATOM   23   C  C    . PRO A 1 4   ? -12.67979 14.85925  3.23498   1.000 21.75868 ? 179 PRO A C    1 
ATOM   24   O  O    . PRO A 1 4   ? -11.69712 14.11040  3.20241   1.000 20.95128 ? 179 PRO A O    1 
ATOM   25   C  CB   . PRO A 1 4   ? -13.96775 15.39289  1.11868   1.000 24.87882 ? 179 PRO A CB   1 
ATOM   26   C  CG   . PRO A 1 4   ? -15.43409 15.48498  0.84125   1.000 25.06859 ? 179 PRO A CG   1 
ATOM   27   C  CD   . PRO A 1 4   ? -16.08924 15.57858  2.19351   1.000 24.44853 ? 179 PRO A CD   1 
ATOM   28   N  N    . ALA A 1 5   ? -12.72741 15.94798  4.01445   1.000 21.64919 ? 180 ALA A N    1 
ATOM   29   C  CA   . ALA A 1 5   ? -11.56630 16.33749  4.81234   1.000 18.22835 ? 180 ALA A CA   1 
ATOM   30   C  C    . ALA A 1 5   ? -11.30927 15.34443  5.93981   1.000 17.82722 ? 180 ALA A C    1 
ATOM   31   O  O    . ALA A 1 5   ? -10.15825 15.00894  6.22812   1.000 16.58583 ? 180 ALA A O    1 
ATOM   32   C  CB   . ALA A 1 5   ? -11.76383 17.74388  5.38263   1.000 20.81904 ? 180 ALA A CB   1 
ATOM   33   N  N    . TYR A 1 6   ? -12.34973 14.86607  6.57812   1.000 16.70118 ? 181 TYR A N    1 
ATOM   34   C  CA   . TYR A 1 6   ? -12.17416 13.85746  7.61162   1.000 19.19032 ? 181 TYR A CA   1 
ATOM   35   C  C    . TYR A 1 6   ? -11.61761 12.55642  7.01554   1.000 19.84380 ? 181 TYR A C    1 
ATOM   36   O  O    . TYR A 1 6   ? -10.67770 11.97824  7.51773   1.000 16.23065 ? 181 TYR A O    1 
ATOM   37   C  CB   . TYR A 1 6   ? -13.49061 13.58848  8.30811   1.000 22.58859 ? 181 TYR A CB   1 
ATOM   38   C  CG   . TYR A 1 6   ? -13.42117 12.65542  9.49816   1.000 31.96619 ? 181 TYR A CG   1 
ATOM   39   C  CD1  . TYR A 1 6   ? -12.21162 12.29796  10.06788  1.000 36.74002 ? 181 TYR A CD1  1 
ATOM   40   C  CD2  . TYR A 1 6   ? -14.57553 12.14041  10.05677  1.000 41.11056 ? 181 TYR A CD2  1 
ATOM   41   C  CE1  . TYR A 1 6   ? -12.15690 11.44484  11.15263  1.000 39.54647 ? 181 TYR A CE1  1 
ATOM   42   C  CE2  . TYR A 1 6   ? -14.52936 11.29008  11.14056  1.000 43.19202 ? 181 TYR A CE2  1 
ATOM   43   C  CZ   . TYR A 1 6   ? -13.31751 10.94393  11.68000  1.000 41.97316 ? 181 TYR A CZ   1 
ATOM   44   O  OH   . TYR A 1 6   ? -13.27826 10.09960  12.76058  1.000 41.13091 ? 181 TYR A OH   1 
ATOM   45   N  N    . LEU A 1 7   ? -12.23971 12.12336  5.92767   1.000 17.50723 ? 182 LEU A N    1 
ATOM   46   C  CA   . LEU A 1 7   ? -11.76674 10.89400  5.30019   1.000 16.37509 ? 182 LEU A CA   1 
ATOM   47   C  C    . LEU A 1 7   ? -10.29529 11.00862  4.93699   1.000 15.02344 ? 182 LEU A C    1 
ATOM   48   O  O    . LEU A 1 7   ? -9.52695  10.06954  5.15592   1.000 15.87561 ? 182 LEU A O    1 
ATOM   49   C  CB   . LEU A 1 7   ? -12.60402 10.56285  4.05928   1.000 17.07388 ? 182 LEU A CB   1 
ATOM   50   C  CG   . LEU A 1 7   ? -12.04880 9.44887   3.15840   1.000 19.59306 ? 182 LEU A CG   1 
ATOM   51   C  CD1  . LEU A 1 7   ? -11.96502 8.11568   3.89606   1.000 20.94170 ? 182 LEU A CD1  1 
ATOM   52   C  CD2  . LEU A 1 7   ? -12.86735 9.26797   1.86877   1.000 18.05906 ? 182 LEU A CD2  1 
ATOM   53   N  N    . LYS A 1 8   ? -9.88103  12.16213  4.39981   1.000 14.02682 ? 183 LYS A N    1 
ATOM   54   C  CA   . LYS A 1 8   ? -8.47965  12.33468  4.01026   1.000 12.70672 ? 183 LYS A CA   1 
ATOM   55   C  C    . LYS A 1 8   ? -7.54731  12.11849  5.19189   1.000 13.30794 ? 183 LYS A C    1 
ATOM   56   O  O    . LYS A 1 8   ? -6.50305  11.46367  5.06467   1.000 13.85560 ? 183 LYS A O    1 
ATOM   57   C  CB   . LYS A 1 8   ? -8.24697  13.72883  3.41004   1.000 13.17695 ? 183 LYS A CB   1 
ATOM   58   C  CG   . LYS A 1 8   ? -6.78329  13.91200  2.96916   1.000 12.73326 ? 183 LYS A CG   1 
ATOM   59   C  CD   . LYS A 1 8   ? -6.53365  15.20867  2.24526   1.000 14.75227 ? 183 LYS A CD   1 
ATOM   60   C  CE   . LYS A 1 8   ? -5.10623  15.23979  1.69615   1.000 14.96911 ? 183 LYS A CE   1 
ATOM   61   N  NZ   . LYS A 1 8   ? -4.80240  16.60087  1.07570   1.000 19.50687 ? 183 LYS A NZ   1 
ATOM   62   N  N    . GLU A 1 9   ? -7.89785  12.66625  6.35681   1.000 14.62270 ? 184 GLU A N    1 
ATOM   63   C  CA   . GLU A 1 9   ? -7.02380  12.50680  7.51103   1.000 14.54913 ? 184 GLU A CA   1 
ATOM   64   C  C    . GLU A 1 9   ? -6.88307  11.04363  7.90246   1.000 15.05252 ? 184 GLU A C    1 
ATOM   65   O  O    . GLU A 1 9   ? -5.79332  10.60319  8.28613   1.000 14.71728 ? 184 GLU A O    1 
ATOM   66   C  CB   . GLU A 1 9   ? -7.54914  13.32757  8.68933   1.000 14.92421 ? 184 GLU A CB   1 
ATOM   67   C  CG   . GLU A 1 9   ? -7.44678  14.83283  8.43743   1.000 17.68416 ? 184 GLU A CG   1 
ATOM   68   C  CD   . GLU A 1 9   ? -6.03979  15.24913  8.05321   1.000 18.62170 ? 184 GLU A CD   1 
ATOM   69   O  OE1  . GLU A 1 9   ? -5.07941  14.89251  8.78175   1.000 18.34554 ? 184 GLU A OE1  1 
ATOM   70   O  OE2  . GLU A 1 9   ? -5.88265  15.92836  7.01656   1.000 17.44839 ? 184 GLU A OE2  1 
ATOM   71   N  N    . ILE A 1 10  ? -7.97181  10.27061  7.80671   1.000 15.65382 ? 185 ILE A N    1 
ATOM   72   C  CA   . ILE A 1 10  ? -7.88535  8.84137   8.11850   1.000 14.37920 ? 185 ILE A CA   1 
ATOM   73   C  C    . ILE A 1 10  ? -6.98000  8.14009   7.12216   1.000 14.62212 ? 185 ILE A C    1 
ATOM   74   O  O    . ILE A 1 10  ? -6.12485  7.32657   7.49545   1.000 15.31850 ? 185 ILE A O    1 
ATOM   75   C  CB   . ILE A 1 10  ? -9.28437  8.20049   8.13940   1.000 13.00042 ? 185 ILE A CB   1 
ATOM   76   C  CG1  . ILE A 1 10  ? -10.12323 8.79821   9.26274   1.000 20.01312 ? 185 ILE A CG1  1 
ATOM   77   C  CG2  . ILE A 1 10  ? -9.15778  6.67846   8.34718   1.000 14.28610 ? 185 ILE A CG2  1 
ATOM   78   C  CD1  . ILE A 1 10  ? -9.39059  8.87792   10.57225  1.000 28.35801 ? 185 ILE A CD1  1 
ATOM   79   N  N    . LEU A 1 11  ? -7.17600  8.41823   5.82674   1.000 14.11973 ? 186 LEU A N    1 
ATOM   80   C  CA   . LEU A 1 11  ? -6.35302  7.78212   4.80265   1.000 13.22134 ? 186 LEU A CA   1 
ATOM   81   C  C    . LEU A 1 11  ? -4.87927  8.12425   4.96937   1.000 14.44301 ? 186 LEU A C    1 
ATOM   82   O  O    . LEU A 1 11  ? -4.00993  7.26178   4.78399   1.000 14.65302 ? 186 LEU A O    1 
ATOM   83   C  CB   . LEU A 1 11  ? -6.83998  8.18755   3.41083   1.000 13.53660 ? 186 LEU A CB   1 
ATOM   84   C  CG   . LEU A 1 11  ? -8.29542  7.81829   3.10941   1.000 15.90697 ? 186 LEU A CG   1 
ATOM   85   C  CD1  . LEU A 1 11  ? -8.63626  8.17056   1.66636   1.000 18.19602 ? 186 LEU A CD1  1 
ATOM   86   C  CD2  . LEU A 1 11  ? -8.61564  6.34400   3.37905   1.000 16.77073 ? 186 LEU A CD2  1 
ATOM   87   N  N    . GLU A 1 12  ? -4.57856  9.38049   5.32434   1.000 13.65735 ? 187 GLU A N    1 
ATOM   88   C  CA   . GLU A 1 12  ? -3.19204  9.77944   5.54668   1.000 13.12548 ? 187 GLU A CA   1 
ATOM   89   C  C    . GLU A 1 12  ? -2.58228  9.03080   6.71887   1.000 15.20882 ? 187 GLU A C    1 
ATOM   90   O  O    . GLU A 1 12  ? -1.40230  8.67255   6.68759   1.000 16.73756 ? 187 GLU A O    1 
ATOM   91   C  CB   . GLU A 1 12  ? -3.11447  11.28045  5.79929   1.000 15.87074 ? 187 GLU A CB   1 
ATOM   92   C  CG   . GLU A 1 12  ? -3.35030  12.11957  4.55633   1.000 14.92764 ? 187 GLU A CG   1 
ATOM   93   C  CD   . GLU A 1 12  ? -3.30118  13.58442  4.88614   1.000 17.64053 ? 187 GLU A CD   1 
ATOM   94   O  OE1  . GLU A 1 12  ? -4.12157  13.99742  5.73199   1.000 14.81413 ? 187 GLU A OE1  1 
ATOM   95   O  OE2  . GLU A 1 12  ? -2.45523  14.30074  4.31170   1.000 19.95584 ? 187 GLU A OE2  1 
ATOM   96   N  N    . GLN A 1 13  ? -3.36478  8.82465   7.77920   1.000 15.24654 ? 188 GLN A N    1 
ATOM   97   C  CA   . GLN A 1 13  ? -2.86859  8.08187   8.93515   1.000 15.08230 ? 188 GLN A CA   1 
ATOM   98   C  C    . GLN A 1 13  ? -2.57832  6.63156   8.56802   1.000 15.39632 ? 188 GLN A C    1 
ATOM   99   O  O    . GLN A 1 13  ? -1.61097  6.04105   9.05944   1.000 16.76695 ? 188 GLN A O    1 
ATOM   100  C  CB   . GLN A 1 13  ? -3.89651  8.15290   10.05778  1.000 17.24463 ? 188 GLN A CB   1 
ATOM   101  C  CG   . GLN A 1 13  ? -3.90096  9.52280   10.73251  1.000 21.05269 ? 188 GLN A CG   1 
ATOM   102  C  CD   . GLN A 1 13  ? -5.05012  9.69722   11.68770  1.000 28.51207 ? 188 GLN A CD   1 
ATOM   103  O  OE1  . GLN A 1 13  ? -5.49317  8.73805   12.31756  1.000 30.06608 ? 188 GLN A OE1  1 
ATOM   104  N  NE2  . GLN A 1 13  ? -5.50759  10.94139  11.84824  1.000 33.28423 ? 188 GLN A NE2  1 
ATOM   105  N  N    . LEU A 1 14  ? -3.42628  6.03568   7.72482   1.000 14.73699 ? 189 LEU A N    1 
ATOM   106  C  CA   . LEU A 1 14  ? -3.19432  4.66405   7.28404   1.000 14.90988 ? 189 LEU A CA   1 
ATOM   107  C  C    . LEU A 1 14  ? -1.92125  4.56882   6.45376   1.000 14.82636 ? 189 LEU A C    1 
ATOM   108  O  O    . LEU A 1 14  ? -1.08473  3.68243   6.66956   1.000 15.53577 ? 189 LEU A O    1 
ATOM   109  C  CB   . LEU A 1 14  ? -4.40419  4.17701   6.49176   1.000 12.47982 ? 189 LEU A CB   1 
ATOM   110  C  CG   . LEU A 1 14  ? -5.63095  3.95451   7.39236   1.000 16.55975 ? 189 LEU A CG   1 
ATOM   111  C  CD1  . LEU A 1 14  ? -6.90789  3.90395   6.54741   1.000 14.60264 ? 189 LEU A CD1  1 
ATOM   112  C  CD2  . LEU A 1 14  ? -5.46745  2.64595   8.16086   1.000 16.23221 ? 189 LEU A CD2  1 
ATOM   113  N  N    . LEU A 1 15  ? -1.75116  5.48487   5.50208   1.000 13.63972 ? 190 LEU A N    1 
ATOM   114  C  CA   . LEU A 1 15  ? -0.52590  5.50030   4.69546   1.000 14.36815 ? 190 LEU A CA   1 
ATOM   115  C  C    . LEU A 1 15  ? 0.70288   5.75326   5.56491   1.000 16.48959 ? 190 LEU A C    1 
ATOM   116  O  O    . LEU A 1 15  ? 1.74717   5.11636   5.38045   1.000 17.39045 ? 190 LEU A O    1 
ATOM   117  C  CB   . LEU A 1 15  ? -0.63202  6.58181   3.61375   1.000 15.71344 ? 190 LEU A CB   1 
ATOM   118  C  CG   . LEU A 1 15  ? 0.57827   6.74189   2.67495   1.000 18.16890 ? 190 LEU A CG   1 
ATOM   119  C  CD1  . LEU A 1 15  ? 0.87772   5.44886   1.95898   1.000 18.99108 ? 190 LEU A CD1  1 
ATOM   120  C  CD2  . LEU A 1 15  ? 0.33356   7.88059   1.68378   1.000 23.47673 ? 190 LEU A CD2  1 
ATOM   121  N  N    . GLU A 1 16  ? 0.59055   6.67160   6.52831   1.000 16.74504 ? 191 GLU A N    1 
ATOM   122  C  CA   . GLU A 1 16  ? 1.70899   6.94424   7.43559   1.000 18.03999 ? 191 GLU A CA   1 
ATOM   123  C  C    . GLU A 1 16  ? 2.14386   5.68237   8.16262   1.000 18.73725 ? 191 GLU A C    1 
ATOM   124  O  O    . GLU A 1 16  ? 3.34327   5.40450   8.28274   1.000 19.98045 ? 191 GLU A O    1 
ATOM   125  C  CB   . GLU A 1 16  ? 1.31484   8.02456   8.44283   1.000 19.94745 ? 191 GLU A CB   1 
ATOM   126  C  CG   . GLU A 1 16  ? 2.44162   8.72398   9.24284   1.000 25.73867 ? 191 GLU A CG   1 
ATOM   127  C  CD   . GLU A 1 16  ? 3.67926   9.12289   8.44251   1.000 30.53375 ? 191 GLU A CD   1 
ATOM   128  O  OE1  . GLU A 1 16  ? 3.56868   9.49871   7.25540   1.000 32.42289 ? 191 GLU A OE1  1 
ATOM   129  O  OE2  . GLU A 1 16  ? 4.77017   9.15494   9.04978   1.000 43.46038 ? 191 GLU A OE2  1 
ATOM   130  N  N    . ALA A 1 17  ? 1.17585   4.90466   8.65487   1.000 15.79217 ? 192 ALA A N    1 
ATOM   131  C  CA   . ALA A 1 17  ? 1.51543   3.67613   9.36611   1.000 15.78566 ? 192 ALA A CA   1 
ATOM   132  C  C    . ALA A 1 17  ? 2.31644   2.73649   8.48525   1.000 20.02427 ? 192 ALA A C    1 
ATOM   133  O  O    . ALA A 1 17  ? 3.23375   2.05878   8.96134   1.000 18.96771 ? 192 ALA A O    1 
ATOM   134  C  CB   . ALA A 1 17  ? 0.24945   2.97353   9.85344   1.000 20.50853 ? 192 ALA A CB   1 
ATOM   135  N  N    . ILE A 1 18  ? 1.95514   2.65617   7.20707   1.000 16.60993 ? 193 ILE A N    1 
ATOM   136  C  CA   . ILE A 1 18  ? 2.66585   1.79810   6.26391   1.000 16.05449 ? 193 ILE A CA   1 
ATOM   137  C  C    . ILE A 1 18  ? 4.09557   2.28631   6.06018   1.000 19.31072 ? 193 ILE A C    1 
ATOM   138  O  O    . ILE A 1 18  ? 5.04535   1.48751   6.02317   1.000 19.74580 ? 193 ILE A O    1 
ATOM   139  C  CB   . ILE A 1 18  ? 1.91462   1.75239   4.92242   1.000 15.54847 ? 193 ILE A CB   1 
ATOM   140  C  CG1  . ILE A 1 18  ? 0.62252   0.92119   5.02587   1.000 15.10084 ? 193 ILE A CG1  1 
ATOM   141  C  CG2  . ILE A 1 18  ? 2.81068   1.20038   3.82334   1.000 17.40953 ? 193 ILE A CG2  1 
ATOM   142  C  CD1  . ILE A 1 18  ? -0.27545  1.12842   3.80864   1.000 14.82499 ? 193 ILE A CD1  1 
ATOM   143  N  N    . VAL A 1 19  ? 4.26714   3.59218   5.83823   1.000 17.01104 ? 194 VAL A N    1 
ATOM   144  C  CA   . VAL A 1 19  ? 5.57130   4.07331   5.37338   1.000 21.20478 ? 194 VAL A CA   1 
ATOM   145  C  C    . VAL A 1 19  ? 6.56545   4.32073   6.49802   1.000 26.99219 ? 194 VAL A C    1 
ATOM   146  O  O    . VAL A 1 19  ? 7.74995   4.51489   6.21107   1.000 26.85542 ? 194 VAL A O    1 
ATOM   147  C  CB   . VAL A 1 19  ? 5.46210   5.35662   4.52865   1.000 22.16085 ? 194 VAL A CB   1 
ATOM   148  C  CG1  . VAL A 1 19  ? 4.60223   5.10513   3.28178   1.000 21.00782 ? 194 VAL A CG1  1 
ATOM   149  C  CG2  . VAL A 1 19  ? 4.91453   6.49236   5.36866   1.000 22.99213 ? 194 VAL A CG2  1 
ATOM   150  N  N    . VAL A 1 20  ? 6.14121   4.29376   7.77063   1.000 22.76456 ? 195 VAL A N    1 
ATOM   151  C  CA   . VAL A 1 20  ? 7.11480   4.33332   8.86866   1.000 24.20048 ? 195 VAL A CA   1 
ATOM   152  C  C    . VAL A 1 20  ? 7.44627   2.96441   9.43817   1.000 26.21115 ? 195 VAL A C    1 
ATOM   153  O  O    . VAL A 1 20  ? 8.34172   2.86409   10.29436  1.000 27.55629 ? 195 VAL A O    1 
ATOM   154  C  CB   . VAL A 1 20  ? 6.65829   5.20637   10.05443  1.000 25.19785 ? 195 VAL A CB   1 
ATOM   155  C  CG1  . VAL A 1 20  ? 6.34370   6.60812   9.58414   1.000 27.93491 ? 195 VAL A CG1  1 
ATOM   156  C  CG2  . VAL A 1 20  ? 5.47144   4.57119   10.77194  1.000 24.65939 ? 195 VAL A CG2  1 
ATOM   157  N  N    . ALA A 1 21  ? 6.75361   1.91445   9.00912   1.000 22.74398 ? 196 ALA A N    1 
ATOM   158  C  CA   . ALA A 1 21  ? 6.94840   0.58894   9.57883   1.000 24.45209 ? 196 ALA A CA   1 
ATOM   159  C  C    . ALA A 1 21  ? 8.32168   0.03187   9.21537   1.000 30.24561 ? 196 ALA A C    1 
ATOM   160  O  O    . ALA A 1 21  ? 8.75130   0.09943   8.05658   1.000 30.56780 ? 196 ALA A O    1 
ATOM   161  C  CB   . ALA A 1 21  ? 5.84756   -0.34843  9.09196   1.000 24.93431 ? 196 ALA A CB   1 
ATOM   162  N  N    . THR A 1 22  ? 9.01196   -0.52250  10.20920  1.000 32.33293 ? 197 THR A N    1 
ATOM   163  C  CA   . THR A 1 22  ? 10.33623  -1.08682  10.00908  1.000 37.92762 ? 197 THR A CA   1 
ATOM   164  C  C    . THR A 1 22  ? 10.34917  -2.55434  10.41138  1.000 38.29516 ? 197 THR A C    1 
ATOM   165  O  O    . THR A 1 22  ? 9.58549   -2.98656  11.27979  1.000 42.73475 ? 197 THR A O    1 
ATOM   166  C  CB   . THR A 1 22  ? 11.41972  -0.32296  10.80366  1.000 38.63445 ? 197 THR A CB   1 
ATOM   167  O  OG1  . THR A 1 22  ? 11.07777  -0.29182  12.19403  1.000 40.53998 ? 197 THR A OG1  1 
ATOM   168  C  CG2  . THR A 1 22  ? 11.57697  1.10004   10.28262  1.000 37.72358 ? 197 THR A CG2  1 
ATOM   169  N  N    . ASN A 1 23  ? 11.21800  -3.31746  9.74617   1.000 44.21526 ? 198 ASN A N    1 
ATOM   170  C  CA   . ASN A 1 23  ? 11.48883  -4.70239  10.09344  1.000 45.74885 ? 198 ASN A CA   1 
ATOM   171  C  C    . ASN A 1 23  ? 12.30276  -4.74250  11.38948  1.000 49.43762 ? 198 ASN A C    1 
ATOM   172  O  O    . ASN A 1 23  ? 12.77728  -3.70595  11.86366  1.000 50.29055 ? 198 ASN A O    1 
ATOM   173  C  CB   . ASN A 1 23  ? 12.22320  -5.38644  8.93341   1.000 49.53276 ? 198 ASN A CB   1 
ATOM   174  C  CG   . ASN A 1 23  ? 11.27014  -6.02608  7.92405   1.000 49.54738 ? 198 ASN A CG   1 
ATOM   175  O  OD1  . ASN A 1 23  ? 10.21190  -6.54899  8.28958   1.000 50.55713 ? 198 ASN A OD1  1 
ATOM   176  N  ND2  . ASN A 1 23  ? 11.64559  -5.98656  6.64686   1.000 45.81748 ? 198 ASN A ND2  1 
ATOM   177  N  N    . PRO A 1 24  ? 12.46913  -5.92127  12.00572  1.000 50.53161 ? 199 PRO A N    1 
ATOM   178  C  CA   . PRO A 1 24  ? 13.30790  -5.98890  13.21805  1.000 52.38591 ? 199 PRO A CA   1 
ATOM   179  C  C    . PRO A 1 24  ? 14.71497  -5.46468  12.99823  1.000 54.54497 ? 199 PRO A C    1 
ATOM   180  O  O    . PRO A 1 24  ? 15.35784  -5.02734  13.96056  1.000 56.76555 ? 199 PRO A O    1 
ATOM   181  C  CB   . PRO A 1 24  ? 13.31801  -7.48429  13.56656  1.000 55.60779 ? 199 PRO A CB   1 
ATOM   182  C  CG   . PRO A 1 24  ? 12.10043  -8.04178  12.92067  1.000 56.27848 ? 199 PRO A CG   1 
ATOM   183  C  CD   . PRO A 1 24  ? 11.88763  -7.23781  11.66995  1.000 52.19562 ? 199 PRO A CD   1 
ATOM   184  N  N    . SER A 1 25  ? 15.20259  -5.47759  11.75675  1.000 57.28255 ? 200 SER A N    1 
ATOM   185  C  CA   . SER A 1 25  ? 16.51829  -4.95348  11.42032  1.000 54.79499 ? 200 SER A CA   1 
ATOM   186  C  C    . SER A 1 25  ? 16.53640  -3.43810  11.24783  1.000 57.55542 ? 200 SER A C    1 
ATOM   187  O  O    . SER A 1 25  ? 17.62234  -2.86272  11.10552  1.000 55.61626 ? 200 SER A O    1 
ATOM   188  C  CB   . SER A 1 25  ? 17.02552  -5.62942  10.14248  1.000 55.62450 ? 200 SER A CB   1 
ATOM   189  O  OG   . SER A 1 25  ? 15.99594  -5.72038  9.17053   1.000 60.67759 ? 200 SER A OG   1 
ATOM   190  N  N    . GLY A 1 26  ? 15.37325  -2.78064  11.25951  1.000 53.24846 ? 201 GLY A N    1 
ATOM   191  C  CA   . GLY A 1 26  ? 15.29101  -1.33960  11.12117  1.000 47.59944 ? 201 GLY A CA   1 
ATOM   192  C  C    . GLY A 1 26  ? 15.00715  -0.84338  9.72193   1.000 43.17202 ? 201 GLY A C    1 
ATOM   193  O  O    . GLY A 1 26  ? 14.88532  0.37287   9.52423   1.000 43.97189 ? 201 GLY A O    1 
ATOM   194  N  N    . ARG A 1 27  ? 14.89999  -1.73886  8.74748   1.000 43.66402 ? 202 ARG A N    1 
ATOM   195  C  CA   . ARG A 1 27  ? 14.66024  -1.34066  7.36924   1.000 43.18143 ? 202 ARG A CA   1 
ATOM   196  C  C    . ARG A 1 27  ? 13.17820  -1.04776  7.15656   1.000 39.66324 ? 202 ARG A C    1 
ATOM   197  O  O    . ARG A 1 27  ? 12.31313  -1.77654  7.65382   1.000 36.21610 ? 202 ARG A O    1 
ATOM   198  C  CB   . ARG A 1 27  ? 15.12910  -2.44469  6.42047   1.000 44.14370 ? 202 ARG A CB   1 
ATOM   199  C  CG   . ARG A 1 27  ? 15.69752  -1.94322  5.11745   1.000 46.09569 ? 202 ARG A CG   1 
ATOM   200  C  CD   . ARG A 1 27  ? 15.67782  -3.01217  4.03497   1.000 50.74820 ? 202 ARG A CD   1 
ATOM   201  N  NE   . ARG A 1 27  ? 14.60232  -3.98474  4.19225   1.000 50.56461 ? 202 ARG A NE   1 
ATOM   202  C  CZ   . ARG A 1 27  ? 13.46673  -3.95898  3.50497   1.000 44.42882 ? 202 ARG A CZ   1 
ATOM   203  N  NH1  . ARG A 1 27  ? 13.21516  -3.00385  2.61994   1.000 40.39330 ? 202 ARG A NH1  1 
ATOM   204  N  NH2  . ARG A 1 27  ? 12.56754  -4.91981  3.70154   1.000 37.95073 ? 202 ARG A NH2  1 
ATOM   205  N  N    . LEU A 1 28  ? 12.89084  0.03115   6.42284   1.000 38.15053 ? 203 LEU A N    1 
ATOM   206  C  CA   . LEU A 1 28  ? 11.51488  0.39045   6.07811   1.000 34.58172 ? 203 LEU A CA   1 
ATOM   207  C  C    . LEU A 1 28  ? 10.93406  -0.64698  5.12809   1.000 34.78072 ? 203 LEU A C    1 
ATOM   208  O  O    . LEU A 1 28  ? 11.38288  -0.76775  3.98364   1.000 36.24544 ? 203 LEU A O    1 
ATOM   209  C  CB   . LEU A 1 28  ? 11.46249  1.77412   5.43668   1.000 34.48583 ? 203 LEU A CB   1 
ATOM   210  C  CG   . LEU A 1 28  ? 11.67295  3.01282   6.29598   1.000 33.87907 ? 203 LEU A CG   1 
ATOM   211  C  CD1  . LEU A 1 28  ? 11.57129  4.24827   5.42069   1.000 38.72945 ? 203 LEU A CD1  1 
ATOM   212  C  CD2  . LEU A 1 28  ? 10.63732  3.06882   7.41024   1.000 33.39270 ? 203 LEU A CD2  1 
ATOM   213  N  N    . ILE A 1 29  ? 9.90810   -1.37020  5.58329   1.000 31.93173 ? 204 ILE A N    1 
ATOM   214  C  CA   . ILE A 1 29  ? 9.30100   -2.40285  4.75432   1.000 33.11958 ? 204 ILE A CA   1 
ATOM   215  C  C    . ILE A 1 29  ? 8.64927   -1.82243  3.50675   1.000 29.82718 ? 204 ILE A C    1 
ATOM   216  O  O    . ILE A 1 29  ? 8.45983   -2.54483  2.52340   1.000 31.82481 ? 204 ILE A O    1 
ATOM   217  C  CB   . ILE A 1 29  ? 8.28731   -3.22168  5.57377   1.000 39.04057 ? 204 ILE A CB   1 
ATOM   218  C  CG1  . ILE A 1 29  ? 6.92405   -2.53241  5.56532   1.000 36.56866 ? 204 ILE A CG1  1 
ATOM   219  C  CG2  . ILE A 1 29  ? 8.78908   -3.42213  6.99859   1.000 40.83781 ? 204 ILE A CG2  1 
ATOM   220  C  CD1  . ILE A 1 29  ? 5.91512   -3.20193  6.44196   1.000 35.84663 ? 204 ILE A CD1  1 
ATOM   221  N  N    . SER A 1 30  ? 8.33763   -0.52361  3.50495   1.000 24.54821 ? 205 SER A N    1 
ATOM   222  C  CA   . SER A 1 30  ? 7.70933   0.13421   2.36343   1.000 25.28036 ? 205 SER A CA   1 
ATOM   223  C  C    . SER A 1 30  ? 8.69721   0.55108   1.28118   1.000 28.37137 ? 205 SER A C    1 
ATOM   224  O  O    . SER A 1 30  ? 8.25979   0.98253   0.21246   1.000 23.48530 ? 205 SER A O    1 
ATOM   225  C  CB   . SER A 1 30  ? 6.94345   1.37782   2.83360   1.000 24.27885 ? 205 SER A CB   1 
ATOM   226  O  OG   . SER A 1 30  ? 7.82747   2.32650   3.41644   1.000 24.67363 ? 205 SER A OG   1 
ATOM   227  N  N    . GLU A 1 31  ? 10.00410  0.43528   1.53602   1.000 28.15713 ? 206 GLU A N    1 
ATOM   228  C  CA   . GLU A 1 31  ? 11.03003  0.99691   0.65576   1.000 32.12732 ? 206 GLU A CA   1 
ATOM   229  C  C    . GLU A 1 31  ? 10.81854  0.61178   -0.80626  1.000 26.48488 ? 206 GLU A C    1 
ATOM   230  O  O    . GLU A 1 31  ? 10.74033  1.46756   -1.69617  1.000 30.48093 ? 206 GLU A O    1 
ATOM   231  C  CB   . GLU A 1 31  ? 12.40481  0.51407   1.12684   1.000 35.22828 ? 206 GLU A CB   1 
ATOM   232  C  CG   . GLU A 1 31  ? 13.54153  0.79768   0.16437   1.000 41.46886 ? 206 GLU A CG   1 
ATOM   233  C  CD   . GLU A 1 31  ? 14.89170  0.79806   0.85542   1.000 50.66108 ? 206 GLU A CD   1 
ATOM   234  O  OE1  . GLU A 1 31  ? 15.12692  -0.10938  1.68686   1.000 47.65016 ? 206 GLU A OE1  1 
ATOM   235  O  OE2  . GLU A 1 31  ? 15.71658  1.68825   0.55313   1.000 57.60764 ? 206 GLU A OE2  1 
ATOM   236  N  N    . LEU A 1 32  ? 10.71703  -0.67948  -1.06221  1.000 27.20284 ? 207 LEU A N    1 
ATOM   237  C  CA   . LEU A 1 32  ? 10.67667  -1.20252  -2.41875  1.000 26.46142 ? 207 LEU A CA   1 
ATOM   238  C  C    . LEU A 1 32  ? 9.31440   -1.05434  -3.07939  1.000 28.67766 ? 207 LEU A C    1 
ATOM   239  O  O    . LEU A 1 32  ? 9.14721   -1.49298  -4.22324  1.000 27.32937 ? 207 LEU A O    1 
ATOM   240  C  CB   . LEU A 1 32  ? 11.09870  -2.67361  -2.39696  1.000 32.38580 ? 207 LEU A CB   1 
ATOM   241  C  CG   . LEU A 1 32  ? 12.57359  -2.86377  -2.00585  1.000 34.41396 ? 207 LEU A CG   1 
ATOM   242  C  CD1  . LEU A 1 32  ? 13.07490  -4.24455  -2.36745  1.000 37.65370 ? 207 LEU A CD1  1 
ATOM   243  C  CD2  . LEU A 1 32  ? 13.42006  -1.81026  -2.69667  1.000 37.31370 ? 207 LEU A CD2  1 
ATOM   244  N  N    . PHE A 1 33  ? 8.33773   -0.46532  -2.39672  1.000 21.57595 ? 208 PHE A N    1 
ATOM   245  C  CA   . PHE A 1 33  ? 6.99091   -0.33241  -2.93157  1.000 23.29419 ? 208 PHE A CA   1 
ATOM   246  C  C    . PHE A 1 33  ? 6.61096   1.10133   -3.24405  1.000 18.68641 ? 208 PHE A C    1 
ATOM   247  O  O    . PHE A 1 33  ? 5.47699   1.34482   -3.67621  1.000 18.09321 ? 208 PHE A O    1 
ATOM   248  C  CB   . PHE A 1 33  ? 5.96519   -0.90841  -1.94745  1.000 20.86287 ? 208 PHE A CB   1 
ATOM   249  C  CG   . PHE A 1 33  ? 6.15392   -2.37162  -1.65570  1.000 23.73697 ? 208 PHE A CG   1 
ATOM   250  C  CD1  . PHE A 1 33  ? 7.09943   -2.79416  -0.73818  1.000 23.92117 ? 208 PHE A CD1  1 
ATOM   251  C  CD2  . PHE A 1 33  ? 5.36939   -3.31859  -2.28593  1.000 26.87786 ? 208 PHE A CD2  1 
ATOM   252  C  CE1  . PHE A 1 33  ? 7.26998   -4.12643  -0.46829  1.000 25.58869 ? 208 PHE A CE1  1 
ATOM   253  C  CE2  . PHE A 1 33  ? 5.53305   -4.66464  -2.01669  1.000 27.43393 ? 208 PHE A CE2  1 
ATOM   254  C  CZ   . PHE A 1 33  ? 6.48944   -5.06509  -1.10779  1.000 25.02969 ? 208 PHE A CZ   1 
ATOM   255  N  N    . GLN A 1 34  ? 7.50865   2.06061   -3.00462  1.000 19.08796 ? 209 GLN A N    1 
ATOM   256  C  CA   . GLN A 1 34  ? 7.18329   3.45725   -3.26711  1.000 20.55223 ? 209 GLN A CA   1 
ATOM   257  C  C    . GLN A 1 34  ? 6.94770   3.70403   -4.75374  1.000 18.97307 ? 209 GLN A C    1 
ATOM   258  O  O    . GLN A 1 34  ? 5.97870   4.37672   -5.13605  1.000 18.83723 ? 209 GLN A O    1 
ATOM   259  C  CB   . GLN A 1 34  ? 8.31339   4.35094   -2.75288  1.000 22.54356 ? 209 GLN A CB   1 
ATOM   260  C  CG   . GLN A 1 34  ? 8.32216   4.54578   -1.25391  1.000 24.91891 ? 209 GLN A CG   1 
ATOM   261  C  CD   . GLN A 1 34  ? 7.20256   5.44183   -0.76107  1.000 21.81569 ? 209 GLN A CD   1 
ATOM   262  O  OE1  . GLN A 1 34  ? 6.45607   6.02674   -1.54970  1.000 25.68616 ? 209 GLN A OE1  1 
ATOM   263  N  NE2  . GLN A 1 34  ? 7.10283   5.58242   0.56099   1.000 24.65991 ? 209 GLN A NE2  1 
ATOM   264  N  N    . LYS A 1 35  ? 7.80887   3.15232   -5.61227  1.000 19.38595 ? 210 LYS A N    1 
ATOM   265  C  CA   . LYS A 1 35  ? 7.82669   3.50549   -7.02315  1.000 18.21889 ? 210 LYS A CA   1 
ATOM   266  C  C    . LYS A 1 35  ? 7.84319   2.23269   -7.86457  1.000 18.64122 ? 210 LYS A C    1 
ATOM   267  O  O    . LYS A 1 35  ? 8.64463   1.33194   -7.60816  1.000 20.59200 ? 210 LYS A O    1 
ATOM   268  C  CB   . LYS A 1 35  ? 9.05511   4.36911   -7.33682  1.000 22.98276 ? 210 LYS A CB   1 
ATOM   269  C  CG   . LYS A 1 35  ? 9.12968   4.87055   -8.76200  1.000 28.27580 ? 210 LYS A CG   1 
ATOM   270  C  CD   . LYS A 1 35  ? 7.94068   5.77713   -9.06088  1.000 34.48447 ? 210 LYS A CD   1 
ATOM   271  C  CE   . LYS A 1 35  ? 7.57328   5.75364   -10.54037 1.000 40.39958 ? 210 LYS A CE   1 
ATOM   272  N  NZ   . LYS A 1 35  ? 6.83095   6.98707   -10.92464 1.000 40.99163 ? 210 LYS A NZ   1 
ATOM   273  N  N    . LEU A 1 36  ? 6.94914   2.16267   -8.84610  1.000 19.52097 ? 211 LEU A N    1 
ATOM   274  C  CA   . LEU A 1 36  ? 6.88343   0.99868   -9.71978  1.000 17.27313 ? 211 LEU A CA   1 
ATOM   275  C  C    . LEU A 1 36  ? 8.21418   0.81193   -10.45110 1.000 19.57732 ? 211 LEU A C    1 
ATOM   276  O  O    . LEU A 1 36  ? 8.93923   1.78583   -10.70079 1.000 19.90635 ? 211 LEU A O    1 
ATOM   277  C  CB   . LEU A 1 36  ? 5.76815   1.16680   -10.74226 1.000 19.88166 ? 211 LEU A CB   1 
ATOM   278  C  CG   . LEU A 1 36  ? 4.32509   0.81637   -10.33613 1.000 19.08320 ? 211 LEU A CG   1 
ATOM   279  C  CD1  . LEU A 1 36  ? 3.38231   1.36640   -11.37590 1.000 19.23837 ? 211 LEU A CD1  1 
ATOM   280  C  CD2  . LEU A 1 36  ? 4.18136   -0.67728  -10.22089 1.000 19.79062 ? 211 LEU A CD2  1 
ATOM   281  N  N    . PRO A 1 37  ? 8.54097   -0.42505  -10.83352 1.000 18.06837 ? 212 PRO A N    1 
ATOM   282  C  CA   . PRO A 1 37  ? 9.76147   -0.65917  -11.62508 1.000 20.16832 ? 212 PRO A CA   1 
ATOM   283  C  C    . PRO A 1 37  ? 9.70142   0.01859   -12.98746 1.000 20.93621 ? 212 PRO A C    1 
ATOM   284  O  O    . PRO A 1 37  ? 8.63465   0.18184   -13.58871 1.000 20.14343 ? 212 PRO A O    1 
ATOM   285  C  CB   . PRO A 1 37  ? 9.81259   -2.18965  -11.77981 1.000 20.47565 ? 212 PRO A CB   1 
ATOM   286  C  CG   . PRO A 1 37  ? 8.75817   -2.75069  -10.91160 1.000 22.56681 ? 212 PRO A CG   1 
ATOM   287  C  CD   . PRO A 1 37  ? 7.77299   -1.65524  -10.58768 1.000 19.09710 ? 212 PRO A CD   1 
ATOM   288  N  N    . SER A 1 38  ? 10.88165  0.40047   -13.47630 1.000 17.30744 ? 213 SER A N    1 
ATOM   289  C  CA   . SER A 1 38  ? 11.02202  0.98564   -14.80473 1.000 17.42737 ? 213 SER A CA   1 
ATOM   290  C  C    . SER A 1 38  ? 10.42479  0.07163   -15.86613 1.000 16.08783 ? 213 SER A C    1 
ATOM   291  O  O    . SER A 1 38  ? 10.70164  -1.12683  -15.88451 1.000 18.38272 ? 213 SER A O    1 
ATOM   292  C  CB   . SER A 1 38  ? 12.50945  1.20613   -15.10826 1.000 18.88360 ? 213 SER A CB   1 
ATOM   293  O  OG   . SER A 1 38  ? 12.72785  1.39936   -16.49952 1.000 18.51256 ? 213 SER A OG   1 
ATOM   294  N  N    . LYS A 1 39  ? 9.62168   0.65187   -16.76439 1.000 17.62422 ? 214 LYS A N    1 
ATOM   295  C  CA   . LYS A 1 39  ? 9.11756   -0.11407  -17.90849 1.000 19.28377 ? 214 LYS A CA   1 
ATOM   296  C  C    . LYS A 1 39  ? 10.24631  -0.51898  -18.84098 1.000 20.81665 ? 214 LYS A C    1 
ATOM   297  O  O    . LYS A 1 39  ? 10.14364  -1.53118  -19.54836 1.000 21.17683 ? 214 LYS A O    1 
ATOM   298  C  CB   . LYS A 1 39  ? 8.08469   0.70722   -18.68424 1.000 21.87120 ? 214 LYS A CB   1 
ATOM   299  C  CG   . LYS A 1 39  ? 6.76497   0.92263   -17.93339 1.000 26.52768 ? 214 LYS A CG   1 
ATOM   300  C  CD   . LYS A 1 39  ? 5.83407   1.85258   -18.70257 1.000 28.71906 ? 214 LYS A CD   1 
ATOM   301  C  CE   . LYS A 1 39  ? 4.38449   1.70526   -18.22567 1.000 38.36755 ? 214 LYS A CE   1 
ATOM   302  N  NZ   . LYS A 1 39  ? 3.44930   2.61660   -18.95775 1.000 40.53193 ? 214 LYS A NZ   1 
ATOM   303  N  N    . VAL A 1 40  ? 11.32448  0.26076   -18.85826 1.000 18.75557 ? 215 VAL A N    1 
ATOM   304  C  CA   . VAL A 1 40  ? 12.45910  -0.04731  -19.72466 1.000 19.45810 ? 215 VAL A CA   1 
ATOM   305  C  C    . VAL A 1 40  ? 13.28667  -1.19623  -19.15748 1.000 18.96369 ? 215 VAL A C    1 
ATOM   306  O  O    . VAL A 1 40  ? 13.66286  -2.12720  -19.88247 1.000 19.07312 ? 215 VAL A O    1 
ATOM   307  C  CB   . VAL A 1 40  ? 13.30962  1.22250   -19.92429 1.000 20.92082 ? 215 VAL A CB   1 
ATOM   308  C  CG1  . VAL A 1 40  ? 14.60314  0.89722   -20.66386 1.000 21.33112 ? 215 VAL A CG1  1 
ATOM   309  C  CG2  . VAL A 1 40  ? 12.49711  2.27986   -20.65884 1.000 22.89733 ? 215 VAL A CG2  1 
ATOM   310  N  N    . GLN A 1 41  ? 13.59310  -1.15939  -17.85864 1.000 16.28104 ? 216 GLN A N    1 
ATOM   311  C  CA   . GLN A 1 41  ? 14.46898  -2.18566  -17.29903 1.000 15.93588 ? 216 GLN A CA   1 
ATOM   312  C  C    . GLN A 1 41  ? 13.73831  -3.44183  -16.85050 1.000 17.35593 ? 216 GLN A C    1 
ATOM   313  O  O    . GLN A 1 41  ? 14.35592  -4.51677  -16.81144 1.000 15.62990 ? 216 GLN A O    1 
ATOM   314  C  CB   . GLN A 1 41  ? 15.27122  -1.61193  -16.13235 1.000 17.07837 ? 216 GLN A CB   1 
ATOM   315  C  CG   . GLN A 1 41  ? 16.20774  -0.47504  -16.56893 1.000 16.49286 ? 216 GLN A CG   1 
ATOM   316  C  CD   . GLN A 1 41  ? 17.22582  -0.89775  -17.62269 1.000 15.65367 ? 216 GLN A CD   1 
ATOM   317  O  OE1  . GLN A 1 41  ? 17.67931  -2.05838  -17.64317 1.000 15.19223 ? 216 GLN A OE1  1 
ATOM   318  N  NE2  . GLN A 1 41  ? 17.58799  0.03576   -18.51001 1.000 16.70503 ? 216 GLN A NE2  1 
ATOM   319  N  N    . TYR A 1 42  ? 12.44516  -3.34057  -16.53911 1.000 15.51109 ? 217 TYR A N    1 
ATOM   320  C  CA   . TYR A 1 42  ? 11.64382  -4.47555  -16.08338 1.000 19.79774 ? 217 TYR A CA   1 
ATOM   321  C  C    . TYR A 1 42  ? 10.38655  -4.60495  -16.93668 1.000 21.38929 ? 217 TYR A C    1 
ATOM   322  O  O    . TYR A 1 42  ? 9.25616   -4.48695  -16.44461 1.000 18.73609 ? 217 TYR A O    1 
ATOM   323  C  CB   . TYR A 1 42  ? 11.32685  -4.32030  -14.59275 1.000 19.28483 ? 217 TYR A CB   1 
ATOM   324  C  CG   . TYR A 1 42  ? 12.63303  -4.32215  -13.86508 1.000 18.91235 ? 217 TYR A CG   1 
ATOM   325  C  CD1  . TYR A 1 42  ? 13.26401  -5.52117  -13.55224 1.000 18.51731 ? 217 TYR A CD1  1 
ATOM   326  C  CD2  . TYR A 1 42  ? 13.29738  -3.12563  -13.57797 1.000 20.62019 ? 217 TYR A CD2  1 
ATOM   327  C  CE1  . TYR A 1 42  ? 14.48819  -5.54387  -12.96651 1.000 21.03069 ? 217 TYR A CE1  1 
ATOM   328  C  CE2  . TYR A 1 42  ? 14.53044  -3.14142  -12.98253 1.000 16.13290 ? 217 TYR A CE2  1 
ATOM   329  C  CZ   . TYR A 1 42  ? 15.12546  -4.34995  -12.67893 1.000 19.12672 ? 217 TYR A CZ   1 
ATOM   330  O  OH   . TYR A 1 42  ? 16.36333  -4.37757  -12.08480 1.000 21.89125 ? 217 TYR A OH   1 
ATOM   331  N  N    . PRO A 1 43  ? 10.55320  -4.83523  -18.24386 1.000 20.29622 ? 218 PRO A N    1 
ATOM   332  C  CA   . PRO A 1 43  ? 9.37410   -4.96398  -19.10561 1.000 20.53758 ? 218 PRO A CA   1 
ATOM   333  C  C    . PRO A 1 43  ? 8.50796   -6.16400  -18.75532 1.000 18.64421 ? 218 PRO A C    1 
ATOM   334  O  O    . PRO A 1 43  ? 7.28199   -6.07420  -18.93038 1.000 22.29813 ? 218 PRO A O    1 
ATOM   335  C  CB   . PRO A 1 43  ? 9.98524   -5.07700  -20.51781 1.000 19.11778 ? 218 PRO A CB   1 
ATOM   336  C  CG   . PRO A 1 43  ? 11.31423  -5.73321  -20.27780 1.000 18.33290 ? 218 PRO A CG   1 
ATOM   337  C  CD   . PRO A 1 43  ? 11.80105  -5.02602  -19.00305 1.000 17.38501 ? 218 PRO A CD   1 
ATOM   338  N  N    . ASP A 1 44  ? 9.08755   -7.26750  -18.24806 1.000 20.49913 ? 219 ASP A N    1 
ATOM   339  C  CA   . ASP A 1 44  ? 8.24614   -8.41462  -17.90045 1.000 22.04949 ? 219 ASP A CA   1 
ATOM   340  C  C    . ASP A 1 44  ? 7.21145   -8.04313  -16.85305 1.000 22.44159 ? 219 ASP A C    1 
ATOM   341  O  O    . ASP A 1 44  ? 6.11426   -8.61932  -16.83231 1.000 24.25072 ? 219 ASP A O    1 
ATOM   342  C  CB   . ASP A 1 44  ? 9.03289   -9.61841  -17.36259 1.000 24.52896 ? 219 ASP A CB   1 
ATOM   343  C  CG   . ASP A 1 44  ? 9.99259   -10.22806 -18.36482 1.000 24.24909 ? 219 ASP A CG   1 
ATOM   344  O  OD1  . ASP A 1 44  ? 10.09717  -9.73602  -19.50228 1.000 20.51156 ? 219 ASP A OD1  1 
ATOM   345  O  OD2  . ASP A 1 44  ? 10.50669  -11.32597 -18.02586 1.000 25.72218 ? 219 ASP A OD2  1 
ATOM   346  N  N    . TYR A 1 45  ? 7.55275   -7.11363  -15.95208 1.000 18.90202 ? 220 TYR A N    1 
ATOM   347  C  CA   . TYR A 1 45  ? 6.60648   -6.72519  -14.90911 1.000 19.88210 ? 220 TYR A CA   1 
ATOM   348  C  C    . TYR A 1 45  ? 5.27720   -6.29612  -15.50881 1.000 18.11933 ? 220 TYR A C    1 
ATOM   349  O  O    . TYR A 1 45  ? 4.20408   -6.64110  -14.99030 1.000 21.06007 ? 220 TYR A O    1 
ATOM   350  C  CB   . TYR A 1 45  ? 7.19912   -5.59120  -14.05995 1.000 18.04560 ? 220 TYR A CB   1 
ATOM   351  C  CG   . TYR A 1 45  ? 6.39771   -5.32721  -12.80078 1.000 17.23541 ? 220 TYR A CG   1 
ATOM   352  C  CD1  . TYR A 1 45  ? 5.32791   -4.44276  -12.80867 1.000 20.05834 ? 220 TYR A CD1  1 
ATOM   353  C  CD2  . TYR A 1 45  ? 6.68106   -6.01272  -11.62737 1.000 17.35171 ? 220 TYR A CD2  1 
ATOM   354  C  CE1  . TYR A 1 45  ? 4.58469   -4.21410  -11.65323 1.000 18.37104 ? 220 TYR A CE1  1 
ATOM   355  C  CE2  . TYR A 1 45  ? 5.94621   -5.79006  -10.46098 1.000 20.87338 ? 220 TYR A CE2  1 
ATOM   356  C  CZ   . TYR A 1 45  ? 4.89443   -4.89742  -10.49205 1.000 20.14202 ? 220 TYR A CZ   1 
ATOM   357  O  OH   . TYR A 1 45  ? 4.14276   -4.68663  -9.36024  1.000 20.85408 ? 220 TYR A OH   1 
ATOM   358  N  N    . TYR A 1 46  ? 5.32720   -5.54302  -16.60304 1.000 17.86644 ? 221 TYR A N    1 
ATOM   359  C  CA   . TYR A 1 46  ? 4.12473   -4.98081  -17.19115 1.000 19.10343 ? 221 TYR A CA   1 
ATOM   360  C  C    . TYR A 1 46  ? 3.42903   -5.95894  -18.11703 1.000 23.55338 ? 221 TYR A C    1 
ATOM   361  O  O    . TYR A 1 46  ? 2.26552   -5.73234  -18.47072 1.000 25.52226 ? 221 TYR A O    1 
ATOM   362  C  CB   . TYR A 1 46  ? 4.47695   -3.66940  -17.89488 1.000 20.98179 ? 221 TYR A CB   1 
ATOM   363  C  CG   . TYR A 1 46  ? 4.94719   -2.66055  -16.87176 1.000 18.72393 ? 221 TYR A CG   1 
ATOM   364  C  CD1  . TYR A 1 46  ? 4.03595   -1.85707  -16.20559 1.000 18.51377 ? 221 TYR A CD1  1 
ATOM   365  C  CD2  . TYR A 1 46  ? 6.28534   -2.57373  -16.50844 1.000 20.12879 ? 221 TYR A CD2  1 
ATOM   366  C  CE1  . TYR A 1 46  ? 4.44325   -0.95793  -15.22330 1.000 19.75496 ? 221 TYR A CE1  1 
ATOM   367  C  CE2  . TYR A 1 46  ? 6.70411   -1.68464  -15.52537 1.000 18.44715 ? 221 TYR A CE2  1 
ATOM   368  C  CZ   . TYR A 1 46  ? 5.77705   -0.87508  -14.89419 1.000 21.19938 ? 221 TYR A CZ   1 
ATOM   369  O  OH   . TYR A 1 46  ? 6.18133   0.01218   -13.92169 1.000 21.00437 ? 221 TYR A OH   1 
ATOM   370  N  N    . ALA A 1 47  ? 4.11124   -7.03757  -18.49916 1.000 23.78238 ? 222 ALA A N    1 
ATOM   371  C  CA   . ALA A 1 47  ? 3.44420   -8.14248  -19.17457 1.000 26.38813 ? 222 ALA A CA   1 
ATOM   372  C  C    . ALA A 1 47  ? 2.69464   -9.02571  -18.18752 1.000 27.78310 ? 222 ALA A C    1 
ATOM   373  O  O    . ALA A 1 47  ? 1.66629   -9.61508  -18.54095 1.000 30.42116 ? 222 ALA A O    1 
ATOM   374  C  CB   . ALA A 1 47  ? 4.46673   -8.97504  -19.94870 1.000 23.28415 ? 222 ALA A CB   1 
ATOM   375  N  N    . ILE A 1 48  ? 3.19096   -9.12143  -16.95942 1.000 21.21346 ? 223 ILE A N    1 
ATOM   376  C  CA   . ILE A 1 48  ? 2.65428   -10.04754 -15.96798 1.000 21.59543 ? 223 ILE A CA   1 
ATOM   377  C  C    . ILE A 1 48  ? 1.59109   -9.37769  -15.10688 1.000 25.84611 ? 223 ILE A C    1 
ATOM   378  O  O    . ILE A 1 48  ? 0.56375   -9.97956  -14.79370 1.000 27.64054 ? 223 ILE A O    1 
ATOM   379  C  CB   . ILE A 1 48  ? 3.81378   -10.59672 -15.10843 1.000 23.72522 ? 223 ILE A CB   1 
ATOM   380  C  CG1  . ILE A 1 48  ? 4.72295   -11.52178 -15.93723 1.000 24.41454 ? 223 ILE A CG1  1 
ATOM   381  C  CG2  . ILE A 1 48  ? 3.30260   -11.31041 -13.85593 1.000 23.65405 ? 223 ILE A CG2  1 
ATOM   382  C  CD1  . ILE A 1 48  ? 6.15766   -11.54625 -15.43851 1.000 25.72419 ? 223 ILE A CD1  1 
ATOM   383  N  N    . ILE A 1 49  ? 1.81665   -8.13151  -14.71457 1.000 22.01222 ? 224 ILE A N    1 
ATOM   384  C  CA   . ILE A 1 49  ? 0.95914   -7.42689  -13.76515 1.000 21.52031 ? 224 ILE A CA   1 
ATOM   385  C  C    . ILE A 1 49  ? -0.01556  -6.55636  -14.53892 1.000 22.12666 ? 224 ILE A C    1 
ATOM   386  O  O    . ILE A 1 49  ? 0.38737   -5.57474  -15.17694 1.000 24.02755 ? 224 ILE A O    1 
ATOM   387  C  CB   . ILE A 1 49  ? 1.79689   -6.57402  -12.79988 1.000 21.77089 ? 224 ILE A CB   1 
ATOM   388  C  CG1  . ILE A 1 49  ? 2.72391   -7.47389  -11.96801 1.000 22.71180 ? 224 ILE A CG1  1 
ATOM   389  C  CG2  . ILE A 1 49  ? 0.87691   -5.70334  -11.93227 1.000 20.68638 ? 224 ILE A CG2  1 
ATOM   390  C  CD1  . ILE A 1 49  ? 2.00284   -8.57675  -11.17663 1.000 21.02882 ? 224 ILE A CD1  1 
ATOM   391  N  N    . LYS A 1 50  ? -1.31018  -6.88179  -14.45025 1.000 23.57638 ? 225 LYS A N    1 
ATOM   392  C  CA   . LYS A 1 50  ? -2.28335  -6.19788  -15.29500 1.000 26.43248 ? 225 LYS A CA   1 
ATOM   393  C  C    . LYS A 1 50  ? -2.65175  -4.80851  -14.78624 1.000 24.56496 ? 225 LYS A C    1 
ATOM   394  O  O    . LYS A 1 50  ? -2.97616  -3.93178  -15.59334 1.000 25.37243 ? 225 LYS A O    1 
ATOM   395  C  CB   . LYS A 1 50  ? -3.53558  -7.05942  -15.44317 1.000 31.32969 ? 225 LYS A CB   1 
ATOM   396  C  CG   . LYS A 1 50  ? -3.44302  -8.10279  -16.57774 1.000 32.29260 ? 225 LYS A CG   1 
ATOM   397  C  CD   . LYS A 1 50  ? -2.78562  -7.54269  -17.85216 1.000 38.54363 ? 225 LYS A CD   1 
ATOM   398  C  CE   . LYS A 1 50  ? -1.30216  -7.93756  -18.01730 1.000 36.45947 ? 225 LYS A CE   1 
ATOM   399  N  NZ   . LYS A 1 50  ? -0.61618  -7.12576  -19.08729 1.000 39.67461 ? 225 LYS A NZ   1 
ATOM   400  N  N    . GLU A 1 51  ? -2.60726  -4.57287  -13.47803 1.000 21.81810 ? 226 GLU A N    1 
ATOM   401  C  CA   . GLU A 1 51  ? -2.93277  -3.26368  -12.90640 1.000 22.99167 ? 226 GLU A CA   1 
ATOM   402  C  C    . GLU A 1 51  ? -1.81820  -2.82087  -11.96663 1.000 20.41822 ? 226 GLU A C    1 
ATOM   403  O  O    . GLU A 1 51  ? -1.93953  -2.95320  -10.73790 1.000 19.34716 ? 226 GLU A O    1 
ATOM   404  C  CB   . GLU A 1 51  ? -4.25799  -3.30140  -12.14746 1.000 26.50731 ? 226 GLU A CB   1 
ATOM   405  C  CG   . GLU A 1 51  ? -5.45461  -3.72480  -12.96091 1.000 31.41329 ? 226 GLU A CG   1 
ATOM   406  C  CD   . GLU A 1 51  ? -6.71376  -3.76190  -12.11120 1.000 37.69577 ? 226 GLU A CD   1 
ATOM   407  O  OE1  . GLU A 1 51  ? -6.98390  -4.81595  -11.49621 1.000 38.36563 ? 226 GLU A OE1  1 
ATOM   408  O  OE2  . GLU A 1 51  ? -7.43301  -2.74033  -12.07384 1.000 39.97493 ? 226 GLU A OE2  1 
ATOM   409  N  N    . PRO A 1 52  ? -0.71902  -2.28931  -12.51013 1.000 20.72578 ? 227 PRO A N    1 
ATOM   410  C  CA   . PRO A 1 52  ? 0.39498   -1.86549  -11.65791 1.000 20.43735 ? 227 PRO A CA   1 
ATOM   411  C  C    . PRO A 1 52  ? -0.00988  -0.71740  -10.74497 1.000 16.67612 ? 227 PRO A C    1 
ATOM   412  O  O    . PRO A 1 52  ? -0.78104  0.17183   -11.12643 1.000 18.61378 ? 227 PRO A O    1 
ATOM   413  C  CB   . PRO A 1 52  ? 1.46505   -1.41456  -12.66338 1.000 19.51435 ? 227 PRO A CB   1 
ATOM   414  C  CG   . PRO A 1 52  ? 1.15794   -2.15430  -13.90599 1.000 23.30047 ? 227 PRO A CG   1 
ATOM   415  C  CD   . PRO A 1 52  ? -0.34457  -2.33748  -13.93562 1.000 21.79454 ? 227 PRO A CD   1 
ATOM   416  N  N    . ILE A 1 53  ? 0.55556   -0.73074  -9.53980  1.000 17.11054 ? 228 ILE A N    1 
ATOM   417  C  CA   . ILE A 1 53  ? 0.30032   0.31276   -8.55113  1.000 17.45970 ? 228 ILE A CA   1 
ATOM   418  C  C    . ILE A 1 53  ? 1.48667   0.40051   -7.59554  1.000 16.89234 ? 228 ILE A C    1 
ATOM   419  O  O    . ILE A 1 53  ? 2.20217   -0.58030  -7.36666  1.000 18.18302 ? 228 ILE A O    1 
ATOM   420  C  CB   . ILE A 1 53  ? -1.02825  0.02369   -7.80003  1.000 15.56354 ? 228 ILE A CB   1 
ATOM   421  C  CG1  . ILE A 1 53  ? -1.48796  1.25352   -7.00858  1.000 19.36382 ? 228 ILE A CG1  1 
ATOM   422  C  CG2  . ILE A 1 53  ? -0.88436  -1.20841  -6.88632  1.000 18.11629 ? 228 ILE A CG2  1 
ATOM   423  C  CD1  . ILE A 1 53  ? -2.85508  1.05791   -6.32360  1.000 22.77243 ? 228 ILE A CD1  1 
ATOM   424  N  N    . ASP A 1 54  ? 1.69487   1.58974   -7.02734  1.000 17.65346 ? 229 ASP A N    1 
ATOM   425  C  CA   . ASP A 1 54  ? 2.74889   1.78744   -6.04036  1.000 18.81565 ? 229 ASP A CA   1 
ATOM   426  C  C    . ASP A 1 54  ? 2.23038   2.72762   -4.95807  1.000 18.63722 ? 229 ASP A C    1 
ATOM   427  O  O    . ASP A 1 54  ? 1.13617   3.28934   -5.06684  1.000 18.32356 ? 229 ASP A O    1 
ATOM   428  C  CB   . ASP A 1 54  ? 4.04294   2.33699   -6.68094  1.000 19.21174 ? 229 ASP A CB   1 
ATOM   429  C  CG   . ASP A 1 54  ? 3.80984   3.58454   -7.53264  1.000 21.94366 ? 229 ASP A CG   1 
ATOM   430  O  OD1  . ASP A 1 54  ? 2.84440   4.31638   -7.27664  1.000 19.58253 ? 229 ASP A OD1  1 
ATOM   431  O  OD2  . ASP A 1 54  ? 4.61869   3.85946   -8.45168  1.000 20.38794 ? 229 ASP A OD2  1 
ATOM   432  N  N    . LEU A 1 55  ? 3.03759   2.92283   -3.91677  1.000 16.79962 ? 230 LEU A N    1 
ATOM   433  C  CA   . LEU A 1 55  ? 2.59147   3.79660   -2.83585  1.000 17.01811 ? 230 LEU A CA   1 
ATOM   434  C  C    . LEU A 1 55  ? 2.54237   5.25914   -3.26776  1.000 18.26717 ? 230 LEU A C    1 
ATOM   435  O  O    . LEU A 1 55  ? 1.72295   6.02187   -2.75111  1.000 17.60681 ? 230 LEU A O    1 
ATOM   436  C  CB   . LEU A 1 55  ? 3.48645   3.63313   -1.59990  1.000 16.52637 ? 230 LEU A CB   1 
ATOM   437  C  CG   . LEU A 1 55  ? 3.37562   2.26784   -0.90521  1.000 16.65403 ? 230 LEU A CG   1 
ATOM   438  C  CD1  . LEU A 1 55  ? 4.46625   2.11836   0.15376   1.000 17.99541 ? 230 LEU A CD1  1 
ATOM   439  C  CD2  . LEU A 1 55  ? 2.00067   2.06004   -0.27538  1.000 16.93753 ? 230 LEU A CD2  1 
ATOM   440  N  N    . LYS A 1 56  ? 3.39299   5.68265   -4.20628  1.000 19.33941 ? 231 LYS A N    1 
ATOM   441  C  CA   . LYS A 1 56  ? 3.29497   7.06805   -4.65708  1.000 19.29131 ? 231 LYS A CA   1 
ATOM   442  C  C    . LYS A 1 56  ? 1.95191   7.32736   -5.32032  1.000 20.28673 ? 231 LYS A C    1 
ATOM   443  O  O    . LYS A 1 56  ? 1.35694   8.39833   -5.13475  1.000 19.28229 ? 231 LYS A O    1 
ATOM   444  C  CB   . LYS A 1 56  ? 4.45251   7.42093   -5.59909  1.000 24.76495 ? 231 LYS A CB   1 
ATOM   445  C  CG   . LYS A 1 56  ? 5.80029   7.37260   -4.90171  1.000 29.38934 ? 231 LYS A CG   1 
ATOM   446  C  CD   . LYS A 1 56  ? 6.63282   8.62373   -5.11309  1.000 39.95705 ? 231 LYS A CD   1 
ATOM   447  C  CE   . LYS A 1 56  ? 7.60484   8.79994   -3.94983  1.000 38.50068 ? 231 LYS A CE   1 
ATOM   448  N  NZ   . LYS A 1 56  ? 7.50996   10.15397  -3.32136  1.000 45.15051 ? 231 LYS A NZ   1 
ATOM   449  N  N    . THR A 1 57  ? 1.44329   6.34258   -6.07027  1.000 17.80308 ? 232 THR A N    1 
ATOM   450  C  CA   . THR A 1 57  ? 0.14164   6.48032   -6.71332  1.000 17.39699 ? 232 THR A CA   1 
ATOM   451  C  C    . THR A 1 57  ? -0.97806  6.53610   -5.68643  1.000 17.99008 ? 232 THR A C    1 
ATOM   452  O  O    . THR A 1 57  ? -1.91191  7.33806   -5.82149  1.000 16.18188 ? 232 THR A O    1 
ATOM   453  C  CB   . THR A 1 57  ? -0.08422  5.32119   -7.68025  1.000 19.42868 ? 232 THR A CB   1 
ATOM   454  O  OG1  . THR A 1 57  ? 0.89074   5.39412   -8.73426  1.000 20.18973 ? 232 THR A OG1  1 
ATOM   455  C  CG2  . THR A 1 57  ? -1.48314  5.37835   -8.26506  1.000 20.30546 ? 232 THR A CG2  1 
ATOM   456  N  N    . ILE A 1 58  ? -0.89987  5.68663   -4.65536  1.000 15.98418 ? 233 ILE A N    1 
ATOM   457  C  CA   . ILE A 1 58  ? -1.89295  5.73225   -3.57671  1.000 16.69584 ? 233 ILE A CA   1 
ATOM   458  C  C    . ILE A 1 58  ? -1.86614  7.08717   -2.88168  1.000 16.44235 ? 233 ILE A C    1 
ATOM   459  O  O    . ILE A 1 58  ? -2.91714  7.68781   -2.62025  1.000 15.46947 ? 233 ILE A O    1 
ATOM   460  C  CB   . ILE A 1 58  ? -1.65758  4.57613   -2.59051  1.000 15.93066 ? 233 ILE A CB   1 
ATOM   461  C  CG1  . ILE A 1 58  ? -1.93133  3.24280   -3.30651  1.000 17.06230 ? 233 ILE A CG1  1 
ATOM   462  C  CG2  . ILE A 1 58  ? -2.56106  4.71458   -1.37268  1.000 16.44097 ? 233 ILE A CG2  1 
ATOM   463  C  CD1  . ILE A 1 58  ? -1.40066  2.02947   -2.56290  1.000 17.06817 ? 233 ILE A CD1  1 
ATOM   464  N  N    . ALA A 1 59  ? -0.66770  7.60214   -2.59349  1.000 17.32249 ? 234 ALA A N    1 
ATOM   465  C  CA   . ALA A 1 59  ? -0.56865  8.92109   -1.97008  1.000 16.01057 ? 234 ALA A CA   1 
ATOM   466  C  C    . ALA A 1 59  ? -1.16579  9.99776   -2.86492  1.000 18.06910 ? 234 ALA A C    1 
ATOM   467  O  O    . ALA A 1 59  ? -1.84661  10.90888  -2.37844  1.000 19.38272 ? 234 ALA A O    1 
ATOM   468  C  CB   . ALA A 1 59  ? 0.89084   9.23711   -1.63602  1.000 17.74584 ? 234 ALA A CB   1 
ATOM   469  N  N    . GLN A 1 60  ? -0.95796  9.89698   -4.15245  1.000 16.14318 ? 235 GLN A N    1 
ATOM   470  C  CA   . GLN A 1 60  ? -1.51964  10.86155  -5.06203  1.000 19.73577 ? 235 GLN A CA   1 
ATOM   471  C  C    . GLN A 1 60  ? -3.03663  10.81239  -5.03562  1.000 19.31993 ? 235 GLN A C    1 
ATOM   472  O  O    . GLN A 1 60  ? -3.68758  11.82549  -5.03898  1.000 19.91537 ? 235 GLN A O    1 
ATOM   473  C  CB   . GLN A 1 60  ? -0.98308  10.57387  -6.44651  1.000 20.86966 ? 235 GLN A CB   1 
ATOM   474  C  CG   . GLN A 1 60  ? -1.57449  11.35894  -7.58141  1.000 35.98758 ? 235 GLN A CG   1 
ATOM   475  C  CD   . GLN A 1 60  ? -0.65554  11.32980  -8.78846  1.000 47.11870 ? 235 GLN A CD   1 
ATOM   476  O  OE1  . GLN A 1 60  ? 0.28750   10.52588  -8.85109  1.000 45.90597 ? 235 GLN A OE1  1 
ATOM   477  N  NE2  . GLN A 1 60  ? -0.91624  12.20622  -9.74955  1.000 48.78555 ? 235 GLN A NE2  1 
ATOM   478  N  N    . ARG A 1 61  ? -3.57364  9.60195   -5.00743  1.000 16.19432 ? 236 ARG A N    1 
ATOM   479  C  CA   . ARG A 1 61  ? -5.02444  9.45247   -4.96046  1.000 17.96124 ? 236 ARG A CA   1 
ATOM   480  C  C    . ARG A 1 61  ? -5.60568  10.02608  -3.66900  1.000 17.75853 ? 236 ARG A C    1 
ATOM   481  O  O    . ARG A 1 61  ? -6.69532  10.60093  -3.68362  1.000 17.38592 ? 236 ARG A O    1 
ATOM   482  C  CB   . ARG A 1 61  ? -5.39541  7.98418   -5.13347  1.000 16.26854 ? 236 ARG A CB   1 
ATOM   483  C  CG   . ARG A 1 61  ? -5.23012  7.55116   -6.58476  1.000 18.33607 ? 236 ARG A CG   1 
ATOM   484  C  CD   . ARG A 1 61  ? -5.23350  6.04753   -6.78666  1.000 16.80408 ? 236 ARG A CD   1 
ATOM   485  N  NE   . ARG A 1 61  ? -5.04428  5.74881   -8.20677  1.000 19.75267 ? 236 ARG A NE   1 
ATOM   486  C  CZ   . ARG A 1 61  ? -4.83856  4.53871   -8.70519  1.000 22.76412 ? 236 ARG A CZ   1 
ATOM   487  N  NH1  . ARG A 1 61  ? -4.80019  3.46883   -7.92771  1.000 23.09312 ? 236 ARG A NH1  1 
ATOM   488  N  NH2  . ARG A 1 61  ? -4.64495  4.40210   -10.01412 1.000 23.80260 ? 236 ARG A NH2  1 
ATOM   489  N  N    . ILE A 1 62  ? -4.90512  9.88492   -2.54398  1.000 14.38442 ? 237 ILE A N    1 
ATOM   490  C  CA   . ILE A 1 62  ? -5.36201  10.55668  -1.32595  1.000 13.40412 ? 237 ILE A CA   1 
ATOM   491  C  C    . ILE A 1 62  ? -5.39816  12.06903  -1.52656  1.000 16.22603 ? 237 ILE A C    1 
ATOM   492  O  O    . ILE A 1 62  ? -6.37466  12.73721  -1.16501  1.000 18.42470 ? 237 ILE A O    1 
ATOM   493  C  CB   . ILE A 1 62  ? -4.48235  10.16893  -0.12681  1.000 15.68281 ? 237 ILE A CB   1 
ATOM   494  C  CG1  . ILE A 1 62  ? -4.63656  8.66695   0.15714   1.000 14.55463 ? 237 ILE A CG1  1 
ATOM   495  C  CG2  . ILE A 1 62  ? -4.90340  10.96893  1.08512   1.000 16.20118 ? 237 ILE A CG2  1 
ATOM   496  C  CD1  . ILE A 1 62  ? -3.56493  8.10540   1.08681   1.000 15.60112 ? 237 ILE A CD1  1 
ATOM   497  N  N    . GLN A 1 63  ? -4.33634  12.62982  -2.10792  1.000 16.99266 ? 238 GLN A N    1 
ATOM   498  C  CA   . GLN A 1 63  ? -4.27988  14.08046  -2.30571  1.000 17.39129 ? 238 GLN A CA   1 
ATOM   499  C  C    . GLN A 1 63  ? -5.33682  14.56751  -3.29061  1.000 19.32277 ? 238 GLN A C    1 
ATOM   500  O  O    . GLN A 1 63  ? -5.85341  15.68584  -3.14166  1.000 20.83095 ? 238 GLN A O    1 
ATOM   501  C  CB   . GLN A 1 63  ? -2.89154  14.50342  -2.79161  1.000 18.98124 ? 238 GLN A CB   1 
ATOM   502  C  CG   . GLN A 1 63  ? -1.79428  14.30721  -1.76227  1.000 20.41317 ? 238 GLN A CG   1 
ATOM   503  C  CD   . GLN A 1 63  ? -2.09418  15.05803  -0.45932  1.000 25.03629 ? 238 GLN A CD   1 
ATOM   504  O  OE1  . GLN A 1 63  ? -2.65976  16.15783  -0.47420  1.000 25.25772 ? 238 GLN A OE1  1 
ATOM   505  N  NE2  . GLN A 1 63  ? -1.75909  14.44122  0.66561   1.000 27.19124 ? 238 GLN A NE2  1 
ATOM   506  N  N    . ASN A 1 64  ? -5.65243  13.75340  -4.30487  1.000 18.58676 ? 239 ASN A N    1 
ATOM   507  C  CA   . ASN A 1 64  ? -6.63981  14.06304  -5.33107  1.000 19.25049 ? 239 ASN A CA   1 
ATOM   508  C  C    . ASN A 1 64  ? -8.07389  13.91566  -4.85090  1.000 23.20591 ? 239 ASN A C    1 
ATOM   509  O  O    . ASN A 1 64  ? -8.99311  14.36538  -5.54484  1.000 28.28128 ? 239 ASN A O    1 
ATOM   510  C  CB   . ASN A 1 64  ? -6.47777  13.12334  -6.54212  1.000 24.76579 ? 239 ASN A CB   1 
ATOM   511  C  CG   . ASN A 1 64  ? -5.21564  13.36835  -7.32195  1.000 32.95667 ? 239 ASN A CG   1 
ATOM   512  O  OD1  . ASN A 1 64  ? -4.42419  14.26166  -7.00072  1.000 34.23468 ? 239 ASN A OD1  1 
ATOM   513  N  ND2  . ASN A 1 64  ? -5.01101  12.56281  -8.36678  1.000 28.40770 ? 239 ASN A ND2  1 
ATOM   514  N  N    . GLY A 1 65  ? -8.29692  13.25034  -3.72395  1.000 20.42329 ? 240 GLY A N    1 
ATOM   515  C  CA   . GLY A 1 65  ? -9.65660  12.93164  -3.34364  1.000 20.67177 ? 240 GLY A CA   1 
ATOM   516  C  C    . GLY A 1 65  ? -10.28210 11.83817  -4.17658  1.000 22.96506 ? 240 GLY A C    1 
ATOM   517  O  O    . GLY A 1 65  ? -11.50762 11.73007  -4.20979  1.000 24.35112 ? 240 GLY A O    1 
ATOM   518  N  N    . SER A 1 66  ? -9.46241  11.02791  -4.86085  1.000 19.13190 ? 241 SER A N    1 
ATOM   519  C  CA   . SER A 1 66  ? -9.97732  9.93965   -5.69467  1.000 21.87831 ? 241 SER A CA   1 
ATOM   520  C  C    . SER A 1 66  ? -10.67579 8.86742   -4.86979  1.000 23.14426 ? 241 SER A C    1 
ATOM   521  O  O    . SER A 1 66  ? -11.57323 8.18257   -5.37659  1.000 20.87089 ? 241 SER A O    1 
ATOM   522  C  CB   . SER A 1 66  ? -8.83544  9.29415   -6.48339  1.000 21.62286 ? 241 SER A CB   1 
ATOM   523  O  OG   . SER A 1 66  ? -8.23871  10.21713  -7.36844  1.000 26.47944 ? 241 SER A OG   1 
ATOM   524  N  N    . TYR A 1 67  ? -10.25659 8.66623   -3.62413  1.000 18.02783 ? 242 TYR A N    1 
ATOM   525  C  CA   . TYR A 1 67  ? -10.89632 7.66501   -2.78055  1.000 17.11821 ? 242 TYR A CA   1 
ATOM   526  C  C    . TYR A 1 67  ? -12.10096 8.29644   -2.09397  1.000 19.09000 ? 242 TYR A C    1 
ATOM   527  O  O    . TYR A 1 67  ? -11.98205 9.35913   -1.48306  1.000 20.99377 ? 242 TYR A O    1 
ATOM   528  C  CB   . TYR A 1 67  ? -9.92954  7.11530   -1.72671  1.000 17.79374 ? 242 TYR A CB   1 
ATOM   529  C  CG   . TYR A 1 67  ? -8.69751  6.39797   -2.24977  1.000 16.20225 ? 242 TYR A CG   1 
ATOM   530  C  CD1  . TYR A 1 67  ? -8.81680  5.30603   -3.10559  1.000 15.72780 ? 242 TYR A CD1  1 
ATOM   531  C  CD2  . TYR A 1 67  ? -7.42095  6.79537   -1.84997  1.000 15.17485 ? 242 TYR A CD2  1 
ATOM   532  C  CE1  . TYR A 1 67  ? -7.68633  4.63041   -3.56233  1.000 15.65860 ? 242 TYR A CE1  1 
ATOM   533  C  CE2  . TYR A 1 67  ? -6.28678  6.13274   -2.30287  1.000 15.06387 ? 242 TYR A CE2  1 
ATOM   534  C  CZ   . TYR A 1 67  ? -6.43118  5.05818   -3.16438  1.000 15.31621 ? 242 TYR A CZ   1 
ATOM   535  O  OH   . TYR A 1 67  ? -5.30662  4.40499   -3.60821  1.000 18.75365 ? 242 TYR A OH   1 
ATOM   536  N  N    . LYS A 1 68  ? -13.24719 7.63388   -2.17612  1.000 17.42477 ? 243 LYS A N    1 
ATOM   537  C  CA   . LYS A 1 68  ? -14.44027 8.08659   -1.47917  1.000 17.51551 ? 243 LYS A CA   1 
ATOM   538  C  C    . LYS A 1 68  ? -14.77054 7.24002   -0.24970  1.000 19.37353 ? 243 LYS A C    1 
ATOM   539  O  O    . LYS A 1 68  ? -15.80392 7.47687   0.39866   1.000 18.24829 ? 243 LYS A O    1 
ATOM   540  C  CB   . LYS A 1 68  ? -15.62096 8.10856   -2.45598  1.000 18.35614 ? 243 LYS A CB   1 
ATOM   541  C  CG   . LYS A 1 68  ? -15.25922 8.66831   -3.83706  1.000 18.67021 ? 243 LYS A CG   1 
ATOM   542  C  CD   . LYS A 1 68  ? -14.76807 10.11449  -3.75287  1.000 20.76703 ? 243 LYS A CD   1 
ATOM   543  C  CE   . LYS A 1 68  ? -14.55420 10.72146  -5.14055  1.000 24.80585 ? 243 LYS A CE   1 
ATOM   544  N  NZ   . LYS A 1 68  ? -14.13393 12.16034  -5.05200  1.000 26.12895 ? 243 LYS A NZ   1 
ATOM   545  N  N    . SER A 1 69  ? -13.91574 6.27802   0.10020   1.000 17.82271 ? 244 SER A N    1 
ATOM   546  C  CA   . SER A 1 69  ? -14.10213 5.44135   1.28113   1.000 15.70094 ? 244 SER A CA   1 
ATOM   547  C  C    . SER A 1 69  ? -12.74847 4.88889   1.69498   1.000 16.32675 ? 244 SER A C    1 
ATOM   548  O  O    . SER A 1 69  ? -11.81352 4.82565   0.88774   1.000 16.06226 ? 244 SER A O    1 
ATOM   549  C  CB   . SER A 1 69  ? -15.06123 4.27887   1.00640   1.000 18.63033 ? 244 SER A CB   1 
ATOM   550  O  OG   . SER A 1 69  ? -14.56010 3.51131   -0.08453  1.000 18.48678 ? 244 SER A OG   1 
ATOM   551  N  N    . ILE A 1 70  ? -12.65446 4.46073   2.95832   1.000 14.05103 ? 245 ILE A N    1 
ATOM   552  C  CA   . ILE A 1 70  ? -11.45737 3.72363   3.35890   1.000 14.55334 ? 245 ILE A CA   1 
ATOM   553  C  C    . ILE A 1 70  ? -11.34318 2.43075   2.56192   1.000 15.79295 ? 245 ILE A C    1 
ATOM   554  O  O    . ILE A 1 70  ? -10.23928 2.01072   2.17853   1.000 13.94683 ? 245 ILE A O    1 
ATOM   555  C  CB   . ILE A 1 70  ? -11.46296 3.43739   4.86605   1.000 15.82842 ? 245 ILE A CB   1 
ATOM   556  C  CG1  . ILE A 1 70  ? -11.57534 4.74149   5.66296   1.000 16.49880 ? 245 ILE A CG1  1 
ATOM   557  C  CG2  . ILE A 1 70  ? -10.17988 2.70093   5.25721   1.000 16.16388 ? 245 ILE A CG2  1 
ATOM   558  C  CD1  . ILE A 1 70  ? -11.96928 4.52472   7.10150   1.000 19.99195 ? 245 ILE A CD1  1 
ATOM   559  N  N    . HIS A 1 71  ? -12.48958 1.78140   2.30352   1.000 13.91021 ? 246 HIS A N    1 
ATOM   560  C  CA   . HIS A 1 71  ? -12.51651 0.53456   1.52994   1.000 15.58550 ? 246 HIS A CA   1 
ATOM   561  C  C    . HIS A 1 71  ? -11.78972 0.67382   0.19997   1.000 15.31593 ? 246 HIS A C    1 
ATOM   562  O  O    . HIS A 1 71  ? -11.06261 -0.23734  -0.22857  1.000 16.25036 ? 246 HIS A O    1 
ATOM   563  C  CB   . HIS A 1 71  ? -13.97298 0.10959   1.27931   1.000 15.60806 ? 246 HIS A CB   1 
ATOM   564  C  CG   . HIS A 1 71  ? -14.11732 -1.01085  0.28175   1.000 16.21957 ? 246 HIS A CG   1 
ATOM   565  N  ND1  . HIS A 1 71  ? -14.08687 -2.33739  0.64525   1.000 15.45104 ? 246 HIS A ND1  1 
ATOM   566  C  CD2  . HIS A 1 71  ? -14.32522 -0.99966  -1.05532  1.000 16.02470 ? 246 HIS A CD2  1 
ATOM   567  C  CE1  . HIS A 1 71  ? -14.22065 -3.10343  -0.42482  1.000 14.52984 ? 246 HIS A CE1  1 
ATOM   568  N  NE2  . HIS A 1 71  ? -14.37233 -2.31341  -1.47295  1.000 13.18353 ? 246 HIS A NE2  1 
ATOM   569  N  N    . ALA A 1 72  ? -11.99942 1.79378   -0.49708  1.000 13.78127 ? 247 ALA A N    1 
ATOM   570  C  CA   . ALA A 1 72  ? -11.35204 1.94931   -1.79675  1.000 18.47706 ? 247 ALA A CA   1 
ATOM   571  C  C    . ALA A 1 72  ? -9.83672  1.96524   -1.65537  1.000 16.11958 ? 247 ALA A C    1 
ATOM   572  O  O    . ALA A 1 72  ? -9.12033  1.40621   -2.49039  1.000 15.51226 ? 247 ALA A O    1 
ATOM   573  C  CB   . ALA A 1 72  ? -11.83221 3.22338   -2.47823  1.000 18.42350 ? 247 ALA A CB   1 
ATOM   574  N  N    . MET A 1 73  ? -9.31313  2.58286   -0.60135  1.000 14.20876 ? 248 MET A N    1 
ATOM   575  C  CA   . MET A 1 73  ? -7.85814  2.54562   -0.54790  1.000 16.44114 ? 248 MET A CA   1 
ATOM   576  C  C    . MET A 1 73  ? -7.37785  1.18263   -0.05436  1.000 14.72105 ? 248 MET A C    1 
ATOM   577  O  O    . MET A 1 73  ? -6.33874  0.69687   -0.52550  1.000 14.59598 ? 248 MET A O    1 
ATOM   578  C  CB   . MET A 1 73  ? -7.27450  3.74525   0.23855   1.000 20.32880 ? 248 MET A CB   1 
ATOM   579  C  CG   . MET A 1 73  ? -5.91797  3.55937   0.91342   1.000 14.43353 ? 248 MET A CG   1 
ATOM   580  S  SD   . MET A 1 73  ? -5.51278  4.60484   2.33485   1.000 15.52845 ? 248 MET A SD   1 
ATOM   581  C  CE   . MET A 1 73  ? -3.73362  4.35983   2.37311   1.000 18.08512 ? 248 MET A CE   1 
ATOM   582  N  N    . ALA A 1 74  ? -8.17913  0.50378   0.77846   1.000 13.31051 ? 249 ALA A N    1 
ATOM   583  C  CA   . ALA A 1 74  ? -7.86558  -0.86564  1.17118   1.000 11.74465 ? 249 ALA A CA   1 
ATOM   584  C  C    . ALA A 1 74  ? -7.73452  -1.76242  -0.04688  1.000 13.87395 ? 249 ALA A C    1 
ATOM   585  O  O    . ALA A 1 74  ? -6.81865  -2.58726  -0.11784  1.000 14.47294 ? 249 ALA A O    1 
ATOM   586  C  CB   . ALA A 1 74  ? -8.95108  -1.39999  2.11600   1.000 13.47100 ? 249 ALA A CB   1 
ATOM   587  N  N    . LYS A 1 75  ? -8.65581  -1.63690  -1.00634  1.000 12.49801 ? 250 LYS A N    1 
ATOM   588  C  CA   . LYS A 1 75  ? -8.57040  -2.48370  -2.19475  1.000 13.09590 ? 250 LYS A CA   1 
ATOM   589  C  C    . LYS A 1 75  ? -7.30880  -2.18203  -2.99845  1.000 14.40718 ? 250 LYS A C    1 
ATOM   590  O  O    . LYS A 1 75  ? -6.72447  -3.09026  -3.59837  1.000 17.12501 ? 250 LYS A O    1 
ATOM   591  C  CB   . LYS A 1 75  ? -9.82081  -2.30298  -3.05011  1.000 14.85761 ? 250 LYS A CB   1 
ATOM   592  C  CG   . LYS A 1 75  ? -11.10799 -2.76488  -2.37583  1.000 14.53362 ? 250 LYS A CG   1 
ATOM   593  C  CD   . LYS A 1 75  ? -11.18543 -4.28644  -2.34116  1.000 13.87906 ? 250 LYS A CD   1 
ATOM   594  C  CE   . LYS A 1 75  ? -11.50827 -4.85758  -3.75584  1.000 14.55760 ? 250 LYS A CE   1 
ATOM   595  N  NZ   . LYS A 1 75  ? -11.76723 -6.32513  -3.71739  1.000 15.00195 ? 250 LYS A NZ   1 
ATOM   596  N  N    . ASP A 1 76  ? -6.85254  -0.92121  -3.00884  1.000 15.87174 ? 251 ASP A N    1 
ATOM   597  C  CA   . ASP A 1 76  ? -5.58627  -0.62441  -3.68520  1.000 15.61205 ? 251 ASP A CA   1 
ATOM   598  C  C    . ASP A 1 76  ? -4.40052  -1.20921  -2.92786  1.000 14.78143 ? 251 ASP A C    1 
ATOM   599  O  O    . ASP A 1 76  ? -3.41224  -1.62401  -3.54491  1.000 15.43249 ? 251 ASP A O    1 
ATOM   600  C  CB   . ASP A 1 76  ? -5.40108  0.88513   -3.85686  1.000 14.93649 ? 251 ASP A CB   1 
ATOM   601  C  CG   . ASP A 1 76  ? -6.01992  1.40674   -5.13465  1.000 20.32232 ? 251 ASP A CG   1 
ATOM   602  O  OD1  . ASP A 1 76  ? -6.56940  0.60003   -5.91477  1.000 20.07592 ? 251 ASP A OD1  1 
ATOM   603  O  OD2  . ASP A 1 76  ? -5.95127  2.63043   -5.36088  1.000 19.44376 ? 251 ASP A OD2  1 
ATOM   604  N  N    . ILE A 1 77  ? -4.45406  -1.22425  -1.58785  1.000 13.66737 ? 252 ILE A N    1 
ATOM   605  C  CA   . ILE A 1 77  ? -3.39742  -1.88298  -0.81691  1.000 14.15388 ? 252 ILE A CA   1 
ATOM   606  C  C    . ILE A 1 77  ? -3.39681  -3.38969  -1.08303  1.000 17.39223 ? 252 ILE A C    1 
ATOM   607  O  O    . ILE A 1 77  ? -2.33451  -4.01486  -1.22422  1.000 15.88371 ? 252 ILE A O    1 
ATOM   608  C  CB   . ILE A 1 77  ? -3.56082  -1.56839  0.68481   1.000 12.48516 ? 252 ILE A CB   1 
ATOM   609  C  CG1  . ILE A 1 77  ? -3.23208  -0.09487  0.93574   1.000 15.44236 ? 252 ILE A CG1  1 
ATOM   610  C  CG2  . ILE A 1 77  ? -2.63459  -2.43446  1.53884   1.000 14.44527 ? 252 ILE A CG2  1 
ATOM   611  C  CD1  . ILE A 1 77  ? -1.76041  0.20382   0.73998   1.000 16.19051 ? 252 ILE A CD1  1 
ATOM   612  N  N    . ASP A 1 78  ? -4.58515  -3.99661  -1.15158  1.000 13.85627 ? 253 ASP A N    1 
ATOM   613  C  CA   . ASP A 1 78  ? -4.66668  -5.40835  -1.52301  1.000 16.71125 ? 253 ASP A CA   1 
ATOM   614  C  C    . ASP A 1 78  ? -4.00712  -5.65267  -2.87565  1.000 15.94778 ? 253 ASP A C    1 
ATOM   615  O  O    . ASP A 1 78  ? -3.28662  -6.64349  -3.05927  1.000 18.24845 ? 253 ASP A O    1 
ATOM   616  C  CB   . ASP A 1 78  ? -6.12245  -5.86693  -1.60734  1.000 15.35642 ? 253 ASP A CB   1 
ATOM   617  C  CG   . ASP A 1 78  ? -6.81366  -5.95479  -0.25417  1.000 16.52443 ? 253 ASP A CG   1 
ATOM   618  O  OD1  . ASP A 1 78  ? -6.16669  -5.73602  0.78852   1.000 16.17075 ? 253 ASP A OD1  1 
ATOM   619  O  OD2  . ASP A 1 78  ? -8.04120  -6.24591  -0.24368  1.000 17.67642 ? 253 ASP A OD2  1 
ATOM   620  N  N    . LEU A 1 79  ? -4.27951  -4.77745  -3.84435  1.000 14.75817 ? 254 LEU A N    1 
ATOM   621  C  CA   . LEU A 1 79  ? -3.72228  -4.94904  -5.18322  1.000 17.21875 ? 254 LEU A CA   1 
ATOM   622  C  C    . LEU A 1 79  ? -2.21101  -4.83434  -5.15521  1.000 18.17441 ? 254 LEU A C    1 
ATOM   623  O  O    . LEU A 1 79  ? -1.50431  -5.62541  -5.79093  1.000 19.03121 ? 254 LEU A O    1 
ATOM   624  C  CB   . LEU A 1 79  ? -4.31996  -3.90537  -6.12143  1.000 15.29832 ? 254 LEU A CB   1 
ATOM   625  C  CG   . LEU A 1 79  ? -3.88743  -3.90058  -7.58111  1.000 18.70618 ? 254 LEU A CG   1 
ATOM   626  C  CD1  . LEU A 1 79  ? -4.29933  -5.22180  -8.23037  1.000 22.24381 ? 254 LEU A CD1  1 
ATOM   627  C  CD2  . LEU A 1 79  ? -4.53957  -2.72948  -8.29106  1.000 19.86404 ? 254 LEU A CD2  1 
ATOM   628  N  N    . LEU A 1 80  ? -1.69781  -3.83787  -4.43066  1.000 17.14709 ? 255 LEU A N    1 
ATOM   629  C  CA   . LEU A 1 80  ? -0.25580  -3.69326  -4.26400  1.000 18.71691 ? 255 LEU A CA   1 
ATOM   630  C  C    . LEU A 1 80  ? 0.37392   -4.99346  -3.79039  1.000 20.32304 ? 255 LEU A C    1 
ATOM   631  O  O    . LEU A 1 80  ? 1.34702   -5.48235  -4.37984  1.000 21.05057 ? 255 LEU A O    1 
ATOM   632  C  CB   . LEU A 1 80  ? 0.04026   -2.56426  -3.27110  1.000 18.64039 ? 255 LEU A CB   1 
ATOM   633  C  CG   . LEU A 1 80  ? 1.49752   -2.14602  -3.02011  1.000 21.03242 ? 255 LEU A CG   1 
ATOM   634  C  CD1  . LEU A 1 80  ? 1.96911   -1.13810  -4.04165  1.000 23.05634 ? 255 LEU A CD1  1 
ATOM   635  C  CD2  . LEU A 1 80  ? 1.62468   -1.56214  -1.60806  1.000 26.93784 ? 255 LEU A CD2  1 
ATOM   636  N  N    . ALA A 1 81  ? -0.18512  -5.58185  -2.73108  1.000 18.69610 ? 256 ALA A N    1 
ATOM   637  C  CA   . ALA A 1 81  ? 0.37275   -6.81822  -2.19661  1.000 19.48299 ? 256 ALA A CA   1 
ATOM   638  C  C    . ALA A 1 81  ? 0.19686   -7.97511  -3.17442  1.000 19.59479 ? 256 ALA A C    1 
ATOM   639  O  O    . ALA A 1 81  ? 1.11358   -8.79217  -3.34984  1.000 20.57644 ? 256 ALA A O    1 
ATOM   640  C  CB   . ALA A 1 81  ? -0.27747  -7.15167  -0.85592  1.000 18.87769 ? 256 ALA A CB   1 
ATOM   641  N  N    . LYS A 1 82  ? -0.97166  -8.06638  -3.81349  1.000 18.52056 ? 257 LYS A N    1 
ATOM   642  C  CA   . LYS A 1 82  ? -1.21200  -9.18182  -4.72618  1.000 19.70578 ? 257 LYS A CA   1 
ATOM   643  C  C    . LYS A 1 82  ? -0.23525  -9.13476  -5.89314  1.000 21.97846 ? 257 LYS A C    1 
ATOM   644  O  O    . LYS A 1 82  ? 0.28532   -10.17021 -6.32709  1.000 21.97810 ? 257 LYS A O    1 
ATOM   645  C  CB   . LYS A 1 82  ? -2.65397  -9.14841  -5.23617  1.000 19.68814 ? 257 LYS A CB   1 
ATOM   646  C  CG   . LYS A 1 82  ? -2.92618  -10.09669 -6.39893  1.000 26.66199 ? 257 LYS A CG   1 
ATOM   647  C  CD   . LYS A 1 82  ? -4.37689  -10.01035 -6.85602  1.000 25.98977 ? 257 LYS A CD   1 
ATOM   648  C  CE   . LYS A 1 82  ? -4.74949  -11.19812 -7.74843  1.000 37.43855 ? 257 LYS A CE   1 
ATOM   649  N  NZ   . LYS A 1 82  ? -6.18011  -11.15627 -8.20072  1.000 38.80135 ? 257 LYS A NZ   1 
ATOM   650  N  N    . ASN A 1 83  ? 0.06108   -7.92891  -6.38493  1.000 18.77128 ? 258 ASN A N    1 
ATOM   651  C  CA   . ASN A 1 83  ? 0.99436   -7.80926  -7.50182  1.000 20.95833 ? 258 ASN A CA   1 
ATOM   652  C  C    . ASN A 1 83  ? 2.38917   -8.26647  -7.09706  1.000 20.78945 ? 258 ASN A C    1 
ATOM   653  O  O    . ASN A 1 83  ? 3.05713   -8.99296  -7.84687  1.000 20.76859 ? 258 ASN A O    1 
ATOM   654  C  CB   . ASN A 1 83  ? 1.03066   -6.36651  -8.00472  1.000 19.23715 ? 258 ASN A CB   1 
ATOM   655  C  CG   . ASN A 1 83  ? -0.23547  -5.95450  -8.72523  1.000 18.79208 ? 258 ASN A CG   1 
ATOM   656  O  OD1  . ASN A 1 83  ? -1.07873  -6.79179  -9.07949  1.000 21.02504 ? 258 ASN A OD1  1 
ATOM   657  N  ND2  . ASN A 1 83  ? -0.37248  -4.65026  -8.96234  1.000 16.83657 ? 258 ASN A ND2  1 
ATOM   658  N  N    . ALA A 1 84  ? 2.85191   -7.84377  -5.91790  1.000 19.15542 ? 259 ALA A N    1 
ATOM   659  C  CA   . ALA A 1 84  ? 4.16798   -8.25880  -5.44145  1.000 21.39961 ? 259 ALA A CA   1 
ATOM   660  C  C    . ALA A 1 84  ? 4.22336   -9.76448  -5.21991  1.000 23.15005 ? 259 ALA A C    1 
ATOM   661  O  O    . ALA A 1 84  ? 5.24250   -10.40984 -5.49630  1.000 24.95945 ? 259 ALA A O    1 
ATOM   662  C  CB   . ALA A 1 84  ? 4.52742   -7.52085  -4.15096  1.000 22.39505 ? 259 ALA A CB   1 
ATOM   663  N  N    . LYS A 1 85  ? 3.14010   -10.34129 -4.71581  1.000 20.33808 ? 260 LYS A N    1 
ATOM   664  C  CA   . LYS A 1 85  ? 3.09900   -11.77925 -4.49002  1.000 22.82163 ? 260 LYS A CA   1 
ATOM   665  C  C    . LYS A 1 85  ? 2.87505   -12.57462 -5.77351  1.000 23.50822 ? 260 LYS A C    1 
ATOM   666  O  O    . LYS A 1 85  ? 3.03098   -13.80076 -5.75716  1.000 28.45620 ? 260 LYS A O    1 
ATOM   667  C  CB   . LYS A 1 85  ? 2.02207   -12.09237 -3.44158  1.000 24.76480 ? 260 LYS A CB   1 
ATOM   668  C  CG   . LYS A 1 85  ? 2.38357   -11.52164 -2.05385  1.000 25.67628 ? 260 LYS A CG   1 
ATOM   669  C  CD   . LYS A 1 85  ? 1.18374   -11.34281 -1.11220  1.000 27.69352 ? 260 LYS A CD   1 
ATOM   670  C  CE   . LYS A 1 85  ? 0.47563   -12.66390 -0.85570  1.000 31.44346 ? 260 LYS A CE   1 
ATOM   671  N  NZ   . LYS A 1 85  ? -0.67767  -12.47023 0.09048   1.000 32.54949 ? 260 LYS A NZ   1 
ATOM   672  N  N    . THR A 1 86  ? 2.52887   -11.91497 -6.87898  1.000 21.83324 ? 261 THR A N    1 
ATOM   673  C  CA   . THR A 1 86  ? 2.47872   -12.54260 -8.19799  1.000 23.53906 ? 261 THR A CA   1 
ATOM   674  C  C    . THR A 1 86  ? 3.82432   -12.47371 -8.90827  1.000 27.83204 ? 261 THR A C    1 
ATOM   675  O  O    . THR A 1 86  ? 4.27667   -13.46686 -9.49897  1.000 26.10724 ? 261 THR A O    1 
ATOM   676  C  CB   . THR A 1 86  ? 1.39446   -11.87614 -9.05831  1.000 21.56724 ? 261 THR A CB   1 
ATOM   677  O  OG1  . THR A 1 86  ? 0.11987   -12.00451 -8.40330  1.000 22.91114 ? 261 THR A OG1  1 
ATOM   678  C  CG2  . THR A 1 86  ? 1.32737   -12.47870 -10.45823 1.000 28.77636 ? 261 THR A CG2  1 
ATOM   679  N  N    . TYR A 1 87  ? 4.48082   -11.31644 -8.84436  1.000 20.62571 ? 262 TYR A N    1 
ATOM   680  C  CA   . TYR A 1 87  ? 5.69730   -11.11035 -9.62232  1.000 24.40626 ? 262 TYR A CA   1 
ATOM   681  C  C    . TYR A 1 87  ? 6.91183   -11.69121 -8.92238  1.000 27.65409 ? 262 TYR A C    1 
ATOM   682  O  O    . TYR A 1 87  ? 7.76763   -12.31261 -9.56361  1.000 26.22990 ? 262 TYR A O    1 
ATOM   683  C  CB   . TYR A 1 87  ? 5.91604   -9.61599  -9.87777  1.000 23.05691 ? 262 TYR A CB   1 
ATOM   684  C  CG   . TYR A 1 87  ? 7.13422   -9.34529  -10.73338 1.000 22.11520 ? 262 TYR A CG   1 
ATOM   685  C  CD1  . TYR A 1 87  ? 7.04635   -9.40043  -12.11820 1.000 22.09934 ? 262 TYR A CD1  1 
ATOM   686  C  CD2  . TYR A 1 87  ? 8.35941   -9.02365  -10.16136 1.000 24.22030 ? 262 TYR A CD2  1 
ATOM   687  C  CE1  . TYR A 1 87  ? 8.15651   -9.15554  -12.92161 1.000 25.38990 ? 262 TYR A CE1  1 
ATOM   688  C  CE2  . TYR A 1 87  ? 9.48289   -8.78229  -10.95735 1.000 24.08015 ? 262 TYR A CE2  1 
ATOM   689  C  CZ   . TYR A 1 87  ? 9.36569   -8.84747  -12.33391 1.000 25.58906 ? 262 TYR A CZ   1 
ATOM   690  O  OH   . TYR A 1 87  ? 10.45556  -8.60335  -13.13995 1.000 25.29526 ? 262 TYR A OH   1 
ATOM   691  N  N    . ASN A 1 88  ? 7.00529   -11.48550 -7.61818  1.000 24.76935 ? 263 ASN A N    1 
ATOM   692  C  CA   . ASN A 1 88  ? 8.15851   -11.88852 -6.83687  1.000 24.84057 ? 263 ASN A CA   1 
ATOM   693  C  C    . ASN A 1 88  ? 7.90490   -13.24312 -6.19838  1.000 27.70426 ? 263 ASN A C    1 
ATOM   694  O  O    . ASN A 1 88  ? 6.76165   -13.62738 -5.94351  1.000 30.34850 ? 263 ASN A O    1 
ATOM   695  C  CB   . ASN A 1 88  ? 8.48737   -10.82740 -5.78434  1.000 26.03462 ? 263 ASN A CB   1 
ATOM   696  C  CG   . ASN A 1 88  ? 8.81319   -9.50042  -6.41585  1.000 28.36684 ? 263 ASN A CG   1 
ATOM   697  O  OD1  . ASN A 1 88  ? 7.92574   -8.69714  -6.68856  1.000 25.79632 ? 263 ASN A OD1  1 
ATOM   698  N  ND2  . ASN A 1 88  ? 10.08748  -9.28623  -6.70853  1.000 29.60840 ? 263 ASN A ND2  1 
ATOM   699  N  N    . GLU A 1 89  ? 8.97694   -13.97229 -5.96775  1.000 31.74840 ? 264 GLU A N    1 
ATOM   700  C  CA   . GLU A 1 89  ? 8.78974   -15.36125 -5.58448  1.000 35.56898 ? 264 GLU A CA   1 
ATOM   701  C  C    . GLU A 1 89  ? 8.33990   -15.47465 -4.12657  1.000 37.62233 ? 264 GLU A C    1 
ATOM   702  O  O    . GLU A 1 89  ? 8.63079   -14.60040 -3.30790  1.000 37.39103 ? 264 GLU A O    1 
ATOM   703  C  CB   . GLU A 1 89  ? 10.08150  -16.14824 -5.81971  1.000 37.27145 ? 264 GLU A CB   1 
ATOM   704  C  CG   . GLU A 1 89  ? 10.31000  -16.46002 -7.32172  1.000 41.31583 ? 264 GLU A CG   1 
ATOM   705  C  CD   . GLU A 1 89  ? 11.76669  -16.72849 -7.68973  1.000 42.48287 ? 264 GLU A CD   1 
ATOM   706  O  OE1  . GLU A 1 89  ? 12.64081  -16.64367 -6.79656  1.000 38.46261 ? 264 GLU A OE1  1 
ATOM   707  O  OE2  . GLU A 1 89  ? 12.03176  -17.02721 -8.87925  1.000 41.52818 ? 264 GLU A OE2  1 
ATOM   708  N  N    . PRO A 1 90  ? 7.58340   -16.51787 -3.79037  1.000 37.86917 ? 265 PRO A N    1 
ATOM   709  C  CA   . PRO A 1 90  ? 7.23634   -16.74120 -2.38152  1.000 34.99343 ? 265 PRO A CA   1 
ATOM   710  C  C    . PRO A 1 90  ? 8.49445   -16.97450 -1.56465  1.000 39.06491 ? 265 PRO A C    1 
ATOM   711  O  O    . PRO A 1 90  ? 9.46089   -17.57468 -2.03705  1.000 42.09218 ? 265 PRO A O    1 
ATOM   712  C  CB   . PRO A 1 90  ? 6.33783   -17.98112 -2.42158  1.000 38.50523 ? 265 PRO A CB   1 
ATOM   713  C  CG   . PRO A 1 90  ? 5.86249   -18.07400 -3.85476  1.000 38.24719 ? 265 PRO A CG   1 
ATOM   714  C  CD   . PRO A 1 90  ? 6.97519   -17.51499 -4.68707  1.000 39.05772 ? 265 PRO A CD   1 
ATOM   715  N  N    . GLY A 1 91  ? 8.49431   -16.46393 -0.33839  1.000 38.83732 ? 266 GLY A N    1 
ATOM   716  C  CA   . GLY A 1 91  ? 9.69096   -16.48193 0.46751   1.000 41.28076 ? 266 GLY A CA   1 
ATOM   717  C  C    . GLY A 1 91  ? 10.68492  -15.38822 0.15313   1.000 40.68087 ? 266 GLY A C    1 
ATOM   718  O  O    . GLY A 1 91  ? 11.60311  -15.16276 0.95309   1.000 44.67888 ? 266 GLY A O    1 
ATOM   719  N  N    . SER A 1 92  ? 10.54800  -14.70214 -0.98142  1.000 39.45602 ? 267 SER A N    1 
ATOM   720  C  CA   . SER A 1 92  ? 11.34922  -13.50808 -1.20091  1.000 37.87757 ? 267 SER A CA   1 
ATOM   721  C  C    . SER A 1 92  ? 11.00625  -12.46974 -0.14110  1.000 36.05981 ? 267 SER A C    1 
ATOM   722  O  O    . SER A 1 92  ? 9.90577   -12.46066 0.41678   1.000 30.50301 ? 267 SER A O    1 
ATOM   723  C  CB   . SER A 1 92  ? 11.11969  -12.94163 -2.60581  1.000 36.54306 ? 267 SER A CB   1 
ATOM   724  O  OG   . SER A 1 92  ? 9.85786   -12.29833 -2.72412  1.000 33.51498 ? 267 SER A OG   1 
ATOM   725  N  N    . GLN A 1 93  ? 11.97178  -11.60262 0.15711   1.000 34.62886 ? 268 GLN A N    1 
ATOM   726  C  CA   . GLN A 1 93  ? 11.71444  -10.55784 1.13803   1.000 36.66607 ? 268 GLN A CA   1 
ATOM   727  C  C    . GLN A 1 93  ? 10.63279  -9.59953  0.66044   1.000 32.12407 ? 268 GLN A C    1 
ATOM   728  O  O    . GLN A 1 93  ? 9.85156   -9.09795  1.47689   1.000 31.10798 ? 268 GLN A O    1 
ATOM   729  C  CB   . GLN A 1 93  ? 12.99576  -9.79080  1.45740   1.000 37.74412 ? 268 GLN A CB   1 
ATOM   730  C  CG   . GLN A 1 93  ? 12.87692  -8.87834  2.67471   1.000 38.36080 ? 268 GLN A CG   1 
ATOM   731  C  CD   . GLN A 1 93  ? 12.53589  -9.63823  3.94227   1.000 44.80406 ? 268 GLN A CD   1 
ATOM   732  O  OE1  . GLN A 1 93  ? 13.19163  -10.62488 4.28456   1.000 44.40467 ? 268 GLN A OE1  1 
ATOM   733  N  NE2  . GLN A 1 93  ? 11.50808  -9.17556  4.65320   1.000 43.17500 ? 268 GLN A NE2  1 
ATOM   734  N  N    . VAL A 1 94  ? 10.56867  -9.33797  -0.64859  1.000 32.66012 ? 269 VAL A N    1 
ATOM   735  C  CA   . VAL A 1 94  ? 9.51493   -8.48317  -1.18898  1.000 27.33636 ? 269 VAL A CA   1 
ATOM   736  C  C    . VAL A 1 94  ? 8.14693   -9.11834  -0.96494  1.000 26.77378 ? 269 VAL A C    1 
ATOM   737  O  O    . VAL A 1 94  ? 7.18549   -8.43928  -0.58619  1.000 28.22364 ? 269 VAL A O    1 
ATOM   738  C  CB   . VAL A 1 94  ? 9.77368   -8.19797  -2.68005  1.000 32.35264 ? 269 VAL A CB   1 
ATOM   739  C  CG1  . VAL A 1 94  ? 8.68161   -7.31598  -3.25258  1.000 29.35186 ? 269 VAL A CG1  1 
ATOM   740  C  CG2  . VAL A 1 94  ? 11.12492  -7.53302  -2.86598  1.000 32.08801 ? 269 VAL A CG2  1 
ATOM   741  N  N    . PHE A 1 95  ? 8.03794   -10.42757 -1.20657  1.000 28.38531 ? 270 PHE A N    1 
ATOM   742  C  CA   . PHE A 1 95  ? 6.80628   -11.16220 -0.91190  1.000 32.48975 ? 270 PHE A CA   1 
ATOM   743  C  C    . PHE A 1 95  ? 6.38297   -10.96900 0.54267   1.000 30.14236 ? 270 PHE A C    1 
ATOM   744  O  O    . PHE A 1 95  ? 5.23383   -10.60965 0.82249   1.000 27.25086 ? 270 PHE A O    1 
ATOM   745  C  CB   . PHE A 1 95  ? 7.01571   -12.64997 -1.23547  1.000 34.90408 ? 270 PHE A CB   1 
ATOM   746  C  CG   . PHE A 1 95  ? 5.75740   -13.49074 -1.22232  1.000 32.00311 ? 270 PHE A CG   1 
ATOM   747  C  CD1  . PHE A 1 95  ? 5.16258   -13.87142 -0.02440  1.000 32.26531 ? 270 PHE A CD1  1 
ATOM   748  C  CD2  . PHE A 1 95  ? 5.20725   -13.95931 -2.41744  1.000 32.39521 ? 270 PHE A CD2  1 
ATOM   749  C  CE1  . PHE A 1 95  ? 4.02372   -14.66528 -0.01970  1.000 35.34274 ? 270 PHE A CE1  1 
ATOM   750  C  CE2  . PHE A 1 95  ? 4.07352   -14.76171 -2.41980  1.000 33.37123 ? 270 PHE A CE2  1 
ATOM   751  C  CZ   . PHE A 1 95  ? 3.47900   -15.11369 -1.21685  1.000 32.91399 ? 270 PHE A CZ   1 
ATOM   752  N  N    . LYS A 1 96  ? 7.30404   -11.19536 1.48524   1.000 27.72764 ? 271 LYS A N    1 
ATOM   753  C  CA   . LYS A 1 96  ? 6.94312   -11.08336 2.89804   1.000 27.89846 ? 271 LYS A CA   1 
ATOM   754  C  C    . LYS A 1 96  ? 6.64366   -9.63680  3.28513   1.000 27.31752 ? 271 LYS A C    1 
ATOM   755  O  O    . LYS A 1 96  ? 5.70573   -9.37403  4.04846   1.000 28.72693 ? 271 LYS A O    1 
ATOM   756  C  CB   . LYS A 1 96  ? 8.04906   -11.66345 3.78242   1.000 32.96588 ? 271 LYS A CB   1 
ATOM   757  C  CG   . LYS A 1 96  ? 8.61686   -12.97577 3.27067   1.000 38.32447 ? 271 LYS A CG   1 
ATOM   758  C  CD   . LYS A 1 96  ? 10.07559  -13.14626 3.68193   1.000 43.91156 ? 271 LYS A CD   1 
ATOM   759  C  CE   . LYS A 1 96  ? 10.22434  -13.23158 5.19451   1.000 46.23346 ? 271 LYS A CE   1 
ATOM   760  N  NZ   . LYS A 1 96  ? 11.65940  -13.33720 5.60064   1.000 49.44770 ? 271 LYS A NZ   1 
ATOM   761  N  N    . ASP A 1 97  ? 7.41000   -8.68635  2.75061   1.000 24.17872 ? 272 ASP A N    1 
ATOM   762  C  CA   . ASP A 1 97  ? 7.13363   -7.28177  3.03478   1.000 28.55368 ? 272 ASP A CA   1 
ATOM   763  C  C    . ASP A 1 97  ? 5.76176   -6.85952  2.51965   1.000 27.60561 ? 272 ASP A C    1 
ATOM   764  O  O    . ASP A 1 97  ? 5.10576   -6.00727  3.13280   1.000 24.42787 ? 272 ASP A O    1 
ATOM   765  C  CB   . ASP A 1 97  ? 8.21652   -6.40065  2.42425   1.000 28.44564 ? 272 ASP A CB   1 
ATOM   766  C  CG   . ASP A 1 97  ? 9.51827   -6.44961  3.20711   1.000 31.66116 ? 272 ASP A CG   1 
ATOM   767  O  OD1  . ASP A 1 97  ? 9.51593   -6.93027  4.36105   1.000 37.84655 ? 272 ASP A OD1  1 
ATOM   768  O  OD2  . ASP A 1 97  ? 10.54554  -5.99326  2.66265   1.000 37.70570 ? 272 ASP A OD2  1 
ATOM   769  N  N    . ALA A 1 98  ? 5.31850   -7.43686  1.40033   1.000 24.63763 ? 273 ALA A N    1 
ATOM   770  C  CA   . ALA A 1 98  ? 3.98600   -7.13816  0.87836   1.000 27.24997 ? 273 ALA A CA   1 
ATOM   771  C  C    . ALA A 1 98  ? 2.90621   -7.56956  1.86178   1.000 25.36333 ? 273 ALA A C    1 
ATOM   772  O  O    . ALA A 1 98  ? 1.97570   -6.80790  2.16718   1.000 22.70990 ? 273 ALA A O    1 
ATOM   773  C  CB   . ALA A 1 98  ? 3.78247   -7.82532  -0.47375  1.000 29.03059 ? 273 ALA A CB   1 
ATOM   774  N  N    . ASN A 1 99  ? 3.00909   -8.80086  2.36732   1.000 24.65236 ? 274 ASN A N    1 
ATOM   775  C  CA   . ASN A 1 99  ? 2.07200   -9.24703  3.39171   1.000 22.98306 ? 274 ASN A CA   1 
ATOM   776  C  C    . ASN A 1 99  ? 2.15864   -8.39132  4.64297   1.000 24.31720 ? 274 ASN A C    1 
ATOM   777  O  O    . ASN A 1 99  ? 1.13622   -8.14968  5.29818   1.000 23.04258 ? 274 ASN A O    1 
ATOM   778  C  CB   . ASN A 1 99  ? 2.31316   -10.71431 3.74151   1.000 26.98102 ? 274 ASN A CB   1 
ATOM   779  C  CG   . ASN A 1 99  ? 1.49464   -11.65434 2.88391   1.000 28.06760 ? 274 ASN A CG   1 
ATOM   780  O  OD1  . ASN A 1 99  ? 0.44033   -11.28775 2.37970   1.000 26.89280 ? 274 ASN A OD1  1 
ATOM   781  N  ND2  . ASN A 1 99  ? 1.98834   -12.87394 2.70749   1.000 34.28979 ? 274 ASN A ND2  1 
ATOM   782  N  N    . SER A 1 100 ? 3.35707   -7.92119  4.99418   1.000 20.72155 ? 275 SER A N    1 
ATOM   783  C  CA   . SER A 1 100 ? 3.49171   -7.10959  6.20050   1.000 22.85084 ? 275 SER A CA   1 
ATOM   784  C  C    . SER A 1 100 ? 2.80003   -5.76616  6.03272   1.000 19.97459 ? 275 SER A C    1 
ATOM   785  O  O    . SER A 1 100 ? 2.16732   -5.26250  6.97049   1.000 21.55789 ? 275 SER A O    1 
ATOM   786  C  CB   . SER A 1 100 ? 4.96572   -6.90743  6.54201   1.000 28.47770 ? 275 SER A CB   1 
ATOM   787  O  OG   . SER A 1 100 ? 5.55394   -8.13562  6.92482   1.000 28.02210 ? 275 SER A OG   1 
ATOM   788  N  N    . ILE A 1 101 ? 2.90809   -5.17995  4.84096   1.000 21.40760 ? 276 ILE A N    1 
ATOM   789  C  CA   . ILE A 1 101 ? 2.23229   -3.90836  4.55582   1.000 22.94708 ? 276 ILE A CA   1 
ATOM   790  C  C    . ILE A 1 101 ? 0.72472   -4.06053  4.72689   1.000 19.60719 ? 276 ILE A C    1 
ATOM   791  O  O    . ILE A 1 101 ? 0.06629   -3.22523  5.36219   1.000 18.63682 ? 276 ILE A O    1 
ATOM   792  C  CB   . ILE A 1 101 ? 2.60189   -3.42087  3.14305   1.000 24.35495 ? 276 ILE A CB   1 
ATOM   793  C  CG1  . ILE A 1 101 ? 4.00605   -2.82400  3.15007   1.000 26.29665 ? 276 ILE A CG1  1 
ATOM   794  C  CG2  . ILE A 1 101 ? 1.56434   -2.42489  2.57922   1.000 20.36279 ? 276 ILE A CG2  1 
ATOM   795  C  CD1  . ILE A 1 101 ? 4.53240   -2.56460  1.75322   1.000 26.33595 ? 276 ILE A CD1  1 
ATOM   796  N  N    . LYS A 1 102 ? 0.15684   -5.12428  4.14547   1.000 17.80062 ? 277 LYS A N    1 
ATOM   797  C  CA   . LYS A 1 102 ? -1.26268  -5.43156  4.32320   1.000 18.02935 ? 277 LYS A CA   1 
ATOM   798  C  C    . LYS A 1 102 ? -1.61355  -5.59388  5.79476   1.000 19.02179 ? 277 LYS A C    1 
ATOM   799  O  O    . LYS A 1 102 ? -2.60408  -5.03508  6.28937   1.000 18.27128 ? 277 LYS A O    1 
ATOM   800  C  CB   . LYS A 1 102 ? -1.60212  -6.72063  3.57393   1.000 20.12801 ? 277 LYS A CB   1 
ATOM   801  C  CG   . LYS A 1 102 ? -2.78078  -6.64561  2.69284   1.000 26.42404 ? 277 LYS A CG   1 
ATOM   802  C  CD   . LYS A 1 102 ? -2.93876  -7.94994  1.93351   1.000 19.70525 ? 277 LYS A CD   1 
ATOM   803  C  CE   . LYS A 1 102 ? -4.39803  -8.37839  2.03240   1.000 19.22106 ? 277 LYS A CE   1 
ATOM   804  N  NZ   . LYS A 1 102 ? -4.72405  -9.41094  1.01595   1.000 16.44533 ? 277 LYS A NZ   1 
ATOM   805  N  N    . LYS A 1 103 ? -0.80381  -6.37228  6.50254   1.000 18.64928 ? 278 LYS A N    1 
ATOM   806  C  CA   . LYS A 1 103 ? -1.01595  -6.64780  7.91474   1.000 19.99581 ? 278 LYS A CA   1 
ATOM   807  C  C    . LYS A 1 103 ? -1.05135  -5.35141  8.73314   1.000 19.68099 ? 278 LYS A C    1 
ATOM   808  O  O    . LYS A 1 103 ? -1.93984  -5.14641  9.57468   1.000 18.75487 ? 278 LYS A O    1 
ATOM   809  C  CB   . LYS A 1 103 ? 0.11740   -7.56829  8.35326   1.000 24.55169 ? 278 LYS A CB   1 
ATOM   810  C  CG   . LYS A 1 103 ? -0.10890  -8.30450  9.56915   1.000 33.67453 ? 278 LYS A CG   1 
ATOM   811  C  CD   . LYS A 1 103 ? 0.69266   -9.61270  9.63940   1.000 33.45186 ? 278 LYS A CD   1 
ATOM   812  C  CE   . LYS A 1 103 ? 0.63513   -10.37152 8.34450   1.000 34.66995 ? 278 LYS A CE   1 
ATOM   813  N  NZ   . LYS A 1 103 ? 0.66494   -11.83759 8.61034   1.000 47.49365 ? 278 LYS A NZ   1 
ATOM   814  N  N    . ILE A 1 104 ? -0.10293  -4.44531  8.46540   1.000 17.57392 ? 279 ILE A N    1 
ATOM   815  C  CA   . ILE A 1 104 ? -0.04335  -3.15704  9.15634   1.000 17.79518 ? 279 ILE A CA   1 
ATOM   816  C  C    . ILE A 1 104 ? -1.25213  -2.29238  8.81797   1.000 17.52148 ? 279 ILE A C    1 
ATOM   817  O  O    . ILE A 1 104 ? -1.84541  -1.65737  9.69662   1.000 17.14732 ? 279 ILE A O    1 
ATOM   818  C  CB   . ILE A 1 104 ? 1.27899   -2.44418  8.81178   1.000 19.53371 ? 279 ILE A CB   1 
ATOM   819  C  CG1  . ILE A 1 104 ? 2.38843   -3.02097  9.68606   1.000 28.84853 ? 279 ILE A CG1  1 
ATOM   820  C  CG2  . ILE A 1 104 ? 1.16592   -0.94225  9.04062   1.000 21.85749 ? 279 ILE A CG2  1 
ATOM   821  C  CD1  . ILE A 1 104 ? 3.69441   -3.11300  9.00466   1.000 34.91843 ? 279 ILE A CD1  1 
ATOM   822  N  N    . PHE A 1 105 ? -1.62879  -2.24101  7.53977   1.000 15.74119 ? 280 PHE A N    1 
ATOM   823  C  CA   . PHE A 1 105 ? -2.75293  -1.39567  7.14388   1.000 14.22892 ? 280 PHE A CA   1 
ATOM   824  C  C    . PHE A 1 105 ? -4.04068  -1.81965  7.85038   1.000 16.27487 ? 280 PHE A C    1 
ATOM   825  O  O    . PHE A 1 105 ? -4.77489  -0.98043  8.38758   1.000 13.50726 ? 280 PHE A O    1 
ATOM   826  C  CB   . PHE A 1 105 ? -2.91567  -1.44582  5.62576   1.000 13.94420 ? 280 PHE A CB   1 
ATOM   827  C  CG   . PHE A 1 105 ? -4.16665  -0.78562  5.12955   1.000 14.80402 ? 280 PHE A CG   1 
ATOM   828  C  CD1  . PHE A 1 105 ? -4.17090  0.57756   4.84012   1.000 14.69002 ? 280 PHE A CD1  1 
ATOM   829  C  CD2  . PHE A 1 105 ? -5.34164  -1.52101  4.96666   1.000 14.24055 ? 280 PHE A CD2  1 
ATOM   830  C  CE1  . PHE A 1 105 ? -5.31128  1.20039   4.38122   1.000 13.75912 ? 280 PHE A CE1  1 
ATOM   831  C  CE2  . PHE A 1 105 ? -6.49735  -0.91063  4.51750   1.000 16.62387 ? 280 PHE A CE2  1 
ATOM   832  C  CZ   . PHE A 1 105 ? -6.48605  0.46913   4.22838   1.000 14.87399 ? 280 PHE A CZ   1 
ATOM   833  N  N    . TYR A 1 106 ? -4.34039  -3.12413  7.85875   1.000 13.26506 ? 281 TYR A N    1 
ATOM   834  C  CA   . TYR A 1 106 ? -5.62026  -3.54564  8.43167   1.000 13.84049 ? 281 TYR A CA   1 
ATOM   835  C  C    . TYR A 1 106 ? -5.61437  -3.46780  9.95688   1.000 14.76984 ? 281 TYR A C    1 
ATOM   836  O  O    . TYR A 1 106 ? -6.66634  -3.26665  10.57950  1.000 15.07976 ? 281 TYR A O    1 
ATOM   837  C  CB   . TYR A 1 106 ? -5.95870  -4.95329  7.93358   1.000 14.78633 ? 281 TYR A CB   1 
ATOM   838  C  CG   . TYR A 1 106 ? -6.43757  -4.89184  6.50257   1.000 12.24131 ? 281 TYR A CG   1 
ATOM   839  C  CD1  . TYR A 1 106 ? -7.64032  -4.27441  6.18782   1.000 13.27778 ? 281 TYR A CD1  1 
ATOM   840  C  CD2  . TYR A 1 106 ? -5.66601  -5.41063  5.46225   1.000 12.13199 ? 281 TYR A CD2  1 
ATOM   841  C  CE1  . TYR A 1 106 ? -8.08533  -4.18575  4.86314   1.000 15.57308 ? 281 TYR A CE1  1 
ATOM   842  C  CE2  . TYR A 1 106 ? -6.10586  -5.34318  4.12984   1.000 16.16555 ? 281 TYR A CE2  1 
ATOM   843  C  CZ   . TYR A 1 106 ? -7.30067  -4.70652  3.84296   1.000 14.30514 ? 281 TYR A CZ   1 
ATOM   844  O  OH   . TYR A 1 106 ? -7.72641  -4.64365  2.54110   1.000 14.78973 ? 281 TYR A OH   1 
ATOM   845  N  N    . MET A 1 107 ? -4.44526  -3.60059  10.57512  1.000 13.80651 ? 282 MET A N    1 
ATOM   846  C  CA   . MET A 1 107 ? -4.36676  -3.45634  12.02387  1.000 15.75795 ? 282 MET A CA   1 
ATOM   847  C  C    . MET A 1 107 ? -4.61493  -1.99498  12.40424  1.000 16.28810 ? 282 MET A C    1 
ATOM   848  O  O    . MET A 1 107 ? -5.37137  -1.69177  13.34099  1.000 16.04087 ? 282 MET A O    1 
ATOM   849  C  CB   . MET A 1 107 ? -2.97742  -3.92479  12.47269  1.000 17.40492 ? 282 MET A CB   1 
ATOM   850  C  CG   . MET A 1 107 ? -2.59281  -3.79759  13.93755  1.000 24.54527 ? 282 MET A CG   1 
ATOM   851  S  SD   . MET A 1 107 ? -3.68909  -4.80284  14.97041  1.000 25.74240 ? 282 MET A SD   1 
ATOM   852  C  CE   . MET A 1 107 ? -2.68693  -4.90832  16.46508  1.000 26.49004 ? 282 MET A CE   1 
ATOM   853  N  N    . LYS A 1 108 ? -4.01279  -1.06537  11.65143  1.000 15.56745 ? 283 LYS A N    1 
ATOM   854  C  CA   . LYS A 1 108 ? -4.23145  0.35949   11.90002  1.000 15.25314 ? 283 LYS A CA   1 
ATOM   855  C  C    . LYS A 1 108 ? -5.66882  0.74892   11.58517  1.000 14.82914 ? 283 LYS A C    1 
ATOM   856  O  O    . LYS A 1 108 ? -6.26856  1.56674   12.29208  1.000 14.38136 ? 283 LYS A O    1 
ATOM   857  C  CB   . LYS A 1 108 ? -3.26795  1.20117   11.06024  1.000 15.97287 ? 283 LYS A CB   1 
ATOM   858  C  CG   . LYS A 1 108 ? -3.34751  2.70903   11.30343  1.000 16.16199 ? 283 LYS A CG   1 
ATOM   859  C  CD   . LYS A 1 108 ? -2.85744  3.04058   12.70400  1.000 21.15238 ? 283 LYS A CD   1 
ATOM   860  C  CE   . LYS A 1 108 ? -2.82885  4.53808   12.93304  1.000 25.57931 ? 283 LYS A CE   1 
ATOM   861  N  NZ   . LYS A 1 108 ? -2.23761  4.84839   14.28149  1.000 29.54454 ? 283 LYS A NZ   1 
ATOM   862  N  N    . LYS A 1 109 ? -6.23232  0.18549   10.50957  1.000 13.83533 ? 284 LYS A N    1 
ATOM   863  C  CA   . LYS A 1 109 ? -7.61698  0.49844   10.17392  1.000 15.32538 ? 284 LYS A CA   1 
ATOM   864  C  C    . LYS A 1 109 ? -8.54675  0.07715   11.30320  1.000 15.07419 ? 284 LYS A C    1 
ATOM   865  O  O    . LYS A 1 109 ? -9.46386  0.81583   11.67519  1.000 13.61117 ? 284 LYS A O    1 
ATOM   866  C  CB   . LYS A 1 109 ? -8.00168  -0.17958  8.84473   1.000 14.91816 ? 284 LYS A CB   1 
ATOM   867  C  CG   . LYS A 1 109 ? -9.44259  0.09319   8.39055   1.000 16.70310 ? 284 LYS A CG   1 
ATOM   868  C  CD   . LYS A 1 109 ? -9.75336  -0.63299  7.06708   1.000 19.89216 ? 284 LYS A CD   1 
ATOM   869  C  CE   . LYS A 1 109 ? -11.15329 -0.34141  6.55360   1.000 22.62461 ? 284 LYS A CE   1 
ATOM   870  N  NZ   . LYS A 1 109 ? -12.21185 -1.03891  7.33930   1.000 23.66526 ? 284 LYS A NZ   1 
ATOM   871  N  N    . ALA A 1 110 ? -8.28909  -1.08646  11.89987  1.000 13.19740 ? 285 ALA A N    1 
ATOM   872  C  CA   . ALA A 1 110 ? -9.12167  -1.53082  13.01021  1.000 14.55578 ? 285 ALA A CA   1 
ATOM   873  C  C    . ALA A 1 110 ? -8.93045  -0.63589  14.22584  1.000 14.67367 ? 285 ALA A C    1 
ATOM   874  O  O    . ALA A 1 110 ? -9.89379  -0.29918  14.92092  1.000 13.67035 ? 285 ALA A O    1 
ATOM   875  C  CB   . ALA A 1 110 ? -8.79205  -2.98589  13.35286  1.000 14.92343 ? 285 ALA A CB   1 
ATOM   876  N  N    . GLU A 1 111 ? -7.68846  -0.26131  14.51970  1.000 15.20499 ? 286 GLU A N    1 
ATOM   877  C  CA   . GLU A 1 111 ? -7.45095  0.62646   15.65095  1.000 15.41960 ? 286 GLU A CA   1 
ATOM   878  C  C    . GLU A 1 111 ? -8.23276  1.92517   15.49486  1.000 17.48487 ? 286 GLU A C    1 
ATOM   879  O  O    . GLU A 1 111 ? -8.87711  2.39448   16.44462  1.000 17.44156 ? 286 GLU A O    1 
ATOM   880  C  CB   . GLU A 1 111 ? -5.95051  0.89074   15.77581  1.000 18.03452 ? 286 GLU A CB   1 
ATOM   881  C  CG   . GLU A 1 111 ? -5.21082  -0.35945  16.23980  1.000 20.90136 ? 286 GLU A CG   1 
ATOM   882  C  CD   . GLU A 1 111 ? -3.70165  -0.22785  16.21821  1.000 25.34003 ? 286 GLU A CD   1 
ATOM   883  O  OE1  . GLU A 1 111 ? -3.17663  0.71648   15.58199  1.000 24.62604 ? 286 GLU A OE1  1 
ATOM   884  O  OE2  . GLU A 1 111 ? -3.04483  -1.08801  16.84288  1.000 24.97821 ? 286 GLU A OE2  1 
ATOM   885  N  N    . ILE A 1 112 ? -8.23358  2.48553   14.28386  1.000 14.49209 ? 287 ILE A N    1 
ATOM   886  C  CA   . ILE A 1 112 ? -8.91914  3.75080   14.03597  1.000 14.25541 ? 287 ILE A CA   1 
ATOM   887  C  C    . ILE A 1 112 ? -10.42858 3.57500   14.11326  1.000 17.25175 ? 287 ILE A C    1 
ATOM   888  O  O    . ILE A 1 112 ? -11.12761 4.34953   14.78449  1.000 17.66228 ? 287 ILE A O    1 
ATOM   889  C  CB   . ILE A 1 112 ? -8.50552  4.31467   12.66680  1.000 15.47051 ? 287 ILE A CB   1 
ATOM   890  C  CG1  . ILE A 1 112 ? -7.09823  4.89843   12.73887  1.000 15.92360 ? 287 ILE A CG1  1 
ATOM   891  C  CG2  . ILE A 1 112 ? -9.49936  5.36107   12.20682  1.000 18.40225 ? 287 ILE A CG2  1 
ATOM   892  C  CD1  . ILE A 1 112 ? -6.53295  5.21879   11.35594  1.000 17.43048 ? 287 ILE A CD1  1 
ATOM   893  N  N    . GLU A 1 113 ? -10.95460 2.56428   13.41775  1.000 15.16267 ? 288 GLU A N    1 
ATOM   894  C  CA   . GLU A 1 113 ? -12.40155 2.40942   13.28497  1.000 14.82387 ? 288 GLU A CA   1 
ATOM   895  C  C    . GLU A 1 113 ? -13.08010 1.92818   14.56001  1.000 16.64104 ? 288 GLU A C    1 
ATOM   896  O  O    . GLU A 1 113 ? -14.27282 2.20233   14.73861  1.000 17.21021 ? 288 GLU A O    1 
ATOM   897  C  CB   . GLU A 1 113 ? -12.72887 1.45321   12.14659  1.000 15.71520 ? 288 GLU A CB   1 
ATOM   898  C  CG   . GLU A 1 113 ? -12.34463 2.01099   10.78723  1.000 20.80597 ? 288 GLU A CG   1 
ATOM   899  C  CD   . GLU A 1 113 ? -12.88543 1.18371   9.64237   1.000 23.30455 ? 288 GLU A CD   1 
ATOM   900  O  OE1  . GLU A 1 113 ? -12.63715 -0.03954  9.61579   1.000 26.62475 ? 288 GLU A OE1  1 
ATOM   901  O  OE2  . GLU A 1 113 ? -13.53827 1.76552   8.75381   1.000 28.08671 ? 288 GLU A OE2  1 
ATOM   902  N  N    . HIS A 1 114 ? -12.35716 1.23678   15.44278  1.000 12.73224 ? 289 HIS A N    1 
ATOM   903  C  CA   . HIS A 1 114 ? -12.95419 0.63701   16.63024  1.000 13.66869 ? 289 HIS A CA   1 
ATOM   904  C  C    . HIS A 1 114 ? -12.66039 1.38530   17.91533  1.000 16.82267 ? 289 HIS A C    1 
ATOM   905  O  O    . HIS A 1 114 ? -13.26730 1.06573   18.94436  1.000 16.03444 ? 289 HIS A O    1 
ATOM   906  C  CB   . HIS A 1 114 ? -12.46533 -0.79628  16.80565  1.000 16.81280 ? 289 HIS A CB   1 
ATOM   907  C  CG   . HIS A 1 114 ? -13.09173 -1.74430  15.84667  1.000 13.08589 ? 289 HIS A CG   1 
ATOM   908  N  ND1  . HIS A 1 114 ? -12.72478 -3.07027  15.76493  1.000 11.80745 ? 289 HIS A ND1  1 
ATOM   909  C  CD2  . HIS A 1 114 ? -14.04647 -1.55398  14.90552  1.000 13.74062 ? 289 HIS A CD2  1 
ATOM   910  C  CE1  . HIS A 1 114 ? -13.43529 -3.66531  14.82619  1.000 14.46518 ? 289 HIS A CE1  1 
ATOM   911  N  NE2  . HIS A 1 114 ? -14.23861 -2.76702  14.29249  1.000 15.59723 ? 289 HIS A NE2  1 
ATOM   912  N  N    . HIS A 1 115 ? -11.74205 2.34176   17.90151  1.000 16.07291 ? 290 HIS A N    1 
ATOM   913  C  CA   . HIS A 1 115 ? -11.41944 3.01249   19.14537  1.000 15.71678 ? 290 HIS A CA   1 
ATOM   914  C  C    . HIS A 1 115 ? -12.63120 3.79300   19.63973  1.000 14.96313 ? 290 HIS A C    1 
ATOM   915  O  O    . HIS A 1 115 ? -13.39082 4.36972   18.85784  1.000 15.41081 ? 290 HIS A O    1 
ATOM   916  C  CB   . HIS A 1 115 ? -10.19917 3.92824   18.97472  1.000 17.35262 ? 290 HIS A CB   1 
ATOM   917  C  CG   . HIS A 1 115 ? -9.27051  3.89399   20.14965  1.000 20.51396 ? 290 HIS A CG   1 
ATOM   918  N  ND1  . HIS A 1 115 ? -9.53645  4.55593   21.32960  1.000 18.43170 ? 290 HIS A ND1  1 
ATOM   919  C  CD2  . HIS A 1 115 ? -8.09588  3.25215   20.34225  1.000 25.44012 ? 290 HIS A CD2  1 
ATOM   920  C  CE1  . HIS A 1 115 ? -8.56850  4.32515   22.19879  1.000 24.82608 ? 290 HIS A CE1  1 
ATOM   921  N  NE2  . HIS A 1 115 ? -7.68118  3.53463   21.62298  1.000 25.90299 ? 290 HIS A NE2  1 
ATOM   922  N  N    . GLU A 1 116 ? -12.80844 3.80875   20.95148  1.000 16.90900 ? 291 GLU A N    1 
ATOM   923  C  CA   . GLU A 1 116 ? -13.98664 4.44335   21.50974  1.000 16.60752 ? 291 GLU A CA   1 
ATOM   924  C  C    . GLU A 1 116 ? -13.67432 5.02079   22.87628  1.000 19.21561 ? 291 GLU A C    1 
ATOM   925  O  O    . GLU A 1 116 ? -14.51698 5.02967   23.75530  1.000 16.14457 ? 291 GLU A O    1 
ATOM   926  C  CB   . GLU A 1 116 ? -15.13997 3.43872   21.55090  1.000 20.73082 ? 291 GLU A CB   1 
ATOM   927  C  CG   . GLU A 1 116 ? -14.81276 2.17659   22.33475  1.000 21.30330 ? 291 GLU A CG   1 
ATOM   928  C  CD   . GLU A 1 116 ? -16.03623 1.29764   22.57547  1.000 26.20337 ? 291 GLU A CD   1 
ATOM   929  O  OE1  . GLU A 1 116 ? -16.98022 1.78820   23.24343  1.000 25.87297 ? 291 GLU A OE1  1 
ATOM   930  O  OE2  . GLU A 1 116 ? -16.04202 0.13123   22.09618  1.000 17.07048 ? 291 GLU A OE2  1 
ATOM   931  O  OXT  . GLU A 1 116 ? -12.56481 5.53074   23.08138  1.000 18.10278 ? 291 GLU A OXT  1 
HETATM 932  C  CAO  . Y8X B 2 .   ? 12.45159  -6.49258  -8.07140  1.000 30.69459 ? 301 Y8X A CAO  1 
HETATM 933  C  CAL  . Y8X B 2 .   ? 10.29603  -5.50996  -8.53343  1.000 31.07590 ? 301 Y8X A CAL  1 
HETATM 934  C  CAG  . Y8X B 2 .   ? 6.41710   -5.13837  -6.83604  1.000 25.00814 ? 301 Y8X A CAG  1 
HETATM 935  C  CAE  . Y8X B 2 .   ? 7.36921   -2.93305  -6.92431  1.000 24.77289 ? 301 Y8X A CAE  1 
HETATM 936  C  CAF  . Y8X B 2 .   ? 6.27150   -3.74897  -6.64307  1.000 24.02698 ? 301 Y8X A CAF  1 
HETATM 937  C  CAP  . Y8X B 2 .   ? 11.49354  -6.06127  -8.97762  1.000 32.02071 ? 301 Y8X A CAP  1 
HETATM 938  C  CAR  . Y8X B 2 .   ? 11.73957  -6.17795  -10.32785 1.000 33.39251 ? 301 Y8X A CAR  1 
HETATM 939  C  CAI  . Y8X B 2 .   ? 8.86286   -4.83640  -6.67673  1.000 25.90580 ? 301 Y8X A CAI  1 
HETATM 940  C  CAK  . Y8X B 2 .   ? 10.05632  -5.39635  -7.16825  1.000 28.50161 ? 301 Y8X A CAK  1 
HETATM 941  C  CAA  . Y8X B 2 .   ? 5.06958   -3.13516  -6.24398  1.000 23.90523 ? 301 Y8X A CAA  1 
HETATM 942  C  CAB  . Y8X B 2 .   ? 4.97575   -1.75162  -6.11484  1.000 19.56207 ? 301 Y8X A CAB  1 
HETATM 943  C  CAC  . Y8X B 2 .   ? 6.08454   -0.95147  -6.39303  1.000 25.67506 ? 301 Y8X A CAC  1 
HETATM 944  C  CAD  . Y8X B 2 .   ? 7.27610   -1.54599  -6.79763  1.000 24.33678 ? 301 Y8X A CAD  1 
HETATM 945  C  CAM  . Y8X B 2 .   ? 11.02131  -5.82493  -6.25972  1.000 33.32576 ? 301 Y8X A CAM  1 
HETATM 946  C  CAN  . Y8X B 2 .   ? 12.22053  -6.37698  -6.70772  1.000 38.71918 ? 301 Y8X A CAN  1 
HETATM 947  N  NAH  . Y8X B 2 .   ? 8.57315   -3.52440  -7.31665  1.000 23.81558 ? 301 Y8X A NAH  1 
HETATM 948  N  NAJ  . Y8X B 2 .   ? 7.69554   -5.70915  -6.87601  1.000 21.12349 ? 301 Y8X A NAJ  1 
HETATM 949  O  OAQ  . Y8X B 2 .   ? 5.45101   -5.86299  -7.10668  1.000 22.08429 ? 301 Y8X A OAQ  1 
HETATM 950  CL CLAS . Y8X B 2 .   ? 3.64791   -4.05643  -5.84444  1.000 23.68901 ? 301 Y8X A CLAS 1 
HETATM 951  ZN ZN   . ZN  C 3 .   ? -11.09020 6.07040   21.75273  1.000 17.68086 ? 302 ZN  A ZN   1 
HETATM 952  ZN ZN   . ZN  D 3 .   ? -15.89209 -3.12233  12.97230  1.000 17.55600 ? 303 ZN  A ZN   1 
HETATM 953  O  O    . HOH E 4 .   ? 13.19663  -16.00045 -4.61286  1.000 44.17489 ? 401 HOH A O    1 
HETATM 954  O  O    . HOH E 4 .   ? -14.87363 3.70224   8.95702   1.000 38.50004 ? 402 HOH A O    1 
HETATM 955  O  O    . HOH E 4 .   ? -4.17500  7.36265   13.76890  1.000 36.80444 ? 403 HOH A O    1 
HETATM 956  O  O    . HOH E 4 .   ? 12.59265  -8.91133  -12.07007 1.000 30.24303 ? 404 HOH A O    1 
HETATM 957  O  O    . HOH E 4 .   ? -7.41834  -0.63790  -13.25968 1.000 46.05463 ? 405 HOH A O    1 
HETATM 958  O  O    . HOH E 4 .   ? 8.81742   -8.63192  -21.22893 1.000 24.05644 ? 406 HOH A O    1 
HETATM 959  O  O    . HOH E 4 .   ? -4.00339  -2.38644  18.76648  1.000 24.81997 ? 407 HOH A O    1 
HETATM 960  O  O    . HOH E 4 .   ? -3.25223  3.26276   15.96199  1.000 34.43533 ? 408 HOH A O    1 
HETATM 961  O  O    . HOH E 4 .   ? -1.94196  14.53495  -6.62047  1.000 30.43623 ? 409 HOH A O    1 
HETATM 962  O  O    . HOH E 4 .   ? 4.45135   7.55117   -1.06681  1.000 29.31302 ? 410 HOH A O    1 
HETATM 963  O  O    . HOH E 4 .   ? -18.66954 3.36090   22.06499  1.000 20.67344 ? 411 HOH A O    1 
HETATM 964  O  O    . HOH E 4 .   ? 14.31097  3.47308   -16.56040 1.000 20.48698 ? 412 HOH A O    1 
HETATM 965  O  O    . HOH E 4 .   ? -6.92543  16.69127  -0.95063  1.000 26.55010 ? 413 HOH A O    1 
HETATM 966  O  O    . HOH E 4 .   ? -5.39305  -6.90293  -11.21711 1.000 34.94894 ? 414 HOH A O    1 
HETATM 967  O  O    . HOH E 4 .   ? 4.27754   5.79053   -10.24280 1.000 31.50511 ? 415 HOH A O    1 
HETATM 968  O  O    . HOH E 4 .   ? 10.56230  -0.48657  -7.88198  1.000 38.62378 ? 416 HOH A O    1 
HETATM 969  O  O    . HOH E 4 .   ? -0.85315  0.29298   14.35955  1.000 30.44087 ? 417 HOH A O    1 
HETATM 970  O  O    . HOH E 4 .   ? 11.29470  -5.54404  0.15070   1.000 36.25745 ? 418 HOH A O    1 
HETATM 971  O  O    . HOH E 4 .   ? 2.74726   10.60832  -4.60900  1.000 26.64336 ? 419 HOH A O    1 
HETATM 972  O  O    . HOH E 4 .   ? 7.77483   1.16075   5.81196   1.000 25.53702 ? 420 HOH A O    1 
HETATM 973  O  O    . HOH E 4 .   ? 3.49412   1.49774   11.55562  1.000 24.78790 ? 421 HOH A O    1 
HETATM 974  O  O    . HOH E 4 .   ? -0.43073  -1.60365  16.52775  1.000 41.73128 ? 422 HOH A O    1 
HETATM 975  O  O    . HOH E 4 .   ? -16.72268 3.39210   25.38632  1.000 29.26109 ? 423 HOH A O    1 
HETATM 976  O  O    . HOH E 4 .   ? -11.14528 -2.16223  10.34825  1.000 25.99354 ? 424 HOH A O    1 
HETATM 977  O  O    . HOH E 4 .   ? -2.60789  -6.64535  -11.29787 1.000 22.31008 ? 425 HOH A O    1 
HETATM 978  O  O    . HOH E 4 .   ? -3.71574  12.72465  9.63355   1.000 31.63077 ? 426 HOH A O    1 
HETATM 979  O  O    . HOH E 4 .   ? -3.97637  -8.86441  -1.67901  1.000 17.29689 ? 427 HOH A O    1 
HETATM 980  O  O    . HOH E 4 .   ? 8.27407   -8.01417  6.50902   1.000 33.14793 ? 428 HOH A O    1 
HETATM 981  O  O    . HOH E 4 .   ? 12.60304  -1.50543  14.08114  1.000 48.64543 ? 429 HOH A O    1 
HETATM 982  O  O    . HOH E 4 .   ? -2.16663  -11.06733 -1.69275  1.000 25.18350 ? 430 HOH A O    1 
HETATM 983  O  O    . HOH E 4 .   ? -15.48703 6.09745   18.75120  1.000 21.09739 ? 431 HOH A O    1 
HETATM 984  O  O    . HOH E 4 .   ? -7.73624  9.21146   13.78491  1.000 41.20685 ? 432 HOH A O    1 
HETATM 985  O  O    . HOH E 4 .   ? -15.52393 4.28161   13.50414  1.000 36.16158 ? 433 HOH A O    1 
HETATM 986  O  O    . HOH E 4 .   ? -1.73674  7.41050   13.50212  1.000 39.65036 ? 434 HOH A O    1 
HETATM 987  O  O    . HOH E 4 .   ? 2.07647   -3.07617  -8.60644  1.000 19.94805 ? 435 HOH A O    1 
HETATM 988  O  O    . HOH E 4 .   ? -5.27693  2.81505   22.70214  1.000 44.98759 ? 436 HOH A O    1 
HETATM 989  O  O    . HOH E 4 .   ? -13.14605 5.41382   16.29527  1.000 26.63812 ? 437 HOH A O    1 
HETATM 990  O  O    . HOH E 4 .   ? -7.60899  -12.45711 -6.25586  1.000 36.86891 ? 438 HOH A O    1 
HETATM 991  O  O    . HOH E 4 .   ? -7.87418  -5.32750  -4.69937  1.000 16.80430 ? 439 HOH A O    1 
HETATM 992  O  O    . HOH E 4 .   ? -9.14161  10.24630  -1.67234  1.000 23.79509 ? 440 HOH A O    1 
HETATM 993  O  O    . HOH E 4 .   ? 9.39535   6.70873   6.41632   1.000 41.20243 ? 441 HOH A O    1 
HETATM 994  O  O    . HOH E 4 .   ? 0.74046   -3.78700  -17.25548 1.000 29.22269 ? 442 HOH A O    1 
HETATM 995  O  O    . HOH E 4 .   ? -9.04337  -6.98815  -2.72772  1.000 14.92097 ? 443 HOH A O    1 
HETATM 996  O  O    . HOH E 4 .   ? 10.90652  -2.03928  -6.30564  1.000 36.84235 ? 444 HOH A O    1 
HETATM 997  O  O    . HOH E 4 .   ? -8.41209  11.76481  0.47238   1.000 21.13641 ? 445 HOH A O    1 
HETATM 998  O  O    . HOH E 4 .   ? 17.98255  -6.65137  -11.93203 1.000 24.57905 ? 446 HOH A O    1 
HETATM 999  O  O    . HOH E 4 .   ? -8.39031  -5.45195  -9.16375  1.000 38.75535 ? 447 HOH A O    1 
HETATM 1000 O  O    . HOH E 4 .   ? 2.92668   9.40329   4.53459   1.000 37.40759 ? 448 HOH A O    1 
HETATM 1001 O  O    . HOH E 4 .   ? -12.54837 12.00539  -0.75738  1.000 24.02805 ? 449 HOH A O    1 
HETATM 1002 O  O    . HOH E 4 .   ? 10.73520  -2.87508  0.91906   1.000 31.01279 ? 450 HOH A O    1 
HETATM 1003 O  O    . HOH E 4 .   ? -8.09217  16.78454  5.51503   1.000 17.10206 ? 451 HOH A O    1 
HETATM 1004 O  O    . HOH E 4 .   ? -7.48736  -8.92341  1.00395   1.000 18.86015 ? 452 HOH A O    1 
HETATM 1005 O  O    . HOH E 4 .   ? -10.91938 13.07496  0.71261   1.000 24.53281 ? 453 HOH A O    1 
HETATM 1006 O  O    . HOH E 4 .   ? -1.55044  -13.54873 8.83294   1.000 41.58635 ? 454 HOH A O    1 
HETATM 1007 O  O    . HOH E 4 .   ? 0.10104   13.35602  3.61959   1.000 32.84582 ? 455 HOH A O    1 
HETATM 1008 O  O    . HOH E 4 .   ? 0.40344   10.10866  5.06103   1.000 26.04018 ? 456 HOH A O    1 
HETATM 1009 O  O    . HOH E 4 .   ? -10.27430 0.74242   -4.99149  1.000 28.18838 ? 457 HOH A O    1 
HETATM 1010 O  O    . HOH E 4 .   ? 5.38585   2.68389   -14.45226 1.000 33.84844 ? 458 HOH A O    1 
HETATM 1011 O  O    . HOH E 4 .   ? -0.40212  6.93896   11.47884  1.000 23.62586 ? 459 HOH A O    1 
HETATM 1012 O  O    . HOH E 4 .   ? -0.06836  -12.74608 -15.06398 1.000 39.04598 ? 460 HOH A O    1 
HETATM 1013 O  O    . HOH E 4 .   ? -9.20891  -3.71132  9.35815   1.000 13.78294 ? 461 HOH A O    1 
HETATM 1014 O  O    . HOH E 4 .   ? 5.99071   -5.03227  -21.25608 1.000 33.88782 ? 462 HOH A O    1 
HETATM 1015 O  O    . HOH E 4 .   ? 13.11003  0.31608   -11.68989 1.000 20.32942 ? 463 HOH A O    1 
HETATM 1016 O  O    . HOH E 4 .   ? -13.65700 7.32391   12.15979  1.000 46.15808 ? 464 HOH A O    1 
HETATM 1017 O  O    . HOH E 4 .   ? 13.98496  -7.32447  -16.30242 1.000 17.92719 ? 465 HOH A O    1 
HETATM 1018 O  O    . HOH E 4 .   ? 10.32650  4.81645   11.03379  1.000 36.61174 ? 466 HOH A O    1 
HETATM 1019 O  O    . HOH E 4 .   ? 10.45848  2.05857   -4.50389  1.000 27.84386 ? 467 HOH A O    1 
HETATM 1020 O  O    . HOH E 4 .   ? 9.23214   4.66396   2.29553   1.000 26.15155 ? 468 HOH A O    1 
HETATM 1021 O  O    . HOH E 4 .   ? -0.23374  -13.41927 6.35433   1.000 38.64722 ? 469 HOH A O    1 
HETATM 1022 O  O    . HOH E 4 .   ? 8.12306   3.81436   -12.61232 1.000 38.77912 ? 470 HOH A O    1 
HETATM 1023 O  O    . HOH E 4 .   ? 2.92225   -16.01964 -9.80680  1.000 37.78683 ? 471 HOH A O    1 
HETATM 1024 O  O    . HOH E 4 .   ? 11.72967  2.59250   -10.55267 1.000 30.44526 ? 472 HOH A O    1 
HETATM 1025 O  O    . HOH E 4 .   ? 8.99368   3.48159   -16.49173 1.000 28.83646 ? 473 HOH A O    1 
HETATM 1026 O  O    . HOH E 4 .   ? 13.91427  -3.13771  -22.60689 1.000 36.50146 ? 474 HOH A O    1 
HETATM 1027 O  O    . HOH E 4 .   ? -14.88437 2.05861   3.94900   1.000 19.34827 ? 475 HOH A O    1 
HETATM 1028 O  O    . HOH E 4 .   ? -11.42787 1.75146   22.49522  1.000 19.28395 ? 476 HOH A O    1 
HETATM 1029 O  O    . HOH E 4 .   ? -8.69617  -1.35903  -6.33665  1.000 23.95732 ? 477 HOH A O    1 
HETATM 1030 O  O    . HOH E 4 .   ? -0.84764  11.66019  0.61689   1.000 29.78352 ? 478 HOH A O    1 
HETATM 1031 O  O    . HOH E 4 .   ? 14.70088  -12.02485 -0.81791  1.000 43.90004 ? 479 HOH A O    1 
HETATM 1032 O  O    . HOH E 4 .   ? 11.02145  -12.02661 -15.21931 1.000 31.76987 ? 480 HOH A O    1 
HETATM 1033 O  O    . HOH E 4 .   ? -6.99170  17.96108  -4.62588  1.000 43.27923 ? 481 HOH A O    1 
HETATM 1034 O  O    . HOH E 4 .   ? -4.22249  -6.92743  10.16929  0.50  21.17618 ? 482 HOH A O    1 
HETATM 1035 O  O    . HOH E 4 .   ? -11.60780 4.50911   25.69138  1.000 20.65126 ? 483 HOH A O    1 
HETATM 1036 O  O    . HOH E 4 .   ? -14.54342 0.51609   6.24513   1.000 31.72313 ? 484 HOH A O    1 
HETATM 1037 O  O    . HOH E 4 .   ? 4.86477   -11.12624 6.30558   1.000 35.15408 ? 485 HOH A O    1 
HETATM 1038 O  O    . HOH E 4 .   ? -19.66392 15.14923  8.41241   1.000 45.88741 ? 486 HOH A O    1 
HETATM 1039 O  O    . HOH E 4 .   ? 12.35106  -10.47049 -5.13907  1.000 41.07037 ? 487 HOH A O    1 
HETATM 1040 O  O    . HOH E 4 .   ? 11.35007  -7.76182  -16.33396 1.000 31.48874 ? 488 HOH A O    1 
HETATM 1041 O  O    . HOH E 4 .   ? -15.18653 4.81481   4.54974   1.000 20.83902 ? 489 HOH A O    1 
HETATM 1042 O  O    . HOH E 4 .   ? -3.52643  1.07094   -10.26818 1.000 36.00099 ? 490 HOH A O    1 
HETATM 1043 O  O    . HOH E 4 .   ? -1.57918  -9.67722  -9.80034  1.000 34.84548 ? 491 HOH A O    1 
HETATM 1044 O  O    . HOH E 4 .   ? -9.04371  0.33569   18.65465  1.000 18.79663 ? 492 HOH A O    1 
HETATM 1045 O  O    . HOH E 4 .   ? -5.85435  15.32141  11.67584  1.000 33.14874 ? 493 HOH A O    1 
HETATM 1046 O  O    . HOH E 4 .   ? 16.54273  2.84774   -18.10284 1.000 18.95008 ? 494 HOH A O    1 
HETATM 1047 O  O    . HOH E 4 .   ? -13.55339 13.96709  -2.63960  1.000 35.36661 ? 495 HOH A O    1 
HETATM 1048 O  O    . HOH E 4 .   ? 15.26479  1.34907   4.97025   1.000 45.20429 ? 496 HOH A O    1 
HETATM 1049 O  O    . HOH E 4 .   ? 7.77609   -0.58383  13.03373  1.000 39.26391 ? 497 HOH A O    1 
HETATM 1050 O  O    . HOH E 4 .   ? 4.55483   -14.01213 4.10285   1.000 37.38054 ? 498 HOH A O    1 
HETATM 1051 O  O    . HOH E 4 .   ? -17.36121 14.07180  9.08378   1.000 38.04574 ? 499 HOH A O    1 
HETATM 1052 O  O    . HOH E 4 .   ? 12.96141  -20.01797 -8.67913  1.000 40.91966 ? 500 HOH A O    1 
HETATM 1053 O  O    . HOH E 4 .   ? -7.07752  -8.17193  -7.77077  1.000 28.68921 ? 501 HOH A O    1 
HETATM 1054 O  O    . HOH E 4 .   ? -11.86916 -4.09672  6.66600   1.000 27.14134 ? 502 HOH A O    1 
HETATM 1055 O  O    . HOH E 4 .   ? -14.57973 18.48322  3.67295   1.000 24.61286 ? 503 HOH A O    1 
HETATM 1056 O  O    . HOH E 4 .   ? 5.64926   4.80822   -12.88732 1.000 43.22610 ? 504 HOH A O    1 
HETATM 1057 O  O    . HOH E 4 .   ? 13.13334  -10.04551 -2.36683  1.000 40.29819 ? 505 HOH A O    1 
HETATM 1058 O  O    . HOH E 4 .   ? 4.22182   -9.37513  9.54477   1.000 44.53791 ? 506 HOH A O    1 
HETATM 1059 O  O    . HOH E 4 .   ? 4.58197   10.26174  -2.04142  1.000 32.34079 ? 507 HOH A O    1 
HETATM 1060 O  O    . HOH E 4 .   ? 5.36221   8.21689   1.23057   1.000 29.84608 ? 508 HOH A O    1 
HETATM 1061 O  O    . HOH E 4 .   ? -0.27097  -0.97771  12.44079  1.000 30.76335 ? 509 HOH A O    1 
HETATM 1062 O  O    . HOH E 4 .   ? -17.39922 5.90649   24.93670  1.000 30.32935 ? 510 HOH A O    1 
HETATM 1063 O  O    . HOH E 4 .   ? -13.65558 2.94735   26.14019  1.000 29.73786 ? 511 HOH A O    1 
HETATM 1064 O  O    . HOH E 4 .   ? -1.97009  -9.54330  -12.49637 1.000 33.35168 ? 512 HOH A O    1 
HETATM 1065 O  O    . HOH E 4 .   ? -10.65301 -0.24849  20.68098  1.000 16.76017 ? 513 HOH A O    1 
HETATM 1066 O  O    . HOH E 4 .   ? -10.59269 17.19936  1.64527   1.000 25.69415 ? 514 HOH A O    1 
HETATM 1067 O  O    . HOH E 4 .   ? 9.16777   6.89324   4.10048   1.000 40.04924 ? 515 HOH A O    1 
HETATM 1068 O  O    . HOH E 4 .   ? 13.41686  3.48013   2.46214   1.000 43.20301 ? 516 HOH A O    1 
HETATM 1069 O  O    . HOH E 4 .   ? 10.71745  -14.61983 -11.07631 1.000 37.36980 ? 517 HOH A O    1 
HETATM 1070 O  O    . HOH E 4 .   ? -15.51340 -4.92047  11.81829  1.000 8.58824  ? 518 HOH A O    1 
HETATM 1071 O  O    . HOH E 4 .   ? 12.87031  -11.11987 -13.72367 1.000 37.16023 ? 519 HOH A O    1 
HETATM 1072 O  O    . HOH E 4 .   ? 0.30888   3.93581   -11.93739 1.000 45.87679 ? 520 HOH A O    1 
HETATM 1073 O  O    . HOH E 4 .   ? -16.18007 -1.16757  11.75732  1.000 12.52262 ? 521 HOH A O    1 
HETATM 1074 O  O    . HOH E 4 .   ? -9.67111  -6.98049  -10.54963 1.000 41.47083 ? 522 HOH A O    1 
HETATM 1075 O  O    . HOH E 4 .   ? -6.13192  -7.42558  -5.38783  1.000 19.14718 ? 523 HOH A O    1 
HETATM 1076 O  O    . HOH E 4 .   ? -18.97680 6.60689   -1.03228  1.000 40.18728 ? 524 HOH A O    1 
HETATM 1077 O  O    . HOH E 4 .   ? -6.25068  -12.24242 -0.57352  1.000 29.47140 ? 525 HOH A O    1 
HETATM 1078 O  O    . HOH E 4 .   ? 0.90897   15.95842  2.53141   1.000 44.14670 ? 526 HOH A O    1 
HETATM 1079 O  O    . HOH E 4 .   ? 1.20707   12.72228  -3.47457  1.000 32.33136 ? 527 HOH A O    1 
HETATM 1080 O  O    . HOH E 4 .   ? -8.74160  12.34371  12.69180  1.000 47.16752 ? 528 HOH A O    1 
HETATM 1081 O  O    . HOH E 4 .   ? -16.94261 7.37670   22.30576  1.000 20.39575 ? 529 HOH A O    1 
HETATM 1082 O  O    . HOH E 4 .   ? -9.13740  -1.00825  -9.20681  1.000 43.31631 ? 530 HOH A O    1 
HETATM 1083 O  O    . HOH E 4 .   ? 2.07924   6.05815   12.16604  1.000 31.40015 ? 531 HOH A O    1 
HETATM 1084 O  O    . HOH E 4 .   ? 0.90732   12.23351  7.23449   1.000 43.13592 ? 532 HOH A O    1 
HETATM 1085 O  O    . HOH E 4 .   ? 13.87668  -6.44923  0.40302   1.000 42.26316 ? 533 HOH A O    1 
HETATM 1086 O  O    . HOH E 4 .   ? 3.94159   7.92217   12.70854  1.000 37.46959 ? 534 HOH A O    1 
HETATM 1087 O  O    . HOH E 4 .   ? -6.03749  -9.44604  -3.50180  1.000 19.43206 ? 535 HOH A O    1 
HETATM 1088 O  O    . HOH E 4 .   ? -1.11066  11.80596  9.18790   1.000 29.94429 ? 536 HOH A O    1 
HETATM 1089 O  O    . HOH E 4 .   ? -14.52033 7.68065   15.68744  1.000 33.19797 ? 537 HOH A O    1 
HETATM 1090 O  O    . HOH E 4 .   ? -18.40991 2.84714   0.78306   1.000 33.07464 ? 538 HOH A O    1 
HETATM 1091 O  O    . HOH E 4 .   ? -7.21515  -0.23209  22.93909  1.000 32.52231 ? 539 HOH A O    1 
HETATM 1092 O  O    . HOH E 4 .   ? 1.73633   12.93009  -0.63909  1.000 33.96313 ? 540 HOH A O    1 
HETATM 1093 O  O    . HOH E 4 .   ? -17.11509 11.24792  13.19931  1.000 44.32023 ? 541 HOH A O    1 
HETATM 1094 O  O    . HOH E 4 .   ? -5.73473  4.96821   16.64707  1.000 41.57370 ? 542 HOH A O    1 
HETATM 1095 O  O    . HOH E 4 .   ? 14.96819  3.57676   -13.88344 1.000 25.53865 ? 543 HOH A O    1 
HETATM 1096 O  O    . HOH E 4 .   ? 6.14044   1.55668   13.50432  1.000 40.94088 ? 544 HOH A O    1 
HETATM 1097 O  O    . HOH E 4 .   ? -12.40183 18.99549  1.26052   1.000 29.59937 ? 545 HOH A O    1 
HETATM 1098 O  O    . HOH E 4 .   ? -6.49738  -2.33363  -17.01581 1.000 42.26333 ? 546 HOH A O    1 
HETATM 1099 O  O    . HOH E 4 .   ? 1.41261   -11.71130 12.71450  1.000 38.84544 ? 547 HOH A O    1 
HETATM 1100 O  O    . HOH E 4 .   ? 11.74626  4.33990   1.18902   1.000 38.26133 ? 548 HOH A O    1 
HETATM 1101 O  O    . HOH E 4 .   ? -17.01562 2.56571   11.55650  1.000 41.72001 ? 549 HOH A O    1 
HETATM 1102 O  O    . HOH E 4 .   ? 12.64880  4.16906   -12.74480 1.000 30.45792 ? 550 HOH A O    1 
HETATM 1103 O  O    . HOH E 4 .   ? -9.89976  15.46128  -0.49449  1.000 28.82160 ? 551 HOH A O    1 
HETATM 1104 O  O    . HOH E 4 .   ? -2.66671  -12.75338 -3.67261  1.000 43.05668 ? 552 HOH A O    1 
HETATM 1105 O  O    . HOH E 4 .   ? -17.22614 1.27749   2.47207   1.000 37.20983 ? 553 HOH A O    1 
HETATM 1106 O  O    . HOH E 4 .   ? 16.99056  3.79898   -20.63390 1.000 33.40322 ? 554 HOH A O    1 
HETATM 1107 O  O    . HOH E 4 .   ? 10.22898  4.67350   -14.19780 1.000 35.86066 ? 555 HOH A O    1 
HETATM 1108 O  O    . HOH E 4 .   ? 12.95226  5.69612   -17.34469 1.000 35.31860 ? 556 HOH A O    1 
HETATM 1109 O  O    . HOH E 4 .   ? -20.59842 0.79508   25.57387  1.000 34.76563 ? 557 HOH A O    1 
HETATM 1110 O  O    . HOH E 4 .   ? 10.56869  6.80334   8.82358   1.000 47.79118 ? 558 HOH A O    1 
HETATM 1111 O  O    . HOH E 4 .   ? -11.48028 16.29136  -2.34333  1.000 38.75961 ? 559 HOH A O    1 
HETATM 1112 O  O    . HOH E 4 .   ? 0.62554   0.66926   -15.64297 1.000 42.25529 ? 560 HOH A O    1 
HETATM 1113 O  O    . HOH E 4 .   ? 1.03522   0.92315   12.75975  1.000 36.51009 ? 561 HOH A O    1 
HETATM 1114 O  O    . HOH E 4 .   ? -17.50830 12.34401  10.75260  1.000 50.11226 ? 562 HOH A O    1 
HETATM 1115 O  O    . HOH E 4 .   ? 4.17742   11.71824  -6.51765  1.000 43.81243 ? 563 HOH A O    1 
HETATM 1116 O  O    . HOH E 4 .   ? -0.45340  9.99148   11.17942  1.000 36.71127 ? 564 HOH A O    1 
HETATM 1117 O  O    . HOH E 4 .   ? 2.48718   3.74011   13.23223  1.000 34.13366 ? 565 HOH A O    1 
HETATM 1118 O  O    . HOH E 4 .   ? 0.29849   -1.18203  -17.61896 1.000 37.60863 ? 566 HOH A O    1 
HETATM 1119 O  O    . HOH E 4 .   ? 13.50295  -2.38613  -5.99550  1.000 42.70208 ? 567 HOH A O    1 
HETATM 1120 O  O    . HOH E 4 .   ? 8.60144   2.36102   -22.29017 1.000 45.05471 ? 568 HOH A O    1 
HETATM 1121 O  O    . HOH E 4 .   ? 4.53061   -0.77351  13.04024  1.000 42.88072 ? 569 HOH A O    1 
HETATM 1122 O  O    . HOH E 4 .   ? -18.60271 14.87140  11.48227  0.50  48.60696 ? 570 HOH A O    1 
# 
